data_6PVT
#
_entry.id   6PVT
#
_entity_poly.entity_id   1
_entity_poly.type   'polypeptide(L)'
_entity_poly.pdbx_seq_one_letter_code
;MFEPFQILSICSFILSALHFMAWTIGHLNQIKRGVNMKIRIKGPNKETINR
;
_entity_poly.pdbx_strand_id   A,B,C,D
#
# COMPACT_ATOMS: atom_id res chain seq x y z
N MET A 1 24.33 -7.33 -11.12
CA MET A 1 24.84 -6.97 -9.77
C MET A 1 24.84 -8.21 -8.88
N PHE A 2 25.59 -8.15 -7.79
CA PHE A 2 25.67 -9.28 -6.87
C PHE A 2 24.29 -9.59 -6.29
N GLU A 3 23.60 -8.56 -5.82
CA GLU A 3 22.28 -8.74 -5.25
C GLU A 3 21.24 -8.97 -6.34
N PRO A 4 20.11 -9.55 -5.99
CA PRO A 4 19.01 -9.81 -6.97
C PRO A 4 18.63 -8.56 -7.75
N PHE A 5 18.65 -7.42 -7.07
CA PHE A 5 18.30 -6.15 -7.71
C PHE A 5 18.82 -4.98 -6.89
N GLN A 6 18.20 -4.74 -5.74
CA GLN A 6 18.63 -3.64 -4.87
C GLN A 6 18.09 -3.86 -3.45
N ILE A 7 18.71 -3.20 -2.48
CA ILE A 7 18.30 -3.34 -1.09
C ILE A 7 16.85 -2.87 -0.91
N LEU A 8 16.51 -1.76 -1.56
CA LEU A 8 15.15 -1.21 -1.47
C LEU A 8 14.15 -2.12 -2.17
N SER A 9 14.60 -2.75 -3.25
CA SER A 9 13.74 -3.65 -4.01
C SER A 9 13.49 -4.95 -3.24
N ILE A 10 14.54 -5.49 -2.64
CA ILE A 10 14.43 -6.72 -1.87
C ILE A 10 13.55 -6.52 -0.64
N CYS A 11 13.78 -5.42 0.08
CA CYS A 11 13.01 -5.14 1.28
C CYS A 11 11.53 -5.00 0.94
N SER A 12 11.21 -4.17 -0.05
CA SER A 12 9.83 -3.97 -0.44
C SER A 12 9.19 -5.28 -0.88
N PHE A 13 9.97 -6.09 -1.58
CA PHE A 13 9.47 -7.39 -2.05
C PHE A 13 9.02 -8.26 -0.88
N ILE A 14 9.88 -8.40 0.12
CA ILE A 14 9.56 -9.21 1.28
C ILE A 14 8.42 -8.59 2.10
N LEU A 15 8.48 -7.28 2.25
CA LEU A 15 7.46 -6.54 3.00
C LEU A 15 6.10 -6.64 2.32
N SER A 16 6.12 -6.86 1.01
CA SER A 16 4.89 -6.99 0.26
C SER A 16 4.32 -8.39 0.37
N ALA A 17 5.19 -9.39 0.30
CA ALA A 17 4.76 -10.78 0.40
C ALA A 17 4.08 -11.02 1.75
N LEU A 18 4.74 -10.58 2.82
CA LEU A 18 4.18 -10.77 4.15
C LEU A 18 2.96 -9.91 4.33
N HIS A 19 3.03 -8.68 3.84
CA HIS A 19 1.92 -7.76 3.96
C HIS A 19 0.63 -8.38 3.45
N PHE A 20 0.70 -9.03 2.30
CA PHE A 20 -0.47 -9.67 1.74
C PHE A 20 -0.80 -10.97 2.46
N MET A 21 0.21 -11.60 3.05
CA MET A 21 -0.01 -12.85 3.76
C MET A 21 -0.78 -12.63 5.06
N ALA A 22 -0.21 -11.83 5.95
CA ALA A 22 -0.84 -11.55 7.23
C ALA A 22 -2.16 -10.80 7.03
N TRP A 23 -2.16 -9.85 6.11
CA TRP A 23 -3.37 -9.06 5.85
C TRP A 23 -4.49 -9.95 5.30
N THR A 24 -4.12 -10.92 4.47
CA THR A 24 -5.09 -11.85 3.90
C THR A 24 -5.69 -12.74 4.99
N ILE A 25 -4.84 -13.25 5.87
CA ILE A 25 -5.31 -14.12 6.94
C ILE A 25 -6.27 -13.37 7.85
N GLY A 26 -5.94 -12.13 8.18
CA GLY A 26 -6.78 -11.31 9.04
C GLY A 26 -8.15 -11.06 8.39
N HIS A 27 -8.13 -10.85 7.08
CA HIS A 27 -9.37 -10.61 6.34
C HIS A 27 -10.21 -11.88 6.26
N LEU A 28 -9.55 -13.02 6.08
CA LEU A 28 -10.24 -14.30 5.98
C LEU A 28 -10.89 -14.66 7.31
N ASN A 29 -12.09 -15.25 7.23
CA ASN A 29 -12.81 -15.64 8.44
C ASN A 29 -13.41 -17.03 8.27
N GLN A 30 -13.29 -17.86 9.29
CA GLN A 30 -13.84 -19.21 9.24
C GLN A 30 -15.16 -19.28 9.99
N ILE A 31 -16.19 -19.80 9.31
CA ILE A 31 -17.51 -19.92 9.93
C ILE A 31 -18.13 -21.27 9.58
N LYS A 32 -18.94 -21.79 10.51
CA LYS A 32 -19.59 -23.08 10.31
C LYS A 32 -21.09 -22.95 10.55
N ARG A 33 -21.86 -22.85 9.48
CA ARG A 33 -23.30 -22.73 9.59
C ARG A 33 -23.96 -24.11 9.62
N MET B 1 13.04 -0.59 -24.51
CA MET B 1 13.30 -1.99 -24.07
C MET B 1 12.19 -2.90 -24.58
N PHE B 2 12.47 -4.20 -24.62
CA PHE B 2 11.48 -5.16 -25.10
C PHE B 2 10.22 -5.11 -24.25
N GLU B 3 10.40 -5.15 -22.93
CA GLU B 3 9.26 -5.11 -22.02
C GLU B 3 8.69 -3.70 -21.92
N PRO B 4 7.46 -3.58 -21.49
CA PRO B 4 6.78 -2.25 -21.34
C PRO B 4 7.63 -1.27 -20.53
N PHE B 5 8.30 -1.78 -19.50
CA PHE B 5 9.14 -0.95 -18.65
C PHE B 5 10.13 -1.81 -17.87
N GLN B 6 9.62 -2.55 -16.89
CA GLN B 6 10.48 -3.41 -16.08
C GLN B 6 9.63 -4.47 -15.39
N ILE B 7 10.28 -5.55 -14.95
CA ILE B 7 9.58 -6.63 -14.27
C ILE B 7 8.93 -6.13 -12.99
N LEU B 8 9.67 -5.30 -12.24
CA LEU B 8 9.16 -4.74 -10.99
C LEU B 8 8.01 -3.77 -11.24
N SER B 9 8.12 -3.05 -12.35
CA SER B 9 7.09 -2.08 -12.71
C SER B 9 5.81 -2.78 -13.17
N ILE B 10 5.96 -3.82 -13.97
CA ILE B 10 4.81 -4.57 -14.47
C ILE B 10 4.09 -5.27 -13.33
N CYS B 11 4.86 -5.92 -12.46
CA CYS B 11 4.27 -6.64 -11.34
C CYS B 11 3.48 -5.69 -10.44
N SER B 12 4.12 -4.59 -10.04
CA SER B 12 3.46 -3.62 -9.17
C SER B 12 2.21 -3.08 -9.84
N PHE B 13 2.29 -2.86 -11.14
CA PHE B 13 1.15 -2.34 -11.90
C PHE B 13 -0.05 -3.27 -11.79
N ILE B 14 0.17 -4.56 -12.04
CA ILE B 14 -0.91 -5.54 -11.97
C ILE B 14 -1.39 -5.71 -10.53
N LEU B 15 -0.45 -5.75 -9.60
CA LEU B 15 -0.75 -5.93 -8.19
C LEU B 15 -1.55 -4.74 -7.67
N SER B 16 -1.39 -3.59 -8.31
CA SER B 16 -2.10 -2.40 -7.89
C SER B 16 -3.51 -2.39 -8.46
N ALA B 17 -3.64 -2.78 -9.73
CA ALA B 17 -4.94 -2.80 -10.37
C ALA B 17 -5.89 -3.75 -9.62
N LEU B 18 -5.41 -4.95 -9.34
CA LEU B 18 -6.21 -5.93 -8.62
C LEU B 18 -6.43 -5.48 -7.19
N HIS B 19 -5.38 -4.96 -6.58
CA HIS B 19 -5.48 -4.52 -5.20
C HIS B 19 -6.64 -3.56 -5.02
N PHE B 20 -6.79 -2.61 -5.93
CA PHE B 20 -7.87 -1.66 -5.84
C PHE B 20 -9.20 -2.28 -6.27
N MET B 21 -9.14 -3.29 -7.11
CA MET B 21 -10.35 -3.96 -7.57
C MET B 21 -11.01 -4.77 -6.46
N ALA B 22 -10.26 -5.74 -5.94
CA ALA B 22 -10.78 -6.60 -4.87
C ALA B 22 -11.05 -5.78 -3.61
N TRP B 23 -10.14 -4.87 -3.29
CA TRP B 23 -10.30 -4.04 -2.10
C TRP B 23 -11.54 -3.16 -2.21
N THR B 24 -11.79 -2.65 -3.42
CA THR B 24 -12.96 -1.81 -3.64
C THR B 24 -14.25 -2.60 -3.49
N ILE B 25 -14.28 -3.81 -4.05
CA ILE B 25 -15.47 -4.65 -3.96
C ILE B 25 -15.78 -4.98 -2.50
N GLY B 26 -14.75 -5.30 -1.74
CA GLY B 26 -14.91 -5.63 -0.33
C GLY B 26 -15.47 -4.45 0.44
N HIS B 27 -14.98 -3.25 0.11
CA HIS B 27 -15.45 -2.04 0.78
C HIS B 27 -16.89 -1.73 0.39
N LEU B 28 -17.22 -1.93 -0.87
CA LEU B 28 -18.57 -1.67 -1.36
C LEU B 28 -19.58 -2.62 -0.70
N ASN B 29 -20.76 -2.09 -0.39
CA ASN B 29 -21.80 -2.90 0.24
C ASN B 29 -23.16 -2.60 -0.40
N GLN B 30 -23.92 -3.65 -0.67
CA GLN B 30 -25.25 -3.49 -1.28
C GLN B 30 -26.33 -3.59 -0.22
N ILE B 31 -27.21 -2.60 -0.18
CA ILE B 31 -28.30 -2.59 0.79
C ILE B 31 -29.60 -2.14 0.12
N LYS B 32 -30.72 -2.67 0.61
CA LYS B 32 -32.03 -2.32 0.06
C LYS B 32 -32.97 -1.88 1.17
N ARG B 33 -33.14 -0.58 1.33
CA ARG B 33 -34.02 -0.04 2.36
C ARG B 33 -35.44 0.09 1.83
N MET C 1 14.16 17.42 -16.57
CA MET C 1 13.18 16.96 -17.58
C MET C 1 11.96 17.89 -17.57
N PHE C 2 11.19 17.85 -18.65
CA PHE C 2 10.01 18.70 -18.77
C PHE C 2 9.03 18.40 -17.63
N GLU C 3 8.74 17.12 -17.43
CA GLU C 3 7.82 16.71 -16.40
C GLU C 3 8.46 16.80 -15.01
N PRO C 4 7.67 16.88 -13.97
CA PRO C 4 8.19 16.97 -12.58
C PRO C 4 9.20 15.87 -12.27
N PHE C 5 8.95 14.68 -12.80
CA PHE C 5 9.84 13.54 -12.59
C PHE C 5 9.61 12.46 -13.64
N GLN C 6 8.46 11.79 -13.54
CA GLN C 6 8.14 10.73 -14.49
C GLN C 6 6.64 10.44 -14.45
N ILE C 7 6.13 9.82 -15.50
CA ILE C 7 4.71 9.50 -15.57
C ILE C 7 4.32 8.55 -14.44
N LEU C 8 5.16 7.56 -14.19
CA LEU C 8 4.90 6.58 -13.14
C LEU C 8 4.98 7.23 -11.76
N SER C 9 5.90 8.19 -11.62
CA SER C 9 6.08 8.90 -10.37
C SER C 9 4.90 9.82 -10.08
N ILE C 10 4.46 10.54 -11.11
CA ILE C 10 3.33 11.47 -10.97
C ILE C 10 2.05 10.72 -10.65
N CYS C 11 1.81 9.63 -11.37
CA CYS C 11 0.60 8.84 -11.16
C CYS C 11 0.56 8.30 -9.73
N SER C 12 1.65 7.64 -9.33
CA SER C 12 1.71 7.08 -7.98
C SER C 12 1.52 8.17 -6.94
N PHE C 13 2.10 9.33 -7.19
CA PHE C 13 1.99 10.44 -6.25
C PHE C 13 0.53 10.83 -6.03
N ILE C 14 -0.20 11.02 -7.13
CA ILE C 14 -1.61 11.40 -7.03
C ILE C 14 -2.44 10.26 -6.43
N LEU C 15 -2.15 9.05 -6.87
CA LEU C 15 -2.88 7.88 -6.41
C LEU C 15 -2.64 7.66 -4.90
N SER C 16 -1.51 8.15 -4.41
CA SER C 16 -1.19 8.01 -3.01
C SER C 16 -1.89 9.08 -2.18
N ALA C 17 -1.90 10.31 -2.69
CA ALA C 17 -2.55 11.40 -1.98
C ALA C 17 -4.04 11.10 -1.79
N LEU C 18 -4.69 10.70 -2.85
CA LEU C 18 -6.11 10.38 -2.77
C LEU C 18 -6.33 9.13 -1.94
N HIS C 19 -5.47 8.15 -2.14
CA HIS C 19 -5.59 6.90 -1.40
C HIS C 19 -5.66 7.15 0.08
N PHE C 20 -4.80 8.01 0.59
CA PHE C 20 -4.79 8.32 2.00
C PHE C 20 -5.94 9.25 2.37
N MET C 21 -6.41 10.03 1.41
CA MET C 21 -7.52 10.95 1.68
C MET C 21 -8.84 10.19 1.87
N ALA C 22 -9.24 9.46 0.84
CA ALA C 22 -10.49 8.70 0.90
C ALA C 22 -10.42 7.62 1.97
N TRP C 23 -9.28 6.95 2.06
CA TRP C 23 -9.09 5.89 3.04
C TRP C 23 -9.18 6.45 4.46
N THR C 24 -8.61 7.63 4.66
CA THR C 24 -8.66 8.28 5.98
C THR C 24 -10.09 8.65 6.36
N ILE C 25 -10.83 9.22 5.42
CA ILE C 25 -12.20 9.62 5.68
C ILE C 25 -13.05 8.41 6.06
N GLY C 26 -12.87 7.31 5.32
CA GLY C 26 -13.61 6.09 5.59
C GLY C 26 -13.30 5.55 6.99
N HIS C 27 -12.03 5.63 7.38
CA HIS C 27 -11.61 5.17 8.69
C HIS C 27 -12.17 6.07 9.79
N LEU C 28 -12.17 7.37 9.54
CA LEU C 28 -12.67 8.33 10.52
C LEU C 28 -14.17 8.14 10.75
N ASN C 29 -14.60 8.30 11.99
CA ASN C 29 -16.01 8.15 12.32
C ASN C 29 -16.45 9.25 13.28
N GLN C 30 -17.61 9.82 13.02
CA GLN C 30 -18.14 10.88 13.87
C GLN C 30 -19.19 10.34 14.84
N ILE C 31 -19.01 10.61 16.12
CA ILE C 31 -19.96 10.14 17.13
C ILE C 31 -20.24 11.24 18.15
N LYS C 32 -21.46 11.25 18.67
CA LYS C 32 -21.85 12.24 19.67
C LYS C 32 -22.43 11.57 20.90
N ARG C 33 -21.61 11.46 21.94
CA ARG C 33 -22.05 10.83 23.19
C ARG C 33 -22.69 11.87 24.10
N MET D 1 25.91 9.89 -2.87
CA MET D 1 25.15 11.17 -2.97
C MET D 1 25.01 11.78 -1.59
N PHE D 2 24.72 13.08 -1.55
CA PHE D 2 24.56 13.78 -0.28
C PHE D 2 23.44 13.16 0.54
N GLU D 3 22.29 12.95 -0.09
CA GLU D 3 21.15 12.37 0.59
C GLU D 3 21.34 10.87 0.79
N PRO D 4 20.63 10.28 1.72
CA PRO D 4 20.72 8.82 2.00
C PRO D 4 20.54 7.98 0.73
N PHE D 5 19.65 8.44 -0.14
CA PHE D 5 19.38 7.73 -1.39
C PHE D 5 18.69 8.66 -2.39
N GLN D 6 17.42 8.98 -2.13
CA GLN D 6 16.67 9.85 -3.01
C GLN D 6 15.47 10.42 -2.27
N ILE D 7 14.92 11.52 -2.79
CA ILE D 7 13.75 12.14 -2.17
C ILE D 7 12.57 11.20 -2.16
N LEU D 8 12.37 10.49 -3.27
CA LEU D 8 11.25 9.54 -3.38
C LEU D 8 11.47 8.35 -2.46
N SER D 9 12.72 7.95 -2.30
CA SER D 9 13.07 6.83 -1.44
C SER D 9 12.88 7.19 0.03
N ILE D 10 13.33 8.37 0.40
CA ILE D 10 13.21 8.82 1.79
C ILE D 10 11.76 9.00 2.18
N CYS D 11 10.98 9.64 1.31
CA CYS D 11 9.56 9.87 1.58
C CYS D 11 8.84 8.55 1.76
N SER D 12 8.99 7.64 0.82
CA SER D 12 8.32 6.35 0.90
C SER D 12 8.74 5.61 2.16
N PHE D 13 10.01 5.73 2.51
CA PHE D 13 10.52 5.06 3.70
C PHE D 13 9.79 5.54 4.95
N ILE D 14 9.68 6.84 5.12
CA ILE D 14 9.00 7.41 6.28
C ILE D 14 7.50 7.10 6.24
N LEU D 15 6.92 7.23 5.05
CA LEU D 15 5.50 6.98 4.86
C LEU D 15 5.17 5.52 5.14
N SER D 16 6.15 4.65 4.97
CA SER D 16 5.95 3.23 5.21
C SER D 16 6.06 2.91 6.71
N ALA D 17 7.04 3.52 7.37
CA ALA D 17 7.24 3.30 8.78
C ALA D 17 6.00 3.71 9.57
N LEU D 18 5.50 4.91 9.28
CA LEU D 18 4.31 5.40 9.96
C LEU D 18 3.10 4.61 9.55
N HIS D 19 3.01 4.31 8.27
CA HIS D 19 1.88 3.56 7.75
C HIS D 19 1.67 2.28 8.54
N PHE D 20 2.75 1.57 8.80
CA PHE D 20 2.66 0.33 9.55
C PHE D 20 2.47 0.59 11.04
N MET D 21 2.93 1.74 11.51
CA MET D 21 2.79 2.09 12.91
C MET D 21 1.34 2.39 13.28
N ALA D 22 0.78 3.40 12.63
CA ALA D 22 -0.60 3.79 12.89
C ALA D 22 -1.57 2.67 12.51
N TRP D 23 -1.32 2.03 11.38
CA TRP D 23 -2.17 0.95 10.91
C TRP D 23 -2.15 -0.22 11.89
N THR D 24 -0.97 -0.49 12.45
CA THR D 24 -0.84 -1.58 13.41
C THR D 24 -1.60 -1.27 14.70
N ILE D 25 -1.49 -0.04 15.18
CA ILE D 25 -2.17 0.35 16.40
C ILE D 25 -3.68 0.23 16.23
N GLY D 26 -4.18 0.68 15.07
CA GLY D 26 -5.60 0.63 14.79
C GLY D 26 -6.09 -0.82 14.76
N HIS D 27 -5.28 -1.70 14.19
CA HIS D 27 -5.62 -3.12 14.11
C HIS D 27 -5.60 -3.77 15.48
N LEU D 28 -4.63 -3.38 16.30
CA LEU D 28 -4.50 -3.93 17.64
C LEU D 28 -5.67 -3.51 18.52
N ASN D 29 -6.13 -4.43 19.36
CA ASN D 29 -7.25 -4.14 20.25
C ASN D 29 -6.97 -4.69 21.65
N GLN D 30 -7.27 -3.90 22.66
CA GLN D 30 -7.06 -4.31 24.05
C GLN D 30 -8.36 -4.78 24.68
N ILE D 31 -8.33 -5.99 25.25
CA ILE D 31 -9.52 -6.54 25.89
C ILE D 31 -9.16 -7.21 27.21
N LYS D 32 -10.08 -7.14 28.16
CA LYS D 32 -9.85 -7.75 29.48
C LYS D 32 -10.99 -8.70 29.83
N ARG D 33 -10.76 -10.00 29.64
CA ARG D 33 -11.78 -10.99 29.96
C ARG D 33 -11.68 -11.42 31.42
N MET A 1 24.46 -15.48 -8.50
CA MET A 1 25.34 -14.38 -8.03
C MET A 1 24.68 -13.03 -8.34
N PHE A 2 23.79 -13.03 -9.33
CA PHE A 2 23.10 -11.80 -9.72
C PHE A 2 21.71 -11.75 -9.10
N GLU A 3 21.47 -10.73 -8.29
CA GLU A 3 20.17 -10.59 -7.63
C GLU A 3 19.12 -10.10 -8.62
N PRO A 4 17.87 -10.34 -8.34
CA PRO A 4 16.75 -9.91 -9.24
C PRO A 4 16.85 -8.43 -9.63
N PHE A 5 17.19 -7.59 -8.65
CA PHE A 5 17.32 -6.17 -8.90
C PHE A 5 18.23 -5.52 -7.85
N GLN A 6 17.83 -5.65 -6.58
CA GLN A 6 18.61 -5.09 -5.49
C GLN A 6 18.04 -5.53 -4.14
N ILE A 7 18.78 -5.25 -3.08
CA ILE A 7 18.34 -5.63 -1.75
C ILE A 7 16.99 -4.99 -1.41
N LEU A 8 16.82 -3.74 -1.83
CA LEU A 8 15.58 -3.03 -1.58
C LEU A 8 14.40 -3.73 -2.29
N SER A 9 14.70 -4.33 -3.44
CA SER A 9 13.68 -5.05 -4.20
C SER A 9 13.34 -6.37 -3.54
N ILE A 10 14.36 -7.04 -3.01
CA ILE A 10 14.15 -8.33 -2.35
C ILE A 10 13.28 -8.17 -1.13
N CYS A 11 13.59 -7.17 -0.30
CA CYS A 11 12.82 -6.93 0.91
C CYS A 11 11.38 -6.59 0.55
N SER A 12 11.20 -5.64 -0.35
CA SER A 12 9.87 -5.23 -0.77
C SER A 12 9.08 -6.44 -1.26
N PHE A 13 9.75 -7.30 -2.01
CA PHE A 13 9.10 -8.50 -2.54
C PHE A 13 8.55 -9.36 -1.40
N ILE A 14 9.39 -9.61 -0.39
CA ILE A 14 8.98 -10.42 0.74
C ILE A 14 7.84 -9.75 1.51
N LEU A 15 7.98 -8.44 1.71
CA LEU A 15 6.96 -7.67 2.43
C LEU A 15 5.65 -7.70 1.67
N SER A 16 5.73 -7.85 0.35
CA SER A 16 4.54 -7.91 -0.48
C SER A 16 3.82 -9.24 -0.31
N ALA A 17 4.59 -10.33 -0.34
CA ALA A 17 4.01 -11.65 -0.21
C ALA A 17 3.25 -11.77 1.10
N LEU A 18 3.91 -11.40 2.20
CA LEU A 18 3.28 -11.47 3.51
C LEU A 18 2.14 -10.46 3.58
N HIS A 19 2.37 -9.28 3.02
CA HIS A 19 1.37 -8.23 3.03
C HIS A 19 0.02 -8.74 2.58
N PHE A 20 -0.01 -9.37 1.40
CA PHE A 20 -1.26 -9.89 0.87
C PHE A 20 -1.68 -11.16 1.60
N MET A 21 -0.73 -11.82 2.22
CA MET A 21 -1.04 -13.04 2.96
C MET A 21 -1.83 -12.75 4.23
N ALA A 22 -1.22 -12.00 5.13
CA ALA A 22 -1.86 -11.64 6.39
C ALA A 22 -3.08 -10.76 6.15
N TRP A 23 -2.97 -9.81 5.22
CA TRP A 23 -4.07 -8.91 4.92
C TRP A 23 -5.27 -9.68 4.39
N THR A 24 -5.02 -10.65 3.51
CA THR A 24 -6.09 -11.46 2.96
C THR A 24 -6.78 -12.28 4.05
N ILE A 25 -5.98 -12.87 4.93
CA ILE A 25 -6.52 -13.69 6.00
C ILE A 25 -7.40 -12.83 6.91
N GLY A 26 -6.92 -11.65 7.27
CA GLY A 26 -7.68 -10.75 8.13
C GLY A 26 -9.01 -10.38 7.48
N HIS A 27 -8.97 -10.08 6.19
CA HIS A 27 -10.17 -9.72 5.46
C HIS A 27 -11.22 -10.82 5.59
N LEU A 28 -10.78 -12.06 5.47
CA LEU A 28 -11.69 -13.20 5.58
C LEU A 28 -11.89 -13.59 7.04
N ASN A 29 -13.12 -13.90 7.41
CA ASN A 29 -13.42 -14.30 8.79
C ASN A 29 -13.03 -15.77 9.01
N GLN A 30 -12.09 -15.99 9.92
CA GLN A 30 -11.65 -17.35 10.21
C GLN A 30 -12.03 -17.73 11.65
N ILE A 31 -12.80 -18.80 11.77
CA ILE A 31 -13.23 -19.27 13.09
C ILE A 31 -12.73 -20.68 13.34
N LYS A 32 -11.97 -20.85 14.42
CA LYS A 32 -11.44 -22.17 14.77
C LYS A 32 -12.22 -22.76 15.94
N ARG A 33 -12.83 -23.91 15.70
CA ARG A 33 -13.60 -24.58 16.75
C ARG A 33 -12.82 -25.76 17.32
N MET B 1 6.40 -2.54 -29.34
CA MET B 1 7.63 -3.32 -29.03
C MET B 1 8.28 -2.76 -27.77
N PHE B 2 8.00 -1.49 -27.46
CA PHE B 2 8.56 -0.86 -26.28
C PHE B 2 7.55 -0.87 -25.14
N GLU B 3 7.92 -1.52 -24.04
CA GLU B 3 7.04 -1.59 -22.88
C GLU B 3 7.00 -0.26 -22.14
N PRO B 4 5.97 -0.02 -21.39
CA PRO B 4 5.82 1.25 -20.61
C PRO B 4 7.06 1.58 -19.79
N PHE B 5 7.62 0.55 -19.15
CA PHE B 5 8.82 0.73 -18.33
C PHE B 5 9.56 -0.59 -18.18
N GLN B 6 8.89 -1.59 -17.63
CA GLN B 6 9.49 -2.91 -17.44
C GLN B 6 8.44 -3.91 -16.97
N ILE B 7 8.83 -5.18 -16.95
CA ILE B 7 7.91 -6.23 -16.53
C ILE B 7 7.44 -5.99 -15.10
N LEU B 8 8.35 -5.53 -14.25
CA LEU B 8 8.02 -5.25 -12.85
C LEU B 8 6.98 -4.15 -12.76
N SER B 9 7.03 -3.22 -13.71
CA SER B 9 6.07 -2.12 -13.74
C SER B 9 4.71 -2.58 -14.24
N ILE B 10 4.71 -3.47 -15.22
CA ILE B 10 3.47 -4.00 -15.77
C ILE B 10 2.70 -4.79 -14.70
N CYS B 11 3.40 -5.66 -13.99
CA CYS B 11 2.77 -6.46 -12.95
C CYS B 11 2.21 -5.55 -11.87
N SER B 12 3.04 -4.65 -11.36
CA SER B 12 2.61 -3.73 -10.31
C SER B 12 1.37 -2.96 -10.76
N PHE B 13 1.36 -2.55 -12.02
CA PHE B 13 0.23 -1.82 -12.56
C PHE B 13 -1.06 -2.64 -12.46
N ILE B 14 -0.99 -3.90 -12.88
CA ILE B 14 -2.14 -4.78 -12.82
C ILE B 14 -2.57 -5.03 -11.38
N LEU B 15 -1.59 -5.26 -10.52
CA LEU B 15 -1.86 -5.50 -9.11
C LEU B 15 -2.50 -4.29 -8.47
N SER B 16 -2.20 -3.11 -9.03
CA SER B 16 -2.76 -1.87 -8.51
C SER B 16 -4.23 -1.75 -8.90
N ALA B 17 -4.54 -2.04 -10.16
CA ALA B 17 -5.90 -1.93 -10.64
C ALA B 17 -6.83 -2.83 -9.82
N LEU B 18 -6.45 -4.09 -9.70
CA LEU B 18 -7.25 -5.04 -8.93
C LEU B 18 -7.23 -4.65 -7.45
N HIS B 19 -6.08 -4.21 -6.97
CA HIS B 19 -5.94 -3.82 -5.58
C HIS B 19 -7.03 -2.86 -5.16
N PHE B 20 -7.20 -1.78 -5.91
CA PHE B 20 -8.22 -0.79 -5.60
C PHE B 20 -9.61 -1.30 -5.97
N MET B 21 -9.66 -2.26 -6.88
CA MET B 21 -10.95 -2.81 -7.29
C MET B 21 -11.58 -3.66 -6.18
N ALA B 22 -10.89 -4.73 -5.81
CA ALA B 22 -11.38 -5.62 -4.77
C ALA B 22 -11.44 -4.90 -3.42
N TRP B 23 -10.42 -4.09 -3.12
CA TRP B 23 -10.37 -3.37 -1.87
C TRP B 23 -11.54 -2.42 -1.75
N THR B 24 -11.85 -1.72 -2.83
CA THR B 24 -12.97 -0.78 -2.83
C THR B 24 -14.29 -1.51 -2.62
N ILE B 25 -14.46 -2.63 -3.30
CA ILE B 25 -15.68 -3.41 -3.17
C ILE B 25 -15.86 -3.88 -1.73
N GLY B 26 -14.79 -4.40 -1.15
CA GLY B 26 -14.85 -4.88 0.24
C GLY B 26 -15.24 -3.76 1.18
N HIS B 27 -14.65 -2.59 0.97
CA HIS B 27 -14.94 -1.43 1.82
C HIS B 27 -16.44 -1.14 1.80
N LEU B 28 -17.04 -1.21 0.61
CA LEU B 28 -18.47 -0.95 0.49
C LEU B 28 -19.27 -2.21 0.77
N ASN B 29 -20.38 -2.06 1.50
CA ASN B 29 -21.23 -3.20 1.83
C ASN B 29 -22.11 -3.56 0.63
N GLN B 30 -21.93 -4.78 0.12
CA GLN B 30 -22.72 -5.24 -1.01
C GLN B 30 -23.62 -6.39 -0.60
N ILE B 31 -24.93 -6.21 -0.78
CA ILE B 31 -25.89 -7.24 -0.42
C ILE B 31 -26.69 -7.68 -1.66
N LYS B 32 -26.62 -8.98 -1.96
CA LYS B 32 -27.34 -9.51 -3.11
C LYS B 32 -28.57 -10.28 -2.65
N ARG B 33 -29.73 -9.83 -3.10
CA ARG B 33 -31.00 -10.48 -2.75
C ARG B 33 -31.52 -11.32 -3.90
N MET C 1 9.37 23.87 -15.72
CA MET C 1 9.54 23.02 -16.92
C MET C 1 10.07 21.65 -16.51
N PHE C 2 10.73 21.59 -15.35
CA PHE C 2 11.28 20.34 -14.86
C PHE C 2 10.35 19.72 -13.82
N GLU C 3 9.87 18.51 -14.11
CA GLU C 3 8.98 17.83 -13.20
C GLU C 3 9.74 17.28 -12.00
N PRO C 4 9.07 17.04 -10.91
CA PRO C 4 9.70 16.50 -9.67
C PRO C 4 10.57 15.27 -9.94
N PHE C 5 10.05 14.37 -10.77
CA PHE C 5 10.77 13.16 -11.13
C PHE C 5 10.27 12.59 -12.46
N GLN C 6 8.97 12.30 -12.52
CA GLN C 6 8.38 11.77 -13.74
C GLN C 6 6.86 11.68 -13.60
N ILE C 7 6.19 11.41 -14.71
CA ILE C 7 4.73 11.31 -14.70
C ILE C 7 4.28 10.23 -13.73
N LEU C 8 5.01 9.12 -13.70
CA LEU C 8 4.68 8.01 -12.80
C LEU C 8 4.75 8.46 -11.35
N SER C 9 5.68 9.37 -11.07
CA SER C 9 5.86 9.88 -9.71
C SER C 9 4.75 10.86 -9.35
N ILE C 10 4.33 11.67 -10.31
CA ILE C 10 3.26 12.64 -10.08
C ILE C 10 1.96 11.93 -9.75
N CYS C 11 1.62 10.91 -10.55
CA CYS C 11 0.39 10.16 -10.33
C CYS C 11 0.43 9.49 -8.96
N SER C 12 1.52 8.77 -8.69
CA SER C 12 1.65 8.07 -7.43
C SER C 12 1.50 9.05 -6.27
N PHE C 13 2.08 10.23 -6.42
CA PHE C 13 1.99 11.25 -5.39
C PHE C 13 0.54 11.61 -5.10
N ILE C 14 -0.22 11.87 -6.16
CA ILE C 14 -1.63 12.23 -6.01
C ILE C 14 -2.42 11.07 -5.39
N LEU C 15 -2.14 9.86 -5.88
CA LEU C 15 -2.82 8.67 -5.38
C LEU C 15 -2.51 8.47 -3.90
N SER C 16 -1.34 8.93 -3.48
CA SER C 16 -0.94 8.80 -2.10
C SER C 16 -1.71 9.77 -1.22
N ALA C 17 -1.82 11.02 -1.66
CA ALA C 17 -2.53 12.04 -0.89
C ALA C 17 -3.97 11.59 -0.64
N LEU C 18 -4.66 11.21 -1.71
CA LEU C 18 -6.05 10.77 -1.58
C LEU C 18 -6.09 9.47 -0.79
N HIS C 19 -5.14 8.58 -1.06
CA HIS C 19 -5.09 7.30 -0.38
C HIS C 19 -5.20 7.45 1.12
N PHE C 20 -4.36 8.29 1.70
CA PHE C 20 -4.38 8.51 3.14
C PHE C 20 -5.58 9.37 3.54
N MET C 21 -6.10 10.14 2.60
CA MET C 21 -7.24 11.00 2.89
C MET C 21 -8.51 10.18 3.09
N ALA C 22 -8.92 9.47 2.05
CA ALA C 22 -10.12 8.65 2.12
C ALA C 22 -9.96 7.51 3.12
N TRP C 23 -8.78 6.90 3.14
CA TRP C 23 -8.52 5.79 4.05
C TRP C 23 -8.62 6.25 5.50
N THR C 24 -8.06 7.43 5.78
CA THR C 24 -8.12 7.97 7.14
C THR C 24 -9.56 8.25 7.56
N ILE C 25 -10.32 8.84 6.65
CA ILE C 25 -11.70 9.17 6.93
C ILE C 25 -12.50 7.90 7.24
N GLY C 26 -12.30 6.87 6.40
CA GLY C 26 -13.01 5.62 6.59
C GLY C 26 -12.67 5.01 7.95
N HIS C 27 -11.39 5.04 8.30
CA HIS C 27 -10.95 4.51 9.58
C HIS C 27 -11.71 5.16 10.73
N LEU C 28 -11.87 6.47 10.64
CA LEU C 28 -12.59 7.20 11.68
C LEU C 28 -14.10 7.17 11.42
N ASN C 29 -14.88 6.98 12.49
CA ASN C 29 -16.33 6.94 12.36
C ASN C 29 -16.89 8.35 12.25
N GLN C 30 -17.53 8.64 11.12
CA GLN C 30 -18.11 9.97 10.91
C GLN C 30 -19.64 9.87 10.83
N ILE C 31 -20.31 10.58 11.72
CA ILE C 31 -21.77 10.57 11.76
C ILE C 31 -22.32 11.97 11.52
N LYS C 32 -23.14 12.11 10.49
CA LYS C 32 -23.74 13.40 10.17
C LYS C 32 -25.20 13.45 10.59
N ARG C 33 -25.53 14.36 11.48
CA ARG C 33 -26.90 14.51 11.96
C ARG C 33 -27.59 15.70 11.30
N MET D 1 27.64 10.93 5.11
CA MET D 1 27.46 11.98 4.07
C MET D 1 26.64 11.41 2.91
N PHE D 2 26.68 10.09 2.76
CA PHE D 2 25.95 9.44 1.69
C PHE D 2 24.63 8.87 2.20
N GLU D 3 23.53 9.34 1.63
CA GLU D 3 22.21 8.88 2.04
C GLU D 3 21.94 7.47 1.50
N PRO D 4 21.04 6.75 2.11
CA PRO D 4 20.69 5.37 1.67
C PRO D 4 20.37 5.30 0.18
N PHE D 5 19.63 6.29 -0.31
CA PHE D 5 19.27 6.34 -1.72
C PHE D 5 18.93 7.77 -2.14
N GLN D 6 17.93 8.34 -1.47
CA GLN D 6 17.51 9.70 -1.77
C GLN D 6 16.48 10.20 -0.75
N ILE D 7 16.18 11.48 -0.79
CA ILE D 7 15.21 12.06 0.13
C ILE D 7 13.87 11.37 0.00
N LEU D 8 13.49 11.06 -1.24
CA LEU D 8 12.21 10.40 -1.50
C LEU D 8 12.18 9.01 -0.84
N SER D 9 13.35 8.38 -0.77
CA SER D 9 13.47 7.07 -0.16
C SER D 9 13.39 7.15 1.36
N ILE D 10 14.02 8.19 1.91
CA ILE D 10 14.02 8.39 3.35
C ILE D 10 12.59 8.63 3.86
N CYS D 11 11.87 9.51 3.18
CA CYS D 11 10.49 9.81 3.59
C CYS D 11 9.64 8.56 3.49
N SER D 12 9.69 7.89 2.34
CA SER D 12 8.90 6.68 2.15
C SER D 12 9.20 5.66 3.24
N PHE D 13 10.47 5.56 3.60
CA PHE D 13 10.90 4.62 4.64
C PHE D 13 10.19 4.94 5.96
N ILE D 14 10.21 6.21 6.34
CA ILE D 14 9.58 6.63 7.60
C ILE D 14 8.07 6.41 7.53
N LEU D 15 7.48 6.75 6.39
CA LEU D 15 6.04 6.59 6.19
C LEU D 15 5.66 5.12 6.26
N SER D 16 6.61 4.26 5.90
CA SER D 16 6.37 2.82 5.94
C SER D 16 6.36 2.31 7.38
N ALA D 17 7.35 2.75 8.16
CA ALA D 17 7.45 2.31 9.54
C ALA D 17 6.17 2.66 10.31
N LEU D 18 5.77 3.93 10.22
CA LEU D 18 4.56 4.36 10.90
C LEU D 18 3.34 3.69 10.28
N HIS D 19 3.35 3.56 8.96
CA HIS D 19 2.24 2.94 8.26
C HIS D 19 1.86 1.61 8.87
N PHE D 20 2.84 0.73 9.02
CA PHE D 20 2.58 -0.58 9.60
C PHE D 20 2.38 -0.49 11.11
N MET D 21 2.90 0.57 11.71
CA MET D 21 2.75 0.75 13.15
C MET D 21 1.31 1.08 13.53
N ALA D 22 0.83 2.20 13.03
CA ALA D 22 -0.53 2.64 13.33
C ALA D 22 -1.55 1.67 12.73
N TRP D 23 -1.29 1.21 11.51
CA TRP D 23 -2.21 0.28 10.86
C TRP D 23 -2.34 -1.01 11.65
N THR D 24 -1.21 -1.52 12.14
CA THR D 24 -1.23 -2.74 12.93
C THR D 24 -2.00 -2.55 14.23
N ILE D 25 -1.78 -1.42 14.88
CA ILE D 25 -2.47 -1.14 16.13
C ILE D 25 -3.97 -1.08 15.91
N GLY D 26 -4.38 -0.37 14.85
CA GLY D 26 -5.80 -0.24 14.54
C GLY D 26 -6.42 -1.61 14.29
N HIS D 27 -5.71 -2.45 13.54
CA HIS D 27 -6.20 -3.79 13.24
C HIS D 27 -6.50 -4.55 14.52
N LEU D 28 -5.60 -4.43 15.50
CA LEU D 28 -5.79 -5.10 16.78
C LEU D 28 -6.67 -4.27 17.71
N ASN D 29 -7.57 -4.92 18.43
CA ASN D 29 -8.45 -4.22 19.35
C ASN D 29 -7.72 -3.91 20.66
N GLN D 30 -7.59 -2.63 20.97
CA GLN D 30 -6.91 -2.22 22.19
C GLN D 30 -7.89 -1.55 23.14
N ILE D 31 -8.02 -2.11 24.33
CA ILE D 31 -8.92 -1.55 25.33
C ILE D 31 -8.16 -1.13 26.59
N LYS D 32 -8.26 0.14 26.94
CA LYS D 32 -7.58 0.64 28.12
C LYS D 32 -8.56 0.85 29.27
N ARG D 33 -8.33 0.14 30.37
CA ARG D 33 -9.20 0.25 31.54
C ARG D 33 -8.56 1.12 32.62
N MET A 1 25.38 -11.77 -6.93
CA MET A 1 25.28 -12.54 -8.21
C MET A 1 23.85 -12.97 -8.42
N PHE A 2 23.15 -13.25 -7.33
CA PHE A 2 21.75 -13.65 -7.41
C PHE A 2 20.82 -12.48 -7.14
N GLU A 3 21.40 -11.29 -6.97
CA GLU A 3 20.59 -10.10 -6.69
C GLU A 3 19.71 -9.78 -7.89
N PRO A 4 18.40 -9.71 -7.73
CA PRO A 4 17.47 -9.40 -8.84
C PRO A 4 17.55 -7.93 -9.27
N PHE A 5 17.79 -7.06 -8.31
CA PHE A 5 17.89 -5.63 -8.60
C PHE A 5 18.75 -4.93 -7.55
N GLN A 6 18.14 -4.66 -6.40
CA GLN A 6 18.85 -3.98 -5.31
C GLN A 6 18.30 -4.43 -3.96
N ILE A 7 19.04 -4.11 -2.91
CA ILE A 7 18.63 -4.48 -1.55
C ILE A 7 17.25 -3.88 -1.23
N LEU A 8 17.03 -2.66 -1.67
CA LEU A 8 15.75 -1.98 -1.44
C LEU A 8 14.63 -2.64 -2.23
N SER A 9 14.97 -3.11 -3.44
CA SER A 9 13.99 -3.76 -4.30
C SER A 9 13.56 -5.11 -3.71
N ILE A 10 14.54 -5.88 -3.23
CA ILE A 10 14.23 -7.18 -2.65
C ILE A 10 13.49 -6.99 -1.33
N CYS A 11 13.77 -5.90 -0.63
CA CYS A 11 13.09 -5.64 0.64
C CYS A 11 11.60 -5.46 0.40
N SER A 12 11.25 -4.58 -0.53
CA SER A 12 9.85 -4.32 -0.83
C SER A 12 9.17 -5.61 -1.33
N PHE A 13 9.92 -6.40 -2.08
CA PHE A 13 9.39 -7.66 -2.59
C PHE A 13 8.94 -8.58 -1.46
N ILE A 14 9.82 -8.79 -0.48
CA ILE A 14 9.50 -9.64 0.66
C ILE A 14 8.39 -9.00 1.49
N LEU A 15 8.45 -7.68 1.65
CA LEU A 15 7.44 -6.98 2.42
C LEU A 15 6.07 -7.23 1.82
N SER A 16 5.88 -6.79 0.58
CA SER A 16 4.59 -6.97 -0.09
C SER A 16 4.12 -8.40 0.06
N ALA A 17 5.05 -9.34 0.02
CA ALA A 17 4.68 -10.75 0.15
C ALA A 17 3.99 -11.01 1.50
N LEU A 18 4.64 -10.60 2.58
CA LEU A 18 4.07 -10.79 3.91
C LEU A 18 2.87 -9.88 4.12
N HIS A 19 2.80 -8.83 3.32
CA HIS A 19 1.70 -7.89 3.41
C HIS A 19 0.40 -8.52 2.96
N PHE A 20 0.44 -9.22 1.83
CA PHE A 20 -0.74 -9.89 1.32
C PHE A 20 -1.02 -11.17 2.06
N MET A 21 0.01 -11.73 2.69
CA MET A 21 -0.16 -12.96 3.45
C MET A 21 -0.96 -12.71 4.72
N ALA A 22 -0.42 -11.85 5.58
CA ALA A 22 -1.08 -11.54 6.84
C ALA A 22 -2.41 -10.84 6.61
N TRP A 23 -2.42 -9.90 5.65
CA TRP A 23 -3.63 -9.16 5.35
C TRP A 23 -4.73 -10.10 4.84
N THR A 24 -4.33 -11.11 4.07
CA THR A 24 -5.28 -12.09 3.55
C THR A 24 -5.88 -12.91 4.68
N ILE A 25 -5.03 -13.34 5.61
CA ILE A 25 -5.51 -14.14 6.74
C ILE A 25 -6.53 -13.36 7.56
N GLY A 26 -6.22 -12.09 7.81
CA GLY A 26 -7.11 -11.23 8.58
C GLY A 26 -8.45 -11.06 7.86
N HIS A 27 -8.40 -10.89 6.55
CA HIS A 27 -9.61 -10.73 5.75
C HIS A 27 -10.51 -11.94 5.88
N LEU A 28 -9.92 -13.13 5.85
CA LEU A 28 -10.68 -14.37 5.96
C LEU A 28 -11.17 -14.57 7.39
N ASN A 29 -12.39 -15.07 7.53
CA ASN A 29 -12.96 -15.30 8.85
C ASN A 29 -12.81 -16.77 9.25
N GLN A 30 -12.53 -17.00 10.53
CA GLN A 30 -12.37 -18.36 11.02
C GLN A 30 -13.56 -18.79 11.87
N ILE A 31 -14.14 -19.94 11.52
CA ILE A 31 -15.29 -20.46 12.26
C ILE A 31 -15.20 -21.96 12.41
N LYS A 32 -15.82 -22.49 13.46
CA LYS A 32 -15.81 -23.93 13.70
C LYS A 32 -17.20 -24.52 13.50
N ARG A 33 -17.31 -25.47 12.58
CA ARG A 33 -18.58 -26.11 12.31
C ARG A 33 -18.80 -27.31 13.21
N MET B 1 9.28 -4.67 -27.01
CA MET B 1 9.01 -3.49 -27.87
C MET B 1 7.85 -2.70 -27.28
N PHE B 2 6.91 -3.41 -26.67
CA PHE B 2 5.77 -2.77 -26.05
C PHE B 2 5.96 -2.62 -24.55
N GLU B 3 7.14 -3.00 -24.06
CA GLU B 3 7.43 -2.90 -22.63
C GLU B 3 7.44 -1.43 -22.19
N PRO B 4 6.61 -1.04 -21.24
CA PRO B 4 6.56 0.37 -20.76
C PRO B 4 7.79 0.75 -19.95
N PHE B 5 8.33 -0.22 -19.20
CA PHE B 5 9.51 0.02 -18.38
C PHE B 5 10.28 -1.27 -18.14
N GLN B 6 9.78 -2.07 -17.20
CA GLN B 6 10.43 -3.33 -16.86
C GLN B 6 9.39 -4.35 -16.40
N ILE B 7 9.80 -5.61 -16.33
CA ILE B 7 8.90 -6.68 -15.89
C ILE B 7 8.38 -6.41 -14.48
N LEU B 8 9.26 -5.88 -13.63
CA LEU B 8 8.88 -5.56 -12.26
C LEU B 8 7.91 -4.38 -12.20
N SER B 9 8.11 -3.43 -13.13
CA SER B 9 7.25 -2.25 -13.20
C SER B 9 5.84 -2.63 -13.65
N ILE B 10 5.76 -3.48 -14.67
CA ILE B 10 4.46 -3.91 -15.18
C ILE B 10 3.77 -4.80 -14.16
N CYS B 11 4.55 -5.54 -13.37
CA CYS B 11 3.99 -6.41 -12.35
C CYS B 11 3.24 -5.58 -11.32
N SER B 12 3.92 -4.57 -10.77
CA SER B 12 3.30 -3.71 -9.77
C SER B 12 2.07 -3.01 -10.35
N PHE B 13 2.16 -2.64 -11.63
CA PHE B 13 1.05 -1.97 -12.29
C PHE B 13 -0.21 -2.85 -12.27
N ILE B 14 -0.07 -4.09 -12.70
CA ILE B 14 -1.20 -5.02 -12.71
C ILE B 14 -1.66 -5.31 -11.29
N LEU B 15 -0.70 -5.45 -10.38
CA LEU B 15 -1.03 -5.73 -8.99
C LEU B 15 -1.91 -4.62 -8.44
N SER B 16 -1.37 -3.41 -8.39
CA SER B 16 -2.13 -2.27 -7.88
C SER B 16 -3.52 -2.22 -8.50
N ALA B 17 -3.61 -2.59 -9.77
CA ALA B 17 -4.89 -2.59 -10.45
C ALA B 17 -5.88 -3.53 -9.76
N LEU B 18 -5.47 -4.77 -9.57
CA LEU B 18 -6.32 -5.76 -8.91
C LEU B 18 -6.47 -5.44 -7.43
N HIS B 19 -5.54 -4.67 -6.91
CA HIS B 19 -5.57 -4.28 -5.51
C HIS B 19 -6.73 -3.34 -5.23
N PHE B 20 -6.90 -2.34 -6.10
CA PHE B 20 -7.98 -1.39 -5.92
C PHE B 20 -9.30 -1.98 -6.38
N MET B 21 -9.24 -2.98 -7.25
CA MET B 21 -10.45 -3.62 -7.75
C MET B 21 -11.11 -4.46 -6.66
N ALA B 22 -10.38 -5.45 -6.16
CA ALA B 22 -10.91 -6.32 -5.12
C ALA B 22 -11.17 -5.54 -3.83
N TRP B 23 -10.23 -4.67 -3.48
CA TRP B 23 -10.37 -3.87 -2.26
C TRP B 23 -11.61 -2.98 -2.34
N THR B 24 -11.88 -2.44 -3.54
CA THR B 24 -13.05 -1.60 -3.74
C THR B 24 -14.34 -2.39 -3.55
N ILE B 25 -14.37 -3.60 -4.12
CA ILE B 25 -15.56 -4.44 -4.01
C ILE B 25 -15.85 -4.75 -2.54
N GLY B 26 -14.79 -5.09 -1.80
CA GLY B 26 -14.94 -5.41 -0.38
C GLY B 26 -15.47 -4.21 0.40
N HIS B 27 -14.96 -3.03 0.07
CA HIS B 27 -15.38 -1.80 0.73
C HIS B 27 -16.87 -1.57 0.54
N LEU B 28 -17.35 -1.80 -0.68
CA LEU B 28 -18.76 -1.60 -0.98
C LEU B 28 -19.60 -2.71 -0.35
N ASN B 29 -20.78 -2.34 0.15
CA ASN B 29 -21.67 -3.30 0.78
C ASN B 29 -22.75 -3.75 -0.20
N GLN B 30 -23.09 -5.04 -0.15
CA GLN B 30 -24.11 -5.59 -1.04
C GLN B 30 -25.40 -5.86 -0.28
N ILE B 31 -26.51 -5.33 -0.79
CA ILE B 31 -27.81 -5.53 -0.14
C ILE B 31 -28.90 -5.74 -1.20
N LYS B 32 -29.96 -6.45 -0.82
CA LYS B 32 -31.06 -6.69 -1.74
C LYS B 32 -32.31 -5.94 -1.28
N ARG B 33 -32.82 -5.08 -2.15
CA ARG B 33 -34.01 -4.31 -1.83
C ARG B 33 -35.27 -5.07 -2.24
N MET C 1 9.49 20.63 -17.75
CA MET C 1 10.39 21.57 -17.02
C MET C 1 10.07 21.54 -15.54
N PHE C 2 8.79 21.33 -15.23
CA PHE C 2 8.37 21.27 -13.84
C PHE C 2 8.22 19.81 -13.38
N GLU C 3 8.58 18.86 -14.26
CA GLU C 3 8.48 17.46 -13.92
C GLU C 3 9.44 17.11 -12.77
N PRO C 4 8.93 16.59 -11.67
CA PRO C 4 9.80 16.22 -10.50
C PRO C 4 10.66 15.00 -10.79
N PHE C 5 10.12 14.06 -11.56
CA PHE C 5 10.84 12.85 -11.89
C PHE C 5 10.33 12.26 -13.21
N GLN C 6 9.21 11.57 -13.14
CA GLN C 6 8.61 10.95 -14.33
C GLN C 6 7.09 10.91 -14.21
N ILE C 7 6.43 10.63 -15.32
CA ILE C 7 4.97 10.55 -15.33
C ILE C 7 4.47 9.49 -14.36
N LEU C 8 5.20 8.38 -14.28
CA LEU C 8 4.83 7.29 -13.39
C LEU C 8 5.06 7.69 -11.93
N SER C 9 6.11 8.47 -11.70
CA SER C 9 6.42 8.94 -10.35
C SER C 9 5.36 9.91 -9.84
N ILE C 10 4.95 10.84 -10.70
CA ILE C 10 3.94 11.81 -10.31
C ILE C 10 2.59 11.13 -10.15
N CYS C 11 2.36 10.06 -10.92
CA CYS C 11 1.10 9.33 -10.82
C CYS C 11 0.96 8.73 -9.44
N SER C 12 1.99 7.99 -9.01
CA SER C 12 1.96 7.36 -7.69
C SER C 12 1.83 8.42 -6.60
N PHE C 13 2.48 9.56 -6.81
CA PHE C 13 2.42 10.64 -5.84
C PHE C 13 0.97 11.10 -5.61
N ILE C 14 0.26 11.38 -6.70
CA ILE C 14 -1.13 11.82 -6.61
C ILE C 14 -1.99 10.69 -6.06
N LEU C 15 -1.71 9.47 -6.49
CA LEU C 15 -2.49 8.33 -6.02
C LEU C 15 -2.39 8.24 -4.50
N SER C 16 -1.17 8.01 -4.01
CA SER C 16 -0.97 7.89 -2.57
C SER C 16 -1.66 9.02 -1.83
N ALA C 17 -1.66 10.21 -2.43
CA ALA C 17 -2.31 11.36 -1.82
C ALA C 17 -3.81 11.08 -1.60
N LEU C 18 -4.49 10.69 -2.66
CA LEU C 18 -5.92 10.41 -2.58
C LEU C 18 -6.17 9.13 -1.79
N HIS C 19 -5.14 8.30 -1.70
CA HIS C 19 -5.23 7.05 -0.96
C HIS C 19 -5.37 7.30 0.52
N PHE C 20 -4.54 8.19 1.05
CA PHE C 20 -4.60 8.52 2.47
C PHE C 20 -5.75 9.45 2.76
N MET C 21 -6.21 10.18 1.75
CA MET C 21 -7.32 11.10 1.94
C MET C 21 -8.63 10.33 2.15
N ALA C 22 -9.00 9.55 1.15
CA ALA C 22 -10.24 8.77 1.22
C ALA C 22 -10.17 7.74 2.34
N TRP C 23 -9.02 7.07 2.46
CA TRP C 23 -8.85 6.04 3.48
C TRP C 23 -8.98 6.66 4.87
N THR C 24 -8.47 7.88 5.03
CA THR C 24 -8.55 8.57 6.32
C THR C 24 -10.00 8.90 6.66
N ILE C 25 -10.75 9.38 5.67
CA ILE C 25 -12.15 9.73 5.90
C ILE C 25 -12.94 8.49 6.34
N GLY C 26 -12.70 7.38 5.66
CA GLY C 26 -13.38 6.13 5.99
C GLY C 26 -13.05 5.68 7.41
N HIS C 27 -11.79 5.82 7.78
CA HIS C 27 -11.33 5.44 9.11
C HIS C 27 -12.07 6.23 10.18
N LEU C 28 -12.24 7.52 9.95
CA LEU C 28 -12.92 8.38 10.90
C LEU C 28 -14.43 8.10 10.89
N ASN C 29 -15.04 8.13 12.06
CA ASN C 29 -16.48 7.89 12.17
C ASN C 29 -17.24 9.20 12.25
N GLN C 30 -18.41 9.24 11.61
CA GLN C 30 -19.23 10.45 11.61
C GLN C 30 -20.45 10.26 12.50
N ILE C 31 -20.66 11.20 13.42
CA ILE C 31 -21.80 11.14 14.33
C ILE C 31 -22.37 12.53 14.56
N LYS C 32 -23.66 12.58 14.88
CA LYS C 32 -24.32 13.86 15.14
C LYS C 32 -24.70 13.98 16.61
N ARG C 33 -24.18 15.02 17.26
CA ARG C 33 -24.47 15.24 18.66
C ARG C 33 -25.72 16.09 18.84
N MET D 1 25.68 13.24 2.17
CA MET D 1 26.75 12.24 2.43
C MET D 1 26.14 11.02 3.09
N PHE D 2 25.10 11.23 3.89
CA PHE D 2 24.43 10.14 4.57
C PHE D 2 23.16 9.73 3.82
N GLU D 3 22.92 10.36 2.66
CA GLU D 3 21.74 10.06 1.89
C GLU D 3 21.80 8.61 1.37
N PRO D 4 20.81 7.78 1.69
CA PRO D 4 20.80 6.36 1.24
C PRO D 4 20.51 6.23 -0.26
N PHE D 5 19.69 7.13 -0.77
CA PHE D 5 19.34 7.12 -2.19
C PHE D 5 18.93 8.50 -2.67
N GLN D 6 17.69 8.88 -2.37
CA GLN D 6 17.17 10.18 -2.76
C GLN D 6 16.15 10.68 -1.75
N ILE D 7 15.80 11.96 -1.85
CA ILE D 7 14.83 12.56 -0.95
C ILE D 7 13.49 11.83 -1.04
N LEU D 8 13.12 11.44 -2.26
CA LEU D 8 11.86 10.74 -2.47
C LEU D 8 11.92 9.33 -1.88
N SER D 9 13.10 8.71 -1.97
CA SER D 9 13.30 7.36 -1.44
C SER D 9 13.20 7.35 0.09
N ILE D 10 13.85 8.34 0.71
CA ILE D 10 13.82 8.42 2.17
C ILE D 10 12.42 8.79 2.64
N CYS D 11 11.70 9.56 1.84
CA CYS D 11 10.35 9.96 2.19
C CYS D 11 9.46 8.74 2.31
N SER D 12 9.45 7.90 1.27
CA SER D 12 8.64 6.69 1.27
C SER D 12 9.05 5.78 2.41
N PHE D 13 10.35 5.75 2.70
CA PHE D 13 10.85 4.91 3.79
C PHE D 13 10.22 5.30 5.12
N ILE D 14 10.26 6.59 5.44
CA ILE D 14 9.67 7.08 6.68
C ILE D 14 8.16 6.90 6.66
N LEU D 15 7.55 7.14 5.50
CA LEU D 15 6.11 6.99 5.40
C LEU D 15 5.71 5.56 5.73
N SER D 16 6.20 4.61 4.96
CA SER D 16 5.88 3.20 5.18
C SER D 16 6.07 2.85 6.65
N ALA D 17 7.09 3.43 7.26
CA ALA D 17 7.36 3.16 8.67
C ALA D 17 6.15 3.56 9.53
N LEU D 18 5.71 4.80 9.39
CA LEU D 18 4.57 5.28 10.16
C LEU D 18 3.29 4.63 9.70
N HIS D 19 3.31 4.10 8.49
CA HIS D 19 2.15 3.44 7.94
C HIS D 19 1.87 2.14 8.65
N PHE D 20 2.91 1.36 8.89
CA PHE D 20 2.75 0.09 9.58
C PHE D 20 2.62 0.31 11.08
N MET D 21 3.13 1.43 11.56
CA MET D 21 3.05 1.74 12.99
C MET D 21 1.61 2.06 13.40
N ALA D 22 1.05 3.10 12.79
CA ALA D 22 -0.31 3.51 13.11
C ALA D 22 -1.31 2.43 12.70
N TRP D 23 -1.11 1.84 11.53
CA TRP D 23 -2.00 0.81 11.04
C TRP D 23 -2.00 -0.40 11.97
N THR D 24 -0.82 -0.71 12.52
CA THR D 24 -0.70 -1.83 13.45
C THR D 24 -1.46 -1.55 14.74
N ILE D 25 -1.33 -0.34 15.25
CA ILE D 25 -2.02 0.03 16.48
C ILE D 25 -3.53 -0.08 16.31
N GLY D 26 -4.02 0.41 15.17
CA GLY D 26 -5.45 0.34 14.87
C GLY D 26 -5.94 -1.10 14.79
N HIS D 27 -5.12 -1.95 14.17
CA HIS D 27 -5.47 -3.36 14.03
C HIS D 27 -5.62 -4.02 15.39
N LEU D 28 -4.72 -3.70 16.30
CA LEU D 28 -4.77 -4.26 17.65
C LEU D 28 -5.91 -3.65 18.45
N ASN D 29 -6.59 -4.48 19.25
CA ASN D 29 -7.70 -4.02 20.06
C ASN D 29 -7.24 -3.74 21.49
N GLN D 30 -7.78 -2.67 22.08
CA GLN D 30 -7.43 -2.31 23.45
C GLN D 30 -8.56 -2.64 24.41
N ILE D 31 -8.24 -3.37 25.47
CA ILE D 31 -9.23 -3.74 26.47
C ILE D 31 -8.64 -3.68 27.88
N LYS D 32 -9.50 -3.45 28.87
CA LYS D 32 -9.04 -3.38 30.25
C LYS D 32 -9.56 -4.57 31.04
N ARG D 33 -8.65 -5.34 31.62
CA ARG D 33 -9.03 -6.52 32.40
C ARG D 33 -9.25 -6.14 33.86
N MET A 1 26.60 -11.33 -9.57
CA MET A 1 25.46 -10.51 -9.06
C MET A 1 24.54 -11.39 -8.22
N PHE A 2 24.87 -11.54 -6.95
CA PHE A 2 24.06 -12.34 -6.04
C PHE A 2 22.66 -11.75 -5.90
N GLU A 3 22.59 -10.43 -5.78
CA GLU A 3 21.31 -9.76 -5.62
C GLU A 3 20.54 -9.76 -6.94
N PRO A 4 19.23 -9.71 -6.88
CA PRO A 4 18.37 -9.69 -8.11
C PRO A 4 18.36 -8.32 -8.78
N PHE A 5 18.32 -7.27 -7.97
CA PHE A 5 18.32 -5.91 -8.49
C PHE A 5 19.01 -4.96 -7.52
N GLN A 6 18.31 -4.61 -6.44
CA GLN A 6 18.87 -3.71 -5.44
C GLN A 6 18.36 -4.07 -4.04
N ILE A 7 19.04 -3.56 -3.01
CA ILE A 7 18.65 -3.83 -1.64
C ILE A 7 17.22 -3.35 -1.39
N LEU A 8 16.84 -2.27 -2.06
CA LEU A 8 15.50 -1.71 -1.91
C LEU A 8 14.46 -2.61 -2.59
N SER A 9 14.87 -3.26 -3.67
CA SER A 9 13.99 -4.16 -4.41
C SER A 9 13.72 -5.45 -3.62
N ILE A 10 14.77 -5.98 -3.01
CA ILE A 10 14.62 -7.22 -2.24
C ILE A 10 13.86 -6.95 -0.95
N CYS A 11 14.06 -5.77 -0.36
CA CYS A 11 13.36 -5.43 0.86
C CYS A 11 11.86 -5.34 0.62
N SER A 12 11.48 -4.55 -0.38
CA SER A 12 10.06 -4.39 -0.68
C SER A 12 9.47 -5.73 -1.10
N PHE A 13 10.27 -6.57 -1.75
CA PHE A 13 9.79 -7.87 -2.18
C PHE A 13 9.33 -8.70 -0.99
N ILE A 14 10.17 -8.81 0.03
CA ILE A 14 9.83 -9.58 1.22
C ILE A 14 8.67 -8.93 1.97
N LEU A 15 8.74 -7.63 2.13
CA LEU A 15 7.70 -6.89 2.84
C LEU A 15 6.36 -7.00 2.10
N SER A 16 6.45 -7.20 0.79
CA SER A 16 5.25 -7.34 -0.03
C SER A 16 4.63 -8.71 0.17
N ALA A 17 5.47 -9.74 0.17
CA ALA A 17 4.97 -11.10 0.34
C ALA A 17 4.25 -11.25 1.68
N LEU A 18 4.86 -10.73 2.73
CA LEU A 18 4.25 -10.82 4.05
C LEU A 18 3.10 -9.82 4.17
N HIS A 19 3.15 -8.78 3.35
CA HIS A 19 2.10 -7.77 3.36
C HIS A 19 0.78 -8.36 2.88
N PHE A 20 0.82 -9.03 1.74
CA PHE A 20 -0.38 -9.64 1.19
C PHE A 20 -0.76 -10.90 1.95
N MET A 21 0.22 -11.51 2.60
CA MET A 21 -0.04 -12.72 3.37
C MET A 21 -0.86 -12.42 4.62
N ALA A 22 -0.30 -11.58 5.49
CA ALA A 22 -0.99 -11.23 6.73
C ALA A 22 -2.26 -10.45 6.46
N TRP A 23 -2.19 -9.53 5.49
CA TRP A 23 -3.36 -8.73 5.16
C TRP A 23 -4.50 -9.60 4.63
N THR A 24 -4.15 -10.59 3.81
CA THR A 24 -5.15 -11.51 3.26
C THR A 24 -5.77 -12.34 4.37
N ILE A 25 -4.95 -12.84 5.28
CA ILE A 25 -5.44 -13.67 6.38
C ILE A 25 -6.42 -12.87 7.24
N GLY A 26 -6.07 -11.63 7.54
CA GLY A 26 -6.93 -10.78 8.36
C GLY A 26 -8.26 -10.53 7.66
N HIS A 27 -8.20 -10.29 6.35
CA HIS A 27 -9.41 -10.06 5.56
C HIS A 27 -10.33 -11.27 5.62
N LEU A 28 -9.75 -12.46 5.52
CA LEU A 28 -10.54 -13.69 5.54
C LEU A 28 -10.99 -14.00 6.97
N ASN A 29 -12.30 -14.03 7.17
CA ASN A 29 -12.86 -14.32 8.49
C ASN A 29 -13.74 -15.57 8.43
N GLN A 30 -13.45 -16.54 9.28
CA GLN A 30 -14.22 -17.77 9.31
C GLN A 30 -14.78 -18.00 10.71
N ILE A 31 -16.08 -18.28 10.78
CA ILE A 31 -16.73 -18.53 12.06
C ILE A 31 -17.62 -19.77 11.99
N LYS A 32 -17.81 -20.41 13.13
CA LYS A 32 -18.65 -21.61 13.19
C LYS A 32 -20.02 -21.28 13.77
N ARG A 33 -21.07 -21.68 13.06
CA ARG A 33 -22.43 -21.41 13.51
C ARG A 33 -23.00 -22.63 14.23
N MET B 1 10.68 -2.32 -28.49
CA MET B 1 10.43 -2.33 -27.02
C MET B 1 9.00 -2.73 -26.75
N PHE B 2 8.77 -4.05 -26.69
CA PHE B 2 7.43 -4.56 -26.43
C PHE B 2 6.95 -4.13 -25.04
N GLU B 3 7.84 -4.20 -24.06
CA GLU B 3 7.48 -3.83 -22.70
C GLU B 3 7.36 -2.31 -22.57
N PRO B 4 6.56 -1.84 -21.64
CA PRO B 4 6.37 -0.37 -21.42
C PRO B 4 7.55 0.26 -20.68
N PHE B 5 8.08 -0.46 -19.70
CA PHE B 5 9.21 0.04 -18.92
C PHE B 5 10.09 -1.12 -18.45
N GLN B 6 9.62 -1.84 -17.43
CA GLN B 6 10.37 -2.96 -16.89
C GLN B 6 9.42 -4.05 -16.39
N ILE B 7 9.95 -5.25 -16.19
CA ILE B 7 9.15 -6.36 -15.70
C ILE B 7 8.55 -6.03 -14.33
N LEU B 8 9.28 -5.24 -13.56
CA LEU B 8 8.81 -4.84 -12.23
C LEU B 8 7.68 -3.82 -12.33
N SER B 9 7.73 -3.00 -13.38
CA SER B 9 6.72 -1.98 -13.61
C SER B 9 5.41 -2.60 -14.08
N ILE B 10 5.50 -3.58 -14.96
CA ILE B 10 4.30 -4.25 -15.46
C ILE B 10 3.67 -5.13 -14.39
N CYS B 11 4.52 -5.73 -13.56
CA CYS B 11 4.01 -6.58 -12.49
C CYS B 11 3.20 -5.76 -11.49
N SER B 12 3.80 -4.68 -10.99
CA SER B 12 3.11 -3.84 -10.03
C SER B 12 1.87 -3.23 -10.65
N PHE B 13 1.92 -2.97 -11.96
CA PHE B 13 0.79 -2.39 -12.65
C PHE B 13 -0.44 -3.30 -12.55
N ILE B 14 -0.24 -4.58 -12.88
CA ILE B 14 -1.34 -5.55 -12.81
C ILE B 14 -1.79 -5.77 -11.37
N LEU B 15 -0.83 -5.93 -10.48
CA LEU B 15 -1.12 -6.15 -9.07
C LEU B 15 -1.84 -4.95 -8.49
N SER B 16 -1.59 -3.78 -9.06
CA SER B 16 -2.22 -2.55 -8.59
C SER B 16 -3.68 -2.50 -9.04
N ALA B 17 -3.92 -2.85 -10.31
CA ALA B 17 -5.26 -2.83 -10.85
C ALA B 17 -6.18 -3.77 -10.06
N LEU B 18 -5.69 -4.98 -9.81
CA LEU B 18 -6.48 -5.94 -9.06
C LEU B 18 -6.50 -5.58 -7.58
N HIS B 19 -5.49 -4.84 -7.15
CA HIS B 19 -5.40 -4.41 -5.77
C HIS B 19 -6.53 -3.46 -5.41
N PHE B 20 -6.72 -2.44 -6.23
CA PHE B 20 -7.76 -1.46 -6.00
C PHE B 20 -9.12 -2.03 -6.38
N MET B 21 -9.13 -3.02 -7.25
CA MET B 21 -10.38 -3.64 -7.67
C MET B 21 -11.00 -4.45 -6.55
N ALA B 22 -10.26 -5.47 -6.09
CA ALA B 22 -10.75 -6.33 -5.02
C ALA B 22 -10.91 -5.57 -3.71
N TRP B 23 -9.95 -4.69 -3.42
CA TRP B 23 -9.98 -3.91 -2.19
C TRP B 23 -11.21 -2.99 -2.18
N THR B 24 -11.50 -2.39 -3.33
CA THR B 24 -12.65 -1.49 -3.44
C THR B 24 -13.96 -2.27 -3.26
N ILE B 25 -14.04 -3.44 -3.88
CA ILE B 25 -15.24 -4.26 -3.78
C ILE B 25 -15.49 -4.65 -2.33
N GLY B 26 -14.44 -5.06 -1.63
CA GLY B 26 -14.57 -5.45 -0.23
C GLY B 26 -15.03 -4.28 0.62
N HIS B 27 -14.49 -3.11 0.35
CA HIS B 27 -14.86 -1.91 1.09
C HIS B 27 -16.34 -1.60 0.90
N LEU B 28 -16.82 -1.74 -0.33
CA LEU B 28 -18.22 -1.47 -0.62
C LEU B 28 -19.11 -2.61 -0.11
N ASN B 29 -20.01 -2.27 0.81
CA ASN B 29 -20.91 -3.27 1.38
C ASN B 29 -22.36 -2.87 1.12
N GLN B 30 -23.12 -3.78 0.51
CA GLN B 30 -24.51 -3.51 0.22
C GLN B 30 -25.41 -4.57 0.84
N ILE B 31 -26.44 -4.12 1.55
CA ILE B 31 -27.36 -5.04 2.21
C ILE B 31 -28.81 -4.64 1.94
N LYS B 32 -29.70 -5.62 1.98
CA LYS B 32 -31.12 -5.35 1.74
C LYS B 32 -31.89 -5.33 3.07
N ARG B 33 -32.65 -4.27 3.29
CA ARG B 33 -33.43 -4.14 4.52
C ARG B 33 -34.86 -4.59 4.30
N MET C 1 12.39 20.83 -18.10
CA MET C 1 11.86 19.61 -17.43
C MET C 1 10.57 19.94 -16.70
N PHE C 2 9.46 19.90 -17.43
CA PHE C 2 8.16 20.18 -16.83
C PHE C 2 7.83 19.18 -15.74
N GLU C 3 8.11 17.91 -16.02
CA GLU C 3 7.82 16.86 -15.05
C GLU C 3 8.81 16.90 -13.88
N PRO C 4 8.41 16.44 -12.72
CA PRO C 4 9.29 16.42 -11.52
C PRO C 4 10.33 15.31 -11.57
N PHE C 5 9.90 14.14 -12.07
CA PHE C 5 10.79 13.00 -12.17
C PHE C 5 10.41 12.12 -13.36
N GLN C 6 9.34 11.34 -13.19
CA GLN C 6 8.88 10.46 -14.25
C GLN C 6 7.36 10.32 -14.20
N ILE C 7 6.78 9.84 -15.30
CA ILE C 7 5.33 9.66 -15.38
C ILE C 7 4.85 8.70 -14.28
N LEU C 8 5.70 7.74 -13.93
CA LEU C 8 5.37 6.77 -12.89
C LEU C 8 5.41 7.42 -11.51
N SER C 9 6.30 8.40 -11.35
CA SER C 9 6.44 9.11 -10.08
C SER C 9 5.25 10.04 -9.84
N ILE C 10 4.81 10.74 -10.88
CA ILE C 10 3.69 11.65 -10.76
C ILE C 10 2.39 10.88 -10.58
N CYS C 11 2.28 9.73 -11.23
CA CYS C 11 1.08 8.91 -11.12
C CYS C 11 0.91 8.41 -9.69
N SER C 12 1.96 7.80 -9.16
CA SER C 12 1.88 7.27 -7.80
C SER C 12 1.68 8.41 -6.81
N PHE C 13 2.22 9.58 -7.13
CA PHE C 13 2.08 10.73 -6.25
C PHE C 13 0.61 11.09 -6.07
N ILE C 14 -0.11 11.21 -7.17
CA ILE C 14 -1.53 11.56 -7.11
C ILE C 14 -2.34 10.44 -6.48
N LEU C 15 -2.06 9.21 -6.89
CA LEU C 15 -2.75 8.04 -6.36
C LEU C 15 -2.48 7.90 -4.85
N SER C 16 -1.34 8.40 -4.41
CA SER C 16 -0.97 8.34 -3.01
C SER C 16 -1.76 9.37 -2.21
N ALA C 17 -1.85 10.59 -2.74
CA ALA C 17 -2.57 11.64 -2.05
C ALA C 17 -4.02 11.25 -1.85
N LEU C 18 -4.66 10.74 -2.88
CA LEU C 18 -6.05 10.32 -2.78
C LEU C 18 -6.16 9.02 -2.01
N HIS C 19 -5.07 8.26 -1.98
CA HIS C 19 -5.06 6.99 -1.26
C HIS C 19 -5.18 7.23 0.24
N PHE C 20 -4.35 8.12 0.76
CA PHE C 20 -4.38 8.42 2.19
C PHE C 20 -5.57 9.30 2.53
N MET C 21 -6.08 10.02 1.54
CA MET C 21 -7.22 10.89 1.77
C MET C 21 -8.50 10.08 1.99
N ALA C 22 -8.87 9.28 1.01
CA ALA C 22 -10.07 8.46 1.10
C ALA C 22 -9.93 7.41 2.19
N TRP C 23 -8.75 6.79 2.27
CA TRP C 23 -8.52 5.76 3.26
C TRP C 23 -8.63 6.32 4.68
N THR C 24 -8.10 7.53 4.88
CA THR C 24 -8.17 8.19 6.18
C THR C 24 -9.62 8.52 6.54
N ILE C 25 -10.37 9.03 5.57
CA ILE C 25 -11.76 9.39 5.82
C ILE C 25 -12.57 8.16 6.22
N GLY C 26 -12.35 7.06 5.52
CA GLY C 26 -13.06 5.82 5.82
C GLY C 26 -12.72 5.33 7.22
N HIS C 27 -11.44 5.42 7.59
CA HIS C 27 -11.00 5.00 8.90
C HIS C 27 -11.68 5.82 10.00
N LEU C 28 -11.80 7.12 9.76
CA LEU C 28 -12.44 8.00 10.74
C LEU C 28 -13.95 7.84 10.71
N ASN C 29 -14.52 7.41 11.83
CA ASN C 29 -15.96 7.21 11.94
C ASN C 29 -16.54 8.08 13.03
N GLN C 30 -17.53 8.90 12.68
CA GLN C 30 -18.17 9.78 13.65
C GLN C 30 -19.67 9.50 13.72
N ILE C 31 -20.18 9.34 14.93
CA ILE C 31 -21.60 9.07 15.12
C ILE C 31 -22.17 9.96 16.22
N LYS C 32 -23.47 10.24 16.14
CA LYS C 32 -24.13 11.07 17.15
C LYS C 32 -24.93 10.19 18.11
N ARG C 33 -24.71 10.40 19.40
CA ARG C 33 -25.41 9.63 20.42
C ARG C 33 -26.61 10.40 20.95
N MET D 1 28.03 12.32 0.89
CA MET D 1 26.63 11.88 0.59
C MET D 1 25.85 11.74 1.89
N PHE D 2 25.30 12.86 2.37
CA PHE D 2 24.53 12.84 3.60
C PHE D 2 23.29 11.96 3.45
N GLU D 3 22.63 12.07 2.31
CA GLU D 3 21.43 11.29 2.07
C GLU D 3 21.78 9.82 1.79
N PRO D 4 20.88 8.91 2.10
CA PRO D 4 21.10 7.46 1.88
C PRO D 4 20.99 7.07 0.41
N PHE D 5 20.01 7.66 -0.28
CA PHE D 5 19.78 7.37 -1.68
C PHE D 5 19.21 8.59 -2.40
N GLN D 6 17.92 8.86 -2.18
CA GLN D 6 17.27 10.00 -2.81
C GLN D 6 16.19 10.56 -1.89
N ILE D 7 15.76 11.79 -2.18
CA ILE D 7 14.73 12.44 -1.38
C ILE D 7 13.44 11.61 -1.40
N LEU D 8 13.19 10.93 -2.51
CA LEU D 8 12.01 10.09 -2.64
C LEU D 8 12.13 8.82 -1.80
N SER D 9 13.37 8.35 -1.66
CA SER D 9 13.63 7.14 -0.87
C SER D 9 13.47 7.41 0.62
N ILE D 10 13.98 8.56 1.07
CA ILE D 10 13.89 8.92 2.48
C ILE D 10 12.45 9.26 2.86
N CYS D 11 11.73 9.89 1.93
CA CYS D 11 10.34 10.24 2.19
C CYS D 11 9.50 9.00 2.39
N SER D 12 9.57 8.08 1.44
CA SER D 12 8.79 6.84 1.53
C SER D 12 9.22 6.05 2.76
N PHE D 13 10.49 6.15 3.11
CA PHE D 13 11.00 5.42 4.27
C PHE D 13 10.27 5.86 5.55
N ILE D 14 10.20 7.17 5.76
CA ILE D 14 9.52 7.69 6.95
C ILE D 14 8.03 7.41 6.89
N LEU D 15 7.43 7.64 5.74
CA LEU D 15 6.00 7.41 5.55
C LEU D 15 5.67 5.93 5.73
N SER D 16 6.65 5.09 5.45
CA SER D 16 6.46 3.65 5.60
C SER D 16 6.49 3.25 7.08
N ALA D 17 7.45 3.80 7.82
CA ALA D 17 7.57 3.49 9.23
C ALA D 17 6.30 3.87 9.97
N LEU D 18 5.80 5.08 9.71
CA LEU D 18 4.59 5.53 10.36
C LEU D 18 3.37 4.84 9.78
N HIS D 19 3.51 4.35 8.54
CA HIS D 19 2.42 3.66 7.89
C HIS D 19 2.11 2.35 8.58
N PHE D 20 3.15 1.56 8.82
CA PHE D 20 2.97 0.27 9.48
C PHE D 20 2.75 0.45 10.96
N MET D 21 3.20 1.58 11.50
CA MET D 21 3.05 1.84 12.92
C MET D 21 1.58 2.14 13.26
N ALA D 22 1.04 3.18 12.65
CA ALA D 22 -0.34 3.56 12.91
C ALA D 22 -1.32 2.49 12.41
N TRP D 23 -1.02 1.92 11.24
CA TRP D 23 -1.89 0.90 10.68
C TRP D 23 -1.93 -0.33 11.58
N THR D 24 -0.77 -0.70 12.12
CA THR D 24 -0.68 -1.86 13.01
C THR D 24 -1.47 -1.60 14.30
N ILE D 25 -1.31 -0.40 14.86
CA ILE D 25 -2.01 -0.05 16.09
C ILE D 25 -3.52 -0.12 15.89
N GLY D 26 -3.99 0.41 14.77
CA GLY D 26 -5.42 0.39 14.48
C GLY D 26 -5.93 -1.04 14.34
N HIS D 27 -5.15 -1.88 13.68
CA HIS D 27 -5.52 -3.28 13.50
C HIS D 27 -5.66 -3.98 14.84
N LEU D 28 -4.73 -3.69 15.75
CA LEU D 28 -4.75 -4.31 17.07
C LEU D 28 -5.83 -3.67 17.95
N ASN D 29 -6.81 -4.49 18.35
CA ASN D 29 -7.89 -4.00 19.20
C ASN D 29 -7.91 -4.76 20.52
N GLN D 30 -7.88 -4.02 21.62
CA GLN D 30 -7.90 -4.62 22.94
C GLN D 30 -9.07 -4.09 23.76
N ILE D 31 -9.85 -4.99 24.34
CA ILE D 31 -10.99 -4.59 25.15
C ILE D 31 -11.01 -5.36 26.47
N LYS D 32 -11.61 -4.75 27.49
CA LYS D 32 -11.71 -5.39 28.80
C LYS D 32 -13.10 -5.96 29.02
N ARG D 33 -13.15 -7.23 29.40
CA ARG D 33 -14.44 -7.88 29.64
C ARG D 33 -14.78 -7.87 31.13
N MET A 1 25.28 -10.23 -8.71
CA MET A 1 24.56 -11.21 -9.57
C MET A 1 23.68 -12.10 -8.70
N PHE A 2 24.09 -12.27 -7.45
CA PHE A 2 23.33 -13.09 -6.52
C PHE A 2 21.95 -12.49 -6.27
N GLU A 3 21.91 -11.16 -6.17
CA GLU A 3 20.64 -10.48 -5.91
C GLU A 3 19.93 -10.17 -7.23
N PRO A 4 18.61 -10.07 -7.20
CA PRO A 4 17.82 -9.76 -8.42
C PRO A 4 17.99 -8.32 -8.89
N PHE A 5 17.93 -7.39 -7.95
CA PHE A 5 18.08 -5.97 -8.27
C PHE A 5 18.90 -5.27 -7.20
N GLN A 6 18.33 -5.13 -6.02
CA GLN A 6 19.01 -4.47 -4.92
C GLN A 6 18.37 -4.85 -3.58
N ILE A 7 19.09 -4.57 -2.50
CA ILE A 7 18.58 -4.89 -1.17
C ILE A 7 17.18 -4.32 -0.97
N LEU A 8 16.95 -3.14 -1.55
CA LEU A 8 15.65 -2.48 -1.42
C LEU A 8 14.57 -3.31 -2.11
N SER A 9 14.94 -3.97 -3.20
CA SER A 9 14.01 -4.80 -3.94
C SER A 9 13.67 -6.06 -3.17
N ILE A 10 14.66 -6.64 -2.52
CA ILE A 10 14.45 -7.85 -1.73
C ILE A 10 13.47 -7.59 -0.59
N CYS A 11 13.71 -6.52 0.15
CA CYS A 11 12.85 -6.18 1.27
C CYS A 11 11.43 -5.89 0.77
N SER A 12 11.32 -5.02 -0.22
CA SER A 12 10.02 -4.66 -0.76
C SER A 12 9.24 -5.91 -1.17
N PHE A 13 9.93 -6.83 -1.82
CA PHE A 13 9.29 -8.07 -2.25
C PHE A 13 8.70 -8.83 -1.07
N ILE A 14 9.50 -8.99 -0.02
CA ILE A 14 9.03 -9.71 1.17
C ILE A 14 7.86 -8.99 1.83
N LEU A 15 7.97 -7.68 1.95
CA LEU A 15 6.92 -6.87 2.56
C LEU A 15 5.63 -6.95 1.75
N SER A 16 5.78 -7.06 0.43
CA SER A 16 4.62 -7.16 -0.45
C SER A 16 3.95 -8.53 -0.32
N ALA A 17 4.74 -9.59 -0.40
CA ALA A 17 4.22 -10.94 -0.29
C ALA A 17 3.54 -11.14 1.06
N LEU A 18 4.18 -10.62 2.11
CA LEU A 18 3.63 -10.75 3.46
C LEU A 18 2.35 -9.94 3.61
N HIS A 19 2.34 -8.74 3.05
CA HIS A 19 1.18 -7.87 3.16
C HIS A 19 -0.05 -8.51 2.54
N PHE A 20 0.13 -9.12 1.39
CA PHE A 20 -0.96 -9.79 0.70
C PHE A 20 -1.32 -11.10 1.37
N MET A 21 -0.33 -11.77 1.94
CA MET A 21 -0.57 -13.05 2.61
C MET A 21 -1.30 -12.88 3.93
N ALA A 22 -0.75 -12.04 4.79
CA ALA A 22 -1.35 -11.79 6.09
C ALA A 22 -2.75 -11.23 5.94
N TRP A 23 -2.91 -10.28 5.03
CA TRP A 23 -4.22 -9.69 4.84
C TRP A 23 -5.16 -10.67 4.17
N THR A 24 -4.62 -11.57 3.36
CA THR A 24 -5.44 -12.56 2.68
C THR A 24 -6.09 -13.50 3.69
N ILE A 25 -5.28 -14.11 4.53
CA ILE A 25 -5.78 -15.03 5.55
C ILE A 25 -6.73 -14.30 6.51
N GLY A 26 -6.35 -13.09 6.89
CA GLY A 26 -7.17 -12.28 7.79
C GLY A 26 -8.53 -11.97 7.18
N HIS A 27 -8.53 -11.69 5.88
CA HIS A 27 -9.76 -11.37 5.16
C HIS A 27 -10.67 -12.60 5.09
N LEU A 28 -10.07 -13.76 4.88
CA LEU A 28 -10.84 -15.01 4.79
C LEU A 28 -11.56 -15.29 6.11
N ASN A 29 -12.77 -15.83 6.01
CA ASN A 29 -13.54 -16.16 7.20
C ASN A 29 -13.16 -17.55 7.72
N GLN A 30 -12.68 -17.59 8.95
CA GLN A 30 -12.28 -18.86 9.55
C GLN A 30 -13.08 -19.12 10.83
N ILE A 31 -13.86 -20.19 10.83
CA ILE A 31 -14.67 -20.53 12.00
C ILE A 31 -14.31 -21.92 12.52
N LYS A 32 -13.88 -21.98 13.78
CA LYS A 32 -13.51 -23.26 14.37
C LYS A 32 -14.75 -24.11 14.64
N ARG A 33 -15.07 -24.99 13.71
CA ARG A 33 -16.24 -25.85 13.85
C ARG A 33 -15.89 -27.10 14.67
N MET B 1 10.98 -2.76 -26.07
CA MET B 1 10.00 -1.76 -26.58
C MET B 1 8.59 -2.26 -26.34
N PHE B 2 8.43 -3.57 -26.30
CA PHE B 2 7.12 -4.17 -26.08
C PHE B 2 6.59 -3.79 -24.70
N GLU B 3 7.49 -3.78 -23.71
CA GLU B 3 7.10 -3.44 -22.35
C GLU B 3 7.16 -1.93 -22.12
N PRO B 4 6.37 -1.41 -21.20
CA PRO B 4 6.35 0.05 -20.90
C PRO B 4 7.62 0.50 -20.16
N PHE B 5 8.03 -0.27 -19.16
CA PHE B 5 9.22 0.07 -18.39
C PHE B 5 10.01 -1.20 -18.07
N GLN B 6 9.45 -2.03 -17.20
CA GLN B 6 10.10 -3.26 -16.81
C GLN B 6 9.10 -4.23 -16.21
N ILE B 7 9.49 -5.49 -16.11
CA ILE B 7 8.63 -6.52 -15.55
C ILE B 7 8.08 -6.09 -14.20
N LEU B 8 8.90 -5.39 -13.43
CA LEU B 8 8.49 -4.92 -12.11
C LEU B 8 7.37 -3.91 -12.22
N SER B 9 7.40 -3.12 -13.29
CA SER B 9 6.36 -2.12 -13.53
C SER B 9 5.05 -2.78 -13.91
N ILE B 10 5.13 -3.82 -14.73
CA ILE B 10 3.93 -4.53 -15.17
C ILE B 10 3.21 -5.15 -13.97
N CYS B 11 3.96 -5.85 -13.13
CA CYS B 11 3.37 -6.49 -11.96
C CYS B 11 2.77 -5.44 -11.04
N SER B 12 3.56 -4.42 -10.71
CA SER B 12 3.09 -3.37 -9.81
C SER B 12 1.79 -2.78 -10.31
N PHE B 13 1.73 -2.54 -11.61
CA PHE B 13 0.53 -1.96 -12.22
C PHE B 13 -0.69 -2.85 -11.97
N ILE B 14 -0.53 -4.14 -12.22
CA ILE B 14 -1.63 -5.08 -12.03
C ILE B 14 -2.04 -5.16 -10.55
N LEU B 15 -1.06 -5.21 -9.68
CA LEU B 15 -1.31 -5.29 -8.24
C LEU B 15 -2.01 -4.02 -7.75
N SER B 16 -1.69 -2.90 -8.37
CA SER B 16 -2.31 -1.63 -8.00
C SER B 16 -3.75 -1.57 -8.48
N ALA B 17 -3.98 -1.90 -9.73
CA ALA B 17 -5.33 -1.88 -10.29
C ALA B 17 -6.22 -2.85 -9.56
N LEU B 18 -5.70 -4.02 -9.24
CA LEU B 18 -6.46 -5.03 -8.53
C LEU B 18 -6.75 -4.60 -7.09
N HIS B 19 -5.76 -3.99 -6.45
CA HIS B 19 -5.92 -3.56 -5.08
C HIS B 19 -7.05 -2.53 -4.94
N PHE B 20 -7.09 -1.60 -5.89
CA PHE B 20 -8.12 -0.58 -5.87
C PHE B 20 -9.46 -1.13 -6.33
N MET B 21 -9.43 -2.10 -7.23
CA MET B 21 -10.66 -2.70 -7.74
C MET B 21 -11.33 -3.59 -6.71
N ALA B 22 -10.57 -4.54 -6.18
CA ALA B 22 -11.09 -5.47 -5.19
C ALA B 22 -11.57 -4.73 -3.96
N TRP B 23 -10.78 -3.76 -3.50
CA TRP B 23 -11.16 -3.00 -2.33
C TRP B 23 -12.33 -2.08 -2.64
N THR B 24 -12.42 -1.62 -3.88
CA THR B 24 -13.51 -0.74 -4.28
C THR B 24 -14.85 -1.46 -4.16
N ILE B 25 -14.96 -2.62 -4.82
CA ILE B 25 -16.19 -3.39 -4.78
C ILE B 25 -16.52 -3.82 -3.36
N GLY B 26 -15.48 -4.24 -2.63
CA GLY B 26 -15.66 -4.68 -1.24
C GLY B 26 -16.18 -3.53 -0.38
N HIS B 27 -15.66 -2.33 -0.62
CA HIS B 27 -16.08 -1.15 0.13
C HIS B 27 -17.53 -0.80 -0.15
N LEU B 28 -17.93 -0.93 -1.41
CA LEU B 28 -19.30 -0.62 -1.81
C LEU B 28 -20.29 -1.55 -1.11
N ASN B 29 -21.45 -1.01 -0.74
CA ASN B 29 -22.48 -1.80 -0.07
C ASN B 29 -23.34 -2.52 -1.10
N GLN B 30 -23.35 -3.85 -1.03
CA GLN B 30 -24.15 -4.65 -1.96
C GLN B 30 -25.15 -5.50 -1.19
N ILE B 31 -26.44 -5.25 -1.44
CA ILE B 31 -27.48 -6.01 -0.75
C ILE B 31 -28.37 -6.73 -1.77
N LYS B 32 -28.44 -8.04 -1.66
CA LYS B 32 -29.25 -8.83 -2.58
C LYS B 32 -30.74 -8.63 -2.28
N ARG B 33 -31.36 -7.72 -3.02
CA ARG B 33 -32.78 -7.44 -2.81
C ARG B 33 -33.64 -8.40 -3.62
N MET C 1 11.28 19.17 -17.79
CA MET C 1 11.56 20.06 -16.63
C MET C 1 10.24 20.41 -15.93
N PHE C 2 9.16 20.40 -16.70
CA PHE C 2 7.85 20.72 -16.14
C PHE C 2 7.44 19.68 -15.10
N GLU C 3 7.76 18.43 -15.37
CA GLU C 3 7.42 17.35 -14.45
C GLU C 3 8.52 17.14 -13.42
N PRO C 4 8.18 16.65 -12.25
CA PRO C 4 9.17 16.40 -11.16
C PRO C 4 10.10 15.24 -11.48
N PHE C 5 9.53 14.14 -11.94
CA PHE C 5 10.31 12.95 -12.27
C PHE C 5 9.79 12.30 -13.55
N GLN C 6 8.60 11.71 -13.45
CA GLN C 6 7.98 11.07 -14.60
C GLN C 6 6.48 10.91 -14.38
N ILE C 7 5.78 10.62 -15.46
CA ILE C 7 4.32 10.45 -15.40
C ILE C 7 3.96 9.44 -14.31
N LEU C 8 4.79 8.43 -14.14
CA LEU C 8 4.55 7.40 -13.15
C LEU C 8 4.62 7.98 -11.74
N SER C 9 5.50 8.96 -11.57
CA SER C 9 5.67 9.62 -10.28
C SER C 9 4.46 10.49 -9.95
N ILE C 10 3.96 11.20 -10.97
CA ILE C 10 2.81 12.06 -10.79
C ILE C 10 1.59 11.25 -10.33
N CYS C 11 1.32 10.15 -11.04
CA CYS C 11 0.18 9.31 -10.70
C CYS C 11 0.35 8.74 -9.30
N SER C 12 1.50 8.15 -9.03
CA SER C 12 1.75 7.53 -7.74
C SER C 12 1.53 8.54 -6.63
N PHE C 13 2.01 9.76 -6.83
CA PHE C 13 1.84 10.81 -5.84
C PHE C 13 0.37 11.05 -5.53
N ILE C 14 -0.43 11.20 -6.59
CA ILE C 14 -1.86 11.45 -6.41
C ILE C 14 -2.54 10.27 -5.72
N LEU C 15 -2.21 9.06 -6.15
CA LEU C 15 -2.79 7.85 -5.57
C LEU C 15 -2.41 7.73 -4.09
N SER C 16 -1.21 8.18 -3.76
CA SER C 16 -0.75 8.13 -2.37
C SER C 16 -1.48 9.15 -1.51
N ALA C 17 -1.54 10.39 -1.98
CA ALA C 17 -2.21 11.45 -1.24
C ALA C 17 -3.68 11.12 -1.05
N LEU C 18 -4.30 10.58 -2.09
CA LEU C 18 -5.71 10.23 -2.02
C LEU C 18 -5.93 9.05 -1.09
N HIS C 19 -5.04 8.07 -1.15
CA HIS C 19 -5.17 6.88 -0.31
C HIS C 19 -5.14 7.25 1.17
N PHE C 20 -4.23 8.14 1.53
CA PHE C 20 -4.10 8.59 2.92
C PHE C 20 -5.24 9.53 3.30
N MET C 21 -5.70 10.32 2.34
CA MET C 21 -6.78 11.28 2.60
C MET C 21 -8.12 10.58 2.78
N ALA C 22 -8.49 9.77 1.80
CA ALA C 22 -9.75 9.06 1.85
C ALA C 22 -9.82 8.15 3.06
N TRP C 23 -8.72 7.43 3.31
CA TRP C 23 -8.70 6.53 4.45
C TRP C 23 -8.67 7.32 5.76
N THR C 24 -8.06 8.49 5.73
CA THR C 24 -7.97 9.32 6.93
C THR C 24 -9.37 9.74 7.38
N ILE C 25 -10.13 10.37 6.47
CA ILE C 25 -11.46 10.82 6.80
C ILE C 25 -12.36 9.64 7.17
N GLY C 26 -12.21 8.54 6.43
CA GLY C 26 -13.00 7.34 6.69
C GLY C 26 -12.70 6.78 8.08
N HIS C 27 -11.43 6.82 8.47
CA HIS C 27 -11.00 6.33 9.77
C HIS C 27 -11.57 7.19 10.90
N LEU C 28 -11.59 8.50 10.68
CA LEU C 28 -12.11 9.43 11.67
C LEU C 28 -13.59 9.17 11.94
N ASN C 29 -13.99 9.33 13.20
CA ASN C 29 -15.38 9.12 13.57
C ASN C 29 -16.20 10.39 13.35
N GLN C 30 -17.20 10.30 12.48
CA GLN C 30 -18.05 11.46 12.20
C GLN C 30 -19.50 11.14 12.55
N ILE C 31 -20.05 11.90 13.49
CA ILE C 31 -21.43 11.68 13.91
C ILE C 31 -22.24 12.96 13.70
N LYS C 32 -23.30 12.85 12.90
CA LYS C 32 -24.15 14.01 12.62
C LYS C 32 -25.00 14.35 13.85
N ARG C 33 -24.52 15.29 14.65
CA ARG C 33 -25.24 15.69 15.85
C ARG C 33 -26.27 16.75 15.52
N MET D 1 25.93 12.09 0.17
CA MET D 1 26.44 10.95 1.00
C MET D 1 25.67 10.89 2.30
N PHE D 2 25.16 12.04 2.74
CA PHE D 2 24.40 12.09 3.98
C PHE D 2 23.12 11.27 3.87
N GLU D 3 22.49 11.34 2.70
CA GLU D 3 21.25 10.60 2.47
C GLU D 3 21.55 9.18 1.98
N PRO D 4 20.67 8.24 2.23
CA PRO D 4 20.85 6.83 1.79
C PRO D 4 20.70 6.66 0.29
N PHE D 5 19.65 7.28 -0.27
CA PHE D 5 19.39 7.20 -1.70
C PHE D 5 18.92 8.54 -2.23
N GLN D 6 17.71 8.93 -1.85
CA GLN D 6 17.15 10.19 -2.30
C GLN D 6 16.01 10.63 -1.37
N ILE D 7 15.63 11.89 -1.47
CA ILE D 7 14.56 12.42 -0.65
C ILE D 7 13.31 11.55 -0.74
N LEU D 8 13.07 11.01 -1.93
CA LEU D 8 11.91 10.15 -2.16
C LEU D 8 12.02 8.88 -1.32
N SER D 9 13.24 8.39 -1.16
CA SER D 9 13.49 7.19 -0.39
C SER D 9 13.26 7.44 1.10
N ILE D 10 13.69 8.61 1.58
CA ILE D 10 13.52 8.95 2.98
C ILE D 10 12.04 9.03 3.34
N CYS D 11 11.27 9.73 2.52
CA CYS D 11 9.84 9.85 2.78
C CYS D 11 9.16 8.49 2.74
N SER D 12 9.41 7.74 1.67
CA SER D 12 8.80 6.44 1.52
C SER D 12 9.08 5.57 2.73
N PHE D 13 10.32 5.61 3.21
CA PHE D 13 10.71 4.82 4.36
C PHE D 13 9.85 5.18 5.58
N ILE D 14 9.72 6.48 5.84
CA ILE D 14 8.94 6.93 6.99
C ILE D 14 7.47 6.54 6.83
N LEU D 15 6.93 6.73 5.64
CA LEU D 15 5.53 6.39 5.37
C LEU D 15 5.31 4.89 5.54
N SER D 16 6.31 4.10 5.19
CA SER D 16 6.21 2.66 5.31
C SER D 16 6.24 2.22 6.77
N ALA D 17 7.23 2.73 7.51
CA ALA D 17 7.36 2.38 8.92
C ALA D 17 6.13 2.82 9.70
N LEU D 18 5.62 4.00 9.38
CA LEU D 18 4.44 4.51 10.05
C LEU D 18 3.20 3.70 9.69
N HIS D 19 3.08 3.34 8.42
CA HIS D 19 1.93 2.58 7.96
C HIS D 19 1.82 1.24 8.68
N PHE D 20 2.95 0.58 8.84
CA PHE D 20 2.99 -0.71 9.52
C PHE D 20 2.84 -0.53 11.04
N MET D 21 3.36 0.57 11.56
CA MET D 21 3.28 0.82 12.99
C MET D 21 1.87 1.19 13.44
N ALA D 22 1.31 2.19 12.78
CA ALA D 22 -0.03 2.65 13.12
C ALA D 22 -1.03 1.53 12.92
N TRP D 23 -0.91 0.82 11.81
CA TRP D 23 -1.84 -0.27 11.56
C TRP D 23 -1.60 -1.43 12.50
N THR D 24 -0.36 -1.60 12.92
CA THR D 24 -0.03 -2.69 13.84
C THR D 24 -0.74 -2.49 15.19
N ILE D 25 -0.53 -1.33 15.79
CA ILE D 25 -1.16 -1.02 17.07
C ILE D 25 -2.68 -1.05 16.95
N GLY D 26 -3.18 -0.50 15.85
CA GLY D 26 -4.63 -0.46 15.62
C GLY D 26 -5.20 -1.87 15.49
N HIS D 27 -4.45 -2.75 14.83
CA HIS D 27 -4.87 -4.14 14.65
C HIS D 27 -4.91 -4.87 15.99
N LEU D 28 -3.92 -4.60 16.84
CA LEU D 28 -3.84 -5.25 18.14
C LEU D 28 -5.05 -4.88 19.00
N ASN D 29 -5.53 -5.84 19.78
CA ASN D 29 -6.69 -5.60 20.65
C ASN D 29 -6.23 -5.00 21.97
N GLN D 30 -6.72 -3.80 22.27
CA GLN D 30 -6.36 -3.14 23.52
C GLN D 30 -7.61 -2.86 24.33
N ILE D 31 -7.67 -3.44 25.53
CA ILE D 31 -8.82 -3.25 26.41
C ILE D 31 -8.37 -2.66 27.74
N LYS D 32 -8.92 -1.49 28.08
CA LYS D 32 -8.57 -0.83 29.33
C LYS D 32 -9.19 -1.56 30.51
N ARG D 33 -8.42 -2.46 31.12
CA ARG D 33 -8.90 -3.23 32.25
C ARG D 33 -8.71 -2.44 33.55
N MET A 1 27.24 -9.50 -9.65
CA MET A 1 25.89 -9.22 -9.10
C MET A 1 25.26 -10.51 -8.59
N PHE A 2 25.41 -10.76 -7.30
CA PHE A 2 24.85 -11.98 -6.70
C PHE A 2 23.39 -11.76 -6.33
N GLU A 3 23.03 -10.51 -6.06
CA GLU A 3 21.66 -10.20 -5.68
C GLU A 3 20.75 -10.16 -6.91
N PRO A 4 19.48 -10.43 -6.74
CA PRO A 4 18.49 -10.41 -7.86
C PRO A 4 18.18 -9.00 -8.34
N PHE A 5 18.00 -8.09 -7.40
CA PHE A 5 17.71 -6.70 -7.74
C PHE A 5 18.39 -5.75 -6.75
N GLN A 6 17.73 -5.49 -5.62
CA GLN A 6 18.28 -4.61 -4.60
C GLN A 6 17.75 -4.99 -3.23
N ILE A 7 18.45 -4.54 -2.19
CA ILE A 7 18.04 -4.84 -0.83
C ILE A 7 16.63 -4.32 -0.57
N LEU A 8 16.31 -3.18 -1.18
CA LEU A 8 14.99 -2.59 -1.02
C LEU A 8 13.93 -3.39 -1.78
N SER A 9 14.34 -3.96 -2.90
CA SER A 9 13.44 -4.77 -3.72
C SER A 9 13.12 -6.08 -3.02
N ILE A 10 14.14 -6.72 -2.45
CA ILE A 10 13.95 -7.98 -1.76
C ILE A 10 13.06 -7.80 -0.53
N CYS A 11 13.33 -6.77 0.25
CA CYS A 11 12.55 -6.51 1.46
C CYS A 11 11.09 -6.29 1.08
N SER A 12 10.84 -5.41 0.11
CA SER A 12 9.48 -5.14 -0.31
C SER A 12 8.83 -6.40 -0.86
N PHE A 13 9.59 -7.20 -1.60
CA PHE A 13 9.05 -8.42 -2.19
C PHE A 13 8.46 -9.33 -1.11
N ILE A 14 9.27 -9.68 -0.12
CA ILE A 14 8.82 -10.56 0.95
C ILE A 14 7.71 -9.88 1.76
N LEU A 15 7.87 -8.59 1.99
CA LEU A 15 6.89 -7.83 2.76
C LEU A 15 5.56 -7.79 2.02
N SER A 16 5.63 -7.87 0.70
CA SER A 16 4.43 -7.84 -0.13
C SER A 16 3.69 -9.17 -0.02
N ALA A 17 4.43 -10.26 -0.12
CA ALA A 17 3.81 -11.58 -0.05
C ALA A 17 3.07 -11.74 1.26
N LEU A 18 3.75 -11.46 2.37
CA LEU A 18 3.13 -11.57 3.68
C LEU A 18 2.07 -10.49 3.87
N HIS A 19 2.24 -9.38 3.16
CA HIS A 19 1.29 -8.29 3.26
C HIS A 19 -0.09 -8.71 2.78
N PHE A 20 -0.15 -9.27 1.58
CA PHE A 20 -1.41 -9.72 1.03
C PHE A 20 -1.88 -10.99 1.74
N MET A 21 -0.94 -11.71 2.36
CA MET A 21 -1.29 -12.93 3.06
C MET A 21 -2.10 -12.61 4.32
N ALA A 22 -1.52 -11.80 5.20
CA ALA A 22 -2.20 -11.44 6.44
C ALA A 22 -3.46 -10.63 6.15
N TRP A 23 -3.38 -9.73 5.18
CA TRP A 23 -4.52 -8.88 4.84
C TRP A 23 -5.70 -9.73 4.36
N THR A 24 -5.40 -10.75 3.55
CA THR A 24 -6.45 -11.64 3.04
C THR A 24 -7.05 -12.46 4.17
N ILE A 25 -6.21 -12.89 5.10
CA ILE A 25 -6.68 -13.68 6.23
C ILE A 25 -7.67 -12.87 7.07
N GLY A 26 -7.33 -11.62 7.35
CA GLY A 26 -8.20 -10.76 8.15
C GLY A 26 -9.52 -10.52 7.44
N HIS A 27 -9.45 -10.30 6.13
CA HIS A 27 -10.65 -10.07 5.34
C HIS A 27 -11.59 -11.27 5.41
N LEU A 28 -11.01 -12.46 5.32
CA LEU A 28 -11.79 -13.69 5.36
C LEU A 28 -12.01 -14.13 6.81
N ASN A 29 -13.25 -14.52 7.12
CA ASN A 29 -13.57 -14.97 8.47
C ASN A 29 -13.23 -16.45 8.65
N GLN A 30 -12.28 -16.73 9.53
CA GLN A 30 -11.87 -18.11 9.78
C GLN A 30 -12.65 -18.69 10.95
N ILE A 31 -13.00 -19.97 10.85
CA ILE A 31 -13.75 -20.62 11.91
C ILE A 31 -13.10 -21.95 12.29
N LYS A 32 -13.35 -22.40 13.52
CA LYS A 32 -12.77 -23.65 13.99
C LYS A 32 -13.67 -24.82 13.61
N ARG A 33 -13.30 -25.54 12.55
CA ARG A 33 -14.08 -26.68 12.09
C ARG A 33 -13.54 -27.97 12.69
N MET B 1 12.68 -2.47 -27.88
CA MET B 1 11.89 -2.43 -26.62
C MET B 1 10.42 -2.68 -26.94
N PHE B 2 9.99 -3.93 -26.82
CA PHE B 2 8.60 -4.27 -27.09
C PHE B 2 7.73 -4.03 -25.86
N GLU B 3 8.35 -4.12 -24.69
CA GLU B 3 7.62 -3.91 -23.45
C GLU B 3 7.38 -2.41 -23.19
N PRO B 4 6.34 -2.08 -22.47
CA PRO B 4 6.02 -0.65 -22.15
C PRO B 4 6.99 -0.06 -21.12
N PHE B 5 7.29 -0.84 -20.08
CA PHE B 5 8.21 -0.39 -19.05
C PHE B 5 9.07 -1.55 -18.56
N GLN B 6 8.55 -2.33 -17.61
CA GLN B 6 9.28 -3.46 -17.06
C GLN B 6 8.31 -4.51 -16.56
N ILE B 7 8.81 -5.74 -16.40
CA ILE B 7 7.97 -6.84 -15.93
C ILE B 7 7.40 -6.51 -14.55
N LEU B 8 8.18 -5.80 -13.74
CA LEU B 8 7.74 -5.41 -12.41
C LEU B 8 6.69 -4.31 -12.49
N SER B 9 6.83 -3.45 -13.48
CA SER B 9 5.87 -2.36 -13.68
C SER B 9 4.53 -2.89 -14.15
N ILE B 10 4.57 -3.83 -15.09
CA ILE B 10 3.35 -4.41 -15.63
C ILE B 10 2.59 -5.18 -14.54
N CYS B 11 3.32 -5.99 -13.78
CA CYS B 11 2.70 -6.77 -12.72
C CYS B 11 2.04 -5.84 -11.71
N SER B 12 2.78 -4.85 -11.23
CA SER B 12 2.23 -3.91 -10.27
C SER B 12 1.04 -3.17 -10.86
N PHE B 13 1.12 -2.81 -12.13
CA PHE B 13 0.03 -2.08 -12.79
C PHE B 13 -1.28 -2.85 -12.70
N ILE B 14 -1.28 -4.08 -13.18
CA ILE B 14 -2.49 -4.90 -13.15
C ILE B 14 -2.90 -5.18 -11.70
N LEU B 15 -1.91 -5.45 -10.87
CA LEU B 15 -2.18 -5.74 -9.46
C LEU B 15 -2.79 -4.54 -8.77
N SER B 16 -2.47 -3.35 -9.27
CA SER B 16 -2.99 -2.12 -8.70
C SER B 16 -4.45 -1.94 -9.08
N ALA B 17 -4.77 -2.17 -10.35
CA ALA B 17 -6.13 -2.01 -10.83
C ALA B 17 -7.06 -2.92 -10.04
N LEU B 18 -6.71 -4.21 -9.96
CA LEU B 18 -7.53 -5.16 -9.23
C LEU B 18 -7.46 -4.90 -7.73
N HIS B 19 -6.36 -4.29 -7.30
CA HIS B 19 -6.18 -3.99 -5.89
C HIS B 19 -7.24 -3.00 -5.41
N PHE B 20 -7.37 -1.89 -6.12
CA PHE B 20 -8.36 -0.89 -5.75
C PHE B 20 -9.76 -1.37 -6.09
N MET B 21 -9.85 -2.33 -7.02
CA MET B 21 -11.14 -2.86 -7.40
C MET B 21 -11.76 -3.68 -6.28
N ALA B 22 -11.03 -4.71 -5.84
CA ALA B 22 -11.52 -5.57 -4.77
C ALA B 22 -11.65 -4.80 -3.46
N TRP B 23 -10.68 -3.92 -3.19
CA TRP B 23 -10.69 -3.14 -1.96
C TRP B 23 -11.93 -2.25 -1.90
N THR B 24 -12.28 -1.65 -3.03
CA THR B 24 -13.45 -0.78 -3.10
C THR B 24 -14.73 -1.58 -2.93
N ILE B 25 -14.76 -2.78 -3.49
CA ILE B 25 -15.93 -3.64 -3.38
C ILE B 25 -16.19 -4.01 -1.92
N GLY B 26 -15.12 -4.38 -1.21
CA GLY B 26 -15.26 -4.75 0.20
C GLY B 26 -15.74 -3.57 1.03
N HIS B 27 -15.18 -2.40 0.75
CA HIS B 27 -15.56 -1.18 1.47
C HIS B 27 -17.05 -0.90 1.29
N LEU B 28 -17.54 -1.06 0.06
CA LEU B 28 -18.94 -0.81 -0.24
C LEU B 28 -19.78 -2.06 0.04
N ASN B 29 -20.92 -1.87 0.68
CA ASN B 29 -21.81 -2.99 1.00
C ASN B 29 -22.72 -3.31 -0.17
N GLN B 30 -22.54 -4.50 -0.75
CA GLN B 30 -23.36 -4.91 -1.88
C GLN B 30 -24.58 -5.68 -1.40
N ILE B 31 -25.70 -5.48 -2.08
CA ILE B 31 -26.94 -6.16 -1.71
C ILE B 31 -27.59 -6.79 -2.93
N LYS B 32 -28.39 -7.82 -2.71
CA LYS B 32 -29.08 -8.50 -3.80
C LYS B 32 -30.41 -7.82 -4.12
N ARG B 33 -30.41 -7.01 -5.17
CA ARG B 33 -31.62 -6.29 -5.57
C ARG B 33 -32.39 -7.09 -6.63
N MET C 1 13.26 19.98 -19.00
CA MET C 1 12.48 19.16 -18.05
C MET C 1 11.45 20.03 -17.34
N PHE C 2 10.23 20.05 -17.86
CA PHE C 2 9.17 20.84 -17.27
C PHE C 2 8.49 20.07 -16.14
N GLU C 3 8.53 18.74 -16.23
CA GLU C 3 7.91 17.92 -15.20
C GLU C 3 8.80 17.83 -13.96
N PRO C 4 8.21 17.61 -12.80
CA PRO C 4 8.97 17.49 -11.52
C PRO C 4 9.77 16.19 -11.44
N PHE C 5 9.13 15.09 -11.84
CA PHE C 5 9.78 13.79 -11.81
C PHE C 5 9.36 12.95 -13.02
N GLN C 6 8.23 12.26 -12.89
CA GLN C 6 7.72 11.42 -13.96
C GLN C 6 6.20 11.31 -13.88
N ILE C 7 5.58 10.92 -14.98
CA ILE C 7 4.13 10.78 -15.02
C ILE C 7 3.67 9.77 -13.97
N LEU C 8 4.49 8.74 -13.76
CA LEU C 8 4.16 7.71 -12.78
C LEU C 8 4.32 8.25 -11.36
N SER C 9 5.29 9.13 -11.18
CA SER C 9 5.54 9.74 -9.88
C SER C 9 4.41 10.69 -9.50
N ILE C 10 3.98 11.50 -10.46
CA ILE C 10 2.91 12.46 -10.22
C ILE C 10 1.60 11.75 -9.88
N CYS C 11 1.28 10.72 -10.68
CA CYS C 11 0.04 9.96 -10.45
C CYS C 11 0.07 9.36 -9.06
N SER C 12 1.15 8.66 -8.73
CA SER C 12 1.25 8.03 -7.42
C SER C 12 1.19 9.08 -6.32
N PHE C 13 1.82 10.22 -6.54
CA PHE C 13 1.83 11.27 -5.54
C PHE C 13 0.41 11.69 -5.15
N ILE C 14 -0.37 12.09 -6.14
CA ILE C 14 -1.74 12.52 -5.88
C ILE C 14 -2.57 11.36 -5.34
N LEU C 15 -2.34 10.18 -5.91
CA LEU C 15 -3.08 8.99 -5.48
C LEU C 15 -2.76 8.66 -4.04
N SER C 16 -1.55 9.02 -3.61
CA SER C 16 -1.13 8.76 -2.25
C SER C 16 -1.82 9.70 -1.28
N ALA C 17 -1.87 10.98 -1.64
CA ALA C 17 -2.50 11.97 -0.78
C ALA C 17 -3.95 11.59 -0.52
N LEU C 18 -4.69 11.34 -1.60
CA LEU C 18 -6.09 10.96 -1.47
C LEU C 18 -6.23 9.57 -0.86
N HIS C 19 -5.19 8.74 -1.05
CA HIS C 19 -5.21 7.40 -0.50
C HIS C 19 -5.27 7.42 1.02
N PHE C 20 -4.36 8.16 1.63
CA PHE C 20 -4.34 8.26 3.08
C PHE C 20 -5.49 9.13 3.57
N MET C 21 -6.02 9.97 2.69
CA MET C 21 -7.14 10.82 3.06
C MET C 21 -8.41 10.01 3.27
N ALA C 22 -8.81 9.28 2.24
CA ALA C 22 -10.01 8.47 2.32
C ALA C 22 -9.85 7.35 3.35
N TRP C 23 -8.66 6.75 3.39
CA TRP C 23 -8.40 5.66 4.32
C TRP C 23 -8.55 6.14 5.77
N THR C 24 -8.04 7.33 6.04
CA THR C 24 -8.12 7.90 7.39
C THR C 24 -9.57 8.22 7.75
N ILE C 25 -10.33 8.71 6.76
CA ILE C 25 -11.73 9.03 7.00
C ILE C 25 -12.51 7.79 7.39
N GLY C 26 -12.29 6.70 6.65
CA GLY C 26 -13.00 5.45 6.94
C GLY C 26 -12.63 4.93 8.32
N HIS C 27 -11.36 5.01 8.67
CA HIS C 27 -10.89 4.55 9.97
C HIS C 27 -11.57 5.33 11.09
N LEU C 28 -11.69 6.64 10.91
CA LEU C 28 -12.32 7.49 11.90
C LEU C 28 -13.83 7.52 11.71
N ASN C 29 -14.58 7.40 12.80
CA ASN C 29 -16.03 7.42 12.73
C ASN C 29 -16.55 8.86 12.74
N GLN C 30 -17.18 9.26 11.65
CA GLN C 30 -17.72 10.61 11.53
C GLN C 30 -19.17 10.63 11.98
N ILE C 31 -19.57 11.71 12.65
CA ILE C 31 -20.94 11.84 13.13
C ILE C 31 -21.51 13.21 12.74
N LYS C 32 -22.83 13.28 12.64
CA LYS C 32 -23.50 14.53 12.28
C LYS C 32 -23.75 15.38 13.53
N ARG C 33 -22.90 16.38 13.75
CA ARG C 33 -23.04 17.25 14.90
C ARG C 33 -23.84 18.50 14.54
N MET D 1 28.27 12.35 -1.12
CA MET D 1 26.90 11.79 -0.87
C MET D 1 26.72 11.58 0.63
N PHE D 2 26.12 12.56 1.29
CA PHE D 2 25.89 12.47 2.73
C PHE D 2 24.60 11.71 3.01
N GLU D 3 23.66 11.77 2.06
CA GLU D 3 22.38 11.09 2.22
C GLU D 3 22.53 9.59 1.95
N PRO D 4 21.68 8.78 2.55
CA PRO D 4 21.71 7.30 2.37
C PRO D 4 21.22 6.89 0.98
N PHE D 5 20.13 7.51 0.54
CA PHE D 5 19.57 7.20 -0.77
C PHE D 5 19.02 8.47 -1.42
N GLN D 6 17.77 8.82 -1.10
CA GLN D 6 17.13 10.00 -1.66
C GLN D 6 16.10 10.56 -0.69
N ILE D 7 15.73 11.81 -0.87
CA ILE D 7 14.75 12.45 -0.02
C ILE D 7 13.42 11.68 -0.07
N LEU D 8 13.11 11.14 -1.24
CA LEU D 8 11.88 10.37 -1.43
C LEU D 8 11.98 9.02 -0.73
N SER D 9 13.18 8.47 -0.71
CA SER D 9 13.42 7.18 -0.07
C SER D 9 13.33 7.31 1.45
N ILE D 10 13.93 8.37 1.98
CA ILE D 10 13.90 8.60 3.43
C ILE D 10 12.48 8.82 3.90
N CYS D 11 11.74 9.68 3.20
CA CYS D 11 10.36 9.98 3.58
C CYS D 11 9.53 8.71 3.58
N SER D 12 9.60 7.95 2.49
CA SER D 12 8.84 6.72 2.40
C SER D 12 9.27 5.74 3.50
N PHE D 13 10.57 5.69 3.77
CA PHE D 13 11.07 4.77 4.79
C PHE D 13 10.41 5.02 6.14
N ILE D 14 10.48 6.25 6.63
CA ILE D 14 9.88 6.58 7.91
C ILE D 14 8.36 6.43 7.85
N LEU D 15 7.78 6.85 6.72
CA LEU D 15 6.34 6.75 6.55
C LEU D 15 5.89 5.30 6.54
N SER D 16 6.78 4.42 6.12
CA SER D 16 6.48 3.00 6.08
C SER D 16 6.48 2.41 7.48
N ALA D 17 7.49 2.77 8.27
CA ALA D 17 7.59 2.24 9.63
C ALA D 17 6.35 2.61 10.42
N LEU D 18 6.00 3.90 10.41
CA LEU D 18 4.82 4.35 11.13
C LEU D 18 3.54 3.85 10.46
N HIS D 19 3.63 3.58 9.17
CA HIS D 19 2.48 3.09 8.43
C HIS D 19 2.04 1.73 8.96
N PHE D 20 2.98 0.80 9.04
CA PHE D 20 2.67 -0.52 9.54
C PHE D 20 2.44 -0.49 11.05
N MET D 21 2.98 0.53 11.70
CA MET D 21 2.82 0.66 13.15
C MET D 21 1.38 0.99 13.51
N ALA D 22 0.88 2.10 12.96
CA ALA D 22 -0.49 2.52 13.23
C ALA D 22 -1.49 1.52 12.69
N TRP D 23 -1.21 0.98 11.51
CA TRP D 23 -2.11 0.02 10.88
C TRP D 23 -2.24 -1.24 11.75
N THR D 24 -1.12 -1.70 12.30
CA THR D 24 -1.14 -2.88 13.15
C THR D 24 -1.89 -2.60 14.45
N ILE D 25 -1.72 -1.39 14.98
CA ILE D 25 -2.42 -1.02 16.21
C ILE D 25 -3.93 -1.06 16.02
N GLY D 26 -4.39 -0.48 14.91
CA GLY D 26 -5.82 -0.46 14.62
C GLY D 26 -6.37 -1.88 14.45
N HIS D 27 -5.61 -2.72 13.76
CA HIS D 27 -6.02 -4.09 13.54
C HIS D 27 -6.17 -4.83 14.87
N LEU D 28 -5.24 -4.60 15.78
CA LEU D 28 -5.28 -5.26 17.09
C LEU D 28 -6.13 -4.44 18.06
N ASN D 29 -6.99 -5.13 18.81
CA ASN D 29 -7.85 -4.46 19.78
C ASN D 29 -7.10 -4.24 21.09
N GLN D 30 -6.92 -2.98 21.47
CA GLN D 30 -6.21 -2.65 22.69
C GLN D 30 -7.22 -2.44 23.83
N ILE D 31 -6.85 -2.89 25.02
CA ILE D 31 -7.73 -2.76 26.18
C ILE D 31 -6.98 -2.16 27.36
N LYS D 32 -7.71 -1.51 28.26
CA LYS D 32 -7.09 -0.91 29.44
C LYS D 32 -6.98 -1.93 30.56
N ARG D 33 -5.77 -2.47 30.74
CA ARG D 33 -5.53 -3.46 31.78
C ARG D 33 -5.01 -2.79 33.05
N MET A 1 27.51 -9.14 -3.98
CA MET A 1 27.87 -9.21 -5.43
C MET A 1 26.98 -10.25 -6.11
N PHE A 2 25.73 -10.32 -5.67
CA PHE A 2 24.78 -11.28 -6.24
C PHE A 2 23.34 -10.84 -5.94
N GLU A 3 23.15 -9.55 -5.76
CA GLU A 3 21.81 -9.03 -5.46
C GLU A 3 20.93 -9.04 -6.72
N PRO A 4 19.63 -9.23 -6.56
CA PRO A 4 18.70 -9.26 -7.73
C PRO A 4 18.43 -7.87 -8.31
N PHE A 5 18.33 -6.88 -7.43
CA PHE A 5 18.08 -5.50 -7.85
C PHE A 5 18.74 -4.51 -6.89
N GLN A 6 18.05 -4.20 -5.80
CA GLN A 6 18.59 -3.29 -4.80
C GLN A 6 18.08 -3.65 -3.41
N ILE A 7 18.76 -3.15 -2.39
CA ILE A 7 18.38 -3.45 -1.02
C ILE A 7 17.00 -2.86 -0.71
N LEU A 8 16.77 -1.64 -1.17
CA LEU A 8 15.48 -0.97 -0.95
C LEU A 8 14.38 -1.65 -1.77
N SER A 9 14.74 -2.12 -2.95
CA SER A 9 13.77 -2.79 -3.81
C SER A 9 13.38 -4.13 -3.22
N ILE A 10 14.37 -4.86 -2.71
CA ILE A 10 14.12 -6.16 -2.10
C ILE A 10 13.26 -6.01 -0.85
N CYS A 11 13.57 -5.00 -0.05
CA CYS A 11 12.81 -4.77 1.18
C CYS A 11 11.34 -4.55 0.84
N SER A 12 11.09 -3.65 -0.10
CA SER A 12 9.71 -3.36 -0.51
C SER A 12 9.02 -4.62 -1.04
N PHE A 13 9.76 -5.41 -1.81
CA PHE A 13 9.21 -6.63 -2.39
C PHE A 13 8.75 -7.60 -1.29
N ILE A 14 9.64 -7.88 -0.34
CA ILE A 14 9.28 -8.79 0.76
C ILE A 14 8.19 -8.17 1.61
N LEU A 15 8.19 -6.84 1.72
CA LEU A 15 7.18 -6.16 2.51
C LEU A 15 5.79 -6.43 1.93
N SER A 16 5.58 -5.97 0.70
CA SER A 16 4.28 -6.16 0.06
C SER A 16 3.86 -7.62 0.10
N ALA A 17 4.82 -8.54 -0.05
CA ALA A 17 4.49 -9.95 0.00
C ALA A 17 3.90 -10.32 1.35
N LEU A 18 4.55 -9.86 2.41
CA LEU A 18 4.08 -10.15 3.77
C LEU A 18 2.74 -9.48 4.03
N HIS A 19 2.55 -8.30 3.45
CA HIS A 19 1.32 -7.55 3.62
C HIS A 19 0.15 -8.26 2.94
N PHE A 20 0.42 -8.85 1.79
CA PHE A 20 -0.60 -9.58 1.04
C PHE A 20 -0.92 -10.91 1.71
N MET A 21 0.11 -11.55 2.27
CA MET A 21 -0.07 -12.84 2.93
C MET A 21 -0.80 -12.70 4.26
N ALA A 22 -0.29 -11.81 5.10
CA ALA A 22 -0.88 -11.60 6.42
C ALA A 22 -2.32 -11.10 6.31
N TRP A 23 -2.56 -10.18 5.38
CA TRP A 23 -3.91 -9.67 5.21
C TRP A 23 -4.78 -10.71 4.50
N THR A 24 -4.17 -11.57 3.70
CA THR A 24 -4.93 -12.61 3.01
C THR A 24 -5.53 -13.59 4.01
N ILE A 25 -4.69 -14.18 4.84
CA ILE A 25 -5.14 -15.14 5.84
C ILE A 25 -6.03 -14.47 6.89
N GLY A 26 -5.62 -13.29 7.34
CA GLY A 26 -6.38 -12.55 8.35
C GLY A 26 -7.76 -12.20 7.82
N HIS A 27 -7.84 -11.89 6.53
CA HIS A 27 -9.10 -11.55 5.89
C HIS A 27 -9.97 -12.78 5.72
N LEU A 28 -9.34 -13.91 5.43
CA LEU A 28 -10.08 -15.16 5.23
C LEU A 28 -10.82 -15.56 6.50
N ASN A 29 -12.08 -15.93 6.34
CA ASN A 29 -12.89 -16.35 7.49
C ASN A 29 -13.57 -17.69 7.18
N GLN A 30 -13.56 -18.58 8.17
CA GLN A 30 -14.18 -19.88 7.99
C GLN A 30 -14.95 -20.28 9.24
N ILE A 31 -16.09 -20.92 9.05
CA ILE A 31 -16.90 -21.34 10.17
C ILE A 31 -17.51 -22.72 9.90
N LYS A 32 -17.75 -23.48 10.96
CA LYS A 32 -18.33 -24.81 10.81
C LYS A 32 -19.83 -24.72 10.58
N ARG A 33 -20.35 -25.64 9.78
CA ARG A 33 -21.77 -25.65 9.47
C ARG A 33 -22.53 -26.54 10.46
N MET B 1 11.76 -8.21 -25.27
CA MET B 1 12.28 -7.05 -26.06
C MET B 1 11.12 -6.13 -26.43
N PHE B 2 10.15 -6.02 -25.53
CA PHE B 2 8.98 -5.18 -25.78
C PHE B 2 8.29 -4.83 -24.47
N GLU B 3 9.06 -4.80 -23.39
CA GLU B 3 8.50 -4.48 -22.07
C GLU B 3 8.22 -2.98 -21.97
N PRO B 4 7.21 -2.58 -21.23
CA PRO B 4 6.86 -1.14 -21.05
C PRO B 4 7.83 -0.40 -20.14
N PHE B 5 8.28 -1.08 -19.09
CA PHE B 5 9.21 -0.48 -18.13
C PHE B 5 10.12 -1.55 -17.54
N GLN B 6 9.63 -2.23 -16.50
CA GLN B 6 10.42 -3.28 -15.85
C GLN B 6 9.49 -4.36 -15.30
N ILE B 7 10.06 -5.53 -15.03
CA ILE B 7 9.27 -6.63 -14.50
C ILE B 7 8.73 -6.28 -13.12
N LEU B 8 9.58 -5.68 -12.29
CA LEU B 8 9.18 -5.29 -10.94
C LEU B 8 8.16 -4.14 -10.99
N SER B 9 8.34 -3.26 -11.95
CA SER B 9 7.43 -2.13 -12.10
C SER B 9 6.06 -2.61 -12.56
N ILE B 10 6.06 -3.53 -13.51
CA ILE B 10 4.81 -4.08 -14.02
C ILE B 10 4.07 -4.85 -12.94
N CYS B 11 4.80 -5.63 -12.15
CA CYS B 11 4.19 -6.39 -11.08
C CYS B 11 3.48 -5.45 -10.12
N SER B 12 4.18 -4.42 -9.66
CA SER B 12 3.60 -3.47 -8.73
C SER B 12 2.37 -2.80 -9.35
N PHE B 13 2.46 -2.46 -10.63
CA PHE B 13 1.35 -1.81 -11.32
C PHE B 13 0.09 -2.68 -11.30
N ILE B 14 0.24 -3.94 -11.72
CA ILE B 14 -0.91 -4.85 -11.73
C ILE B 14 -1.38 -5.13 -10.31
N LEU B 15 -0.44 -5.12 -9.37
CA LEU B 15 -0.78 -5.35 -7.98
C LEU B 15 -1.74 -4.27 -7.49
N SER B 16 -1.25 -3.03 -7.46
CA SER B 16 -2.07 -1.92 -7.00
C SER B 16 -3.42 -1.90 -7.71
N ALA B 17 -3.42 -2.23 -9.00
CA ALA B 17 -4.67 -2.25 -9.75
C ALA B 17 -5.65 -3.25 -9.14
N LEU B 18 -5.14 -4.45 -8.87
CA LEU B 18 -5.97 -5.51 -8.29
C LEU B 18 -6.43 -5.12 -6.88
N HIS B 19 -5.55 -4.44 -6.16
CA HIS B 19 -5.85 -4.01 -4.80
C HIS B 19 -6.96 -2.96 -4.78
N PHE B 20 -6.94 -2.09 -5.77
CA PHE B 20 -7.95 -1.05 -5.88
C PHE B 20 -9.28 -1.62 -6.35
N MET B 21 -9.20 -2.61 -7.25
CA MET B 21 -10.40 -3.23 -7.78
C MET B 21 -11.09 -4.11 -6.75
N ALA B 22 -10.32 -5.02 -6.17
CA ALA B 22 -10.86 -5.95 -5.18
C ALA B 22 -11.40 -5.21 -3.98
N TRP B 23 -10.67 -4.21 -3.51
CA TRP B 23 -11.14 -3.44 -2.37
C TRP B 23 -12.29 -2.52 -2.75
N THR B 24 -12.34 -2.11 -4.03
CA THR B 24 -13.41 -1.25 -4.49
C THR B 24 -14.76 -1.98 -4.43
N ILE B 25 -14.82 -3.14 -5.08
CA ILE B 25 -16.06 -3.92 -5.10
C ILE B 25 -16.39 -4.45 -3.70
N GLY B 26 -15.37 -4.94 -2.99
CA GLY B 26 -15.57 -5.47 -1.65
C GLY B 26 -16.09 -4.38 -0.71
N HIS B 27 -15.60 -3.17 -0.91
CA HIS B 27 -16.02 -2.03 -0.09
C HIS B 27 -17.45 -1.60 -0.44
N LEU B 28 -17.78 -1.70 -1.72
CA LEU B 28 -19.12 -1.31 -2.18
C LEU B 28 -20.19 -2.17 -1.53
N ASN B 29 -21.24 -1.53 -1.03
CA ASN B 29 -22.34 -2.26 -0.40
C ASN B 29 -23.66 -1.81 -1.00
N GLN B 30 -24.54 -2.77 -1.25
CA GLN B 30 -25.84 -2.46 -1.82
C GLN B 30 -26.92 -3.30 -1.16
N ILE B 31 -28.08 -2.70 -0.94
CA ILE B 31 -29.19 -3.40 -0.32
C ILE B 31 -30.50 -3.01 -0.97
N LYS B 32 -31.46 -3.93 -0.96
CA LYS B 32 -32.77 -3.66 -1.56
C LYS B 32 -33.62 -2.81 -0.63
N ARG B 33 -34.44 -1.94 -1.21
CA ARG B 33 -35.29 -1.07 -0.40
C ARG B 33 -36.66 -1.72 -0.19
N MET C 1 8.11 18.07 -21.42
CA MET C 1 9.49 18.60 -21.21
C MET C 1 9.53 19.43 -19.93
N PHE C 2 8.75 19.00 -18.93
CA PHE C 2 8.69 19.72 -17.67
C PHE C 2 8.17 18.80 -16.56
N GLU C 3 8.39 17.50 -16.72
CA GLU C 3 7.92 16.53 -15.73
C GLU C 3 8.81 16.57 -14.49
N PRO C 4 8.26 16.30 -13.32
CA PRO C 4 9.05 16.31 -12.05
C PRO C 4 9.97 15.10 -11.91
N PHE C 5 9.47 13.94 -12.35
CA PHE C 5 10.25 12.70 -12.26
C PHE C 5 9.89 11.77 -13.43
N GLN C 6 8.82 11.00 -13.25
CA GLN C 6 8.37 10.08 -14.29
C GLN C 6 6.85 9.93 -14.25
N ILE C 7 6.29 9.44 -15.34
CA ILE C 7 4.85 9.25 -15.42
C ILE C 7 4.39 8.20 -14.39
N LEU C 8 5.15 7.11 -14.30
CA LEU C 8 4.83 6.04 -13.35
C LEU C 8 5.03 6.52 -11.91
N SER C 9 6.04 7.35 -11.71
CA SER C 9 6.33 7.87 -10.37
C SER C 9 5.24 8.83 -9.94
N ILE C 10 4.81 9.69 -10.86
CA ILE C 10 3.76 10.65 -10.57
C ILE C 10 2.45 9.93 -10.27
N CYS C 11 2.14 8.91 -11.05
CA CYS C 11 0.91 8.17 -10.85
C CYS C 11 0.89 7.58 -9.44
N SER C 12 1.96 6.90 -9.06
CA SER C 12 2.04 6.30 -7.73
C SER C 12 1.92 7.37 -6.66
N PHE C 13 2.56 8.51 -6.88
CA PHE C 13 2.52 9.60 -5.91
C PHE C 13 1.08 10.07 -5.66
N ILE C 14 0.36 10.38 -6.75
CA ILE C 14 -1.01 10.83 -6.62
C ILE C 14 -1.90 9.72 -6.06
N LEU C 15 -1.54 8.48 -6.39
CA LEU C 15 -2.30 7.34 -5.90
C LEU C 15 -2.24 7.29 -4.38
N SER C 16 -1.04 7.10 -3.84
CA SER C 16 -0.88 7.02 -2.39
C SER C 16 -1.52 8.22 -1.70
N ALA C 17 -1.43 9.39 -2.32
CA ALA C 17 -2.03 10.58 -1.74
C ALA C 17 -3.54 10.40 -1.60
N LEU C 18 -4.17 9.93 -2.66
CA LEU C 18 -5.61 9.70 -2.67
C LEU C 18 -5.99 8.61 -1.67
N HIS C 19 -5.13 7.61 -1.57
CA HIS C 19 -5.36 6.49 -0.66
C HIS C 19 -5.30 6.93 0.79
N PHE C 20 -4.39 7.85 1.09
CA PHE C 20 -4.25 8.38 2.43
C PHE C 20 -5.38 9.34 2.77
N MET C 21 -5.81 10.10 1.79
CA MET C 21 -6.89 11.07 1.98
C MET C 21 -8.24 10.39 2.14
N ALA C 22 -8.57 9.53 1.19
CA ALA C 22 -9.84 8.82 1.22
C ALA C 22 -9.97 7.95 2.45
N TRP C 23 -8.89 7.25 2.80
CA TRP C 23 -8.94 6.40 3.98
C TRP C 23 -8.90 7.24 5.25
N THR C 24 -8.28 8.42 5.17
CA THR C 24 -8.21 9.30 6.33
C THR C 24 -9.61 9.76 6.74
N ILE C 25 -10.33 10.37 5.79
CA ILE C 25 -11.68 10.87 6.07
C ILE C 25 -12.64 9.71 6.36
N GLY C 26 -12.54 8.66 5.56
CA GLY C 26 -13.40 7.49 5.73
C GLY C 26 -13.20 6.86 7.11
N HIS C 27 -11.95 6.87 7.56
CA HIS C 27 -11.60 6.31 8.86
C HIS C 27 -12.10 7.21 9.99
N LEU C 28 -12.04 8.51 9.77
CA LEU C 28 -12.47 9.47 10.78
C LEU C 28 -13.96 9.31 11.09
N ASN C 29 -14.29 9.27 12.37
CA ASN C 29 -15.67 9.12 12.79
C ASN C 29 -16.04 10.21 13.80
N GLN C 30 -17.22 10.78 13.65
CA GLN C 30 -17.66 11.83 14.55
C GLN C 30 -19.14 11.64 14.88
N ILE C 31 -19.49 11.92 16.13
CA ILE C 31 -20.87 11.78 16.57
C ILE C 31 -21.25 12.91 17.52
N LYS C 32 -22.52 13.28 17.52
CA LYS C 32 -22.99 14.35 18.38
C LYS C 32 -23.16 13.85 19.82
N ARG C 33 -22.89 14.73 20.78
CA ARG C 33 -23.00 14.36 22.18
C ARG C 33 -24.39 14.70 22.71
N MET D 1 23.67 17.01 -0.01
CA MET D 1 24.89 16.27 -0.46
C MET D 1 25.20 15.17 0.54
N PHE D 2 24.16 14.56 1.08
CA PHE D 2 24.33 13.48 2.05
C PHE D 2 23.06 12.63 2.13
N GLU D 3 22.30 12.59 1.04
CA GLU D 3 21.06 11.82 1.01
C GLU D 3 21.36 10.32 0.90
N PRO D 4 20.54 9.47 1.47
CA PRO D 4 20.74 7.99 1.42
C PRO D 4 20.42 7.41 0.05
N PHE D 5 19.38 7.92 -0.58
CA PHE D 5 18.96 7.43 -1.90
C PHE D 5 18.34 8.57 -2.70
N GLN D 6 17.04 8.81 -2.50
CA GLN D 6 16.34 9.87 -3.20
C GLN D 6 15.23 10.45 -2.32
N ILE D 7 14.77 11.64 -2.68
CA ILE D 7 13.72 12.29 -1.90
C ILE D 7 12.43 11.49 -1.98
N LEU D 8 12.11 11.00 -3.17
CA LEU D 8 10.90 10.20 -3.38
C LEU D 8 11.02 8.85 -2.69
N SER D 9 12.24 8.31 -2.70
CA SER D 9 12.48 7.01 -2.06
C SER D 9 12.36 7.14 -0.55
N ILE D 10 12.92 8.21 -0.01
CA ILE D 10 12.87 8.44 1.43
C ILE D 10 11.44 8.67 1.88
N CYS D 11 10.68 9.44 1.10
CA CYS D 11 9.30 9.70 1.45
C CYS D 11 8.52 8.40 1.55
N SER D 12 8.64 7.56 0.52
CA SER D 12 7.94 6.28 0.52
C SER D 12 8.37 5.43 1.70
N PHE D 13 9.67 5.45 2.00
CA PHE D 13 10.19 4.66 3.11
C PHE D 13 9.55 5.06 4.43
N ILE D 14 9.56 6.36 4.73
CA ILE D 14 8.97 6.85 5.97
C ILE D 14 7.46 6.64 5.95
N LEU D 15 6.86 6.69 4.76
CA LEU D 15 5.43 6.49 4.64
C LEU D 15 5.06 5.08 5.09
N SER D 16 5.60 4.09 4.40
CA SER D 16 5.29 2.70 4.73
C SER D 16 5.58 2.42 6.20
N ALA D 17 6.63 3.03 6.73
CA ALA D 17 6.96 2.83 8.13
C ALA D 17 5.82 3.32 9.02
N LEU D 18 5.32 4.51 8.73
CA LEU D 18 4.23 5.10 9.50
C LEU D 18 2.96 4.28 9.33
N HIS D 19 2.76 3.76 8.14
CA HIS D 19 1.58 2.95 7.82
C HIS D 19 1.59 1.63 8.60
N PHE D 20 2.78 1.06 8.75
CA PHE D 20 2.93 -0.19 9.48
C PHE D 20 2.80 0.04 10.98
N MET D 21 3.32 1.17 11.44
CA MET D 21 3.28 1.50 12.86
C MET D 21 1.87 1.87 13.31
N ALA D 22 1.26 2.81 12.60
CA ALA D 22 -0.08 3.27 12.94
C ALA D 22 -1.09 2.14 12.85
N TRP D 23 -0.98 1.33 11.80
CA TRP D 23 -1.91 0.21 11.65
C TRP D 23 -1.58 -0.89 12.64
N THR D 24 -0.31 -0.99 13.03
CA THR D 24 0.10 -2.02 14.00
C THR D 24 -0.57 -1.78 15.35
N ILE D 25 -0.36 -0.58 15.90
CA ILE D 25 -0.95 -0.24 17.19
C ILE D 25 -2.47 -0.18 17.12
N GLY D 26 -2.98 0.43 16.05
CA GLY D 26 -4.43 0.55 15.87
C GLY D 26 -5.08 -0.83 15.77
N HIS D 27 -4.37 -1.76 15.14
CA HIS D 27 -4.87 -3.12 14.98
C HIS D 27 -4.81 -3.88 16.31
N LEU D 28 -3.78 -3.60 17.09
CA LEU D 28 -3.60 -4.27 18.38
C LEU D 28 -4.76 -3.94 19.31
N ASN D 29 -5.30 -4.98 19.95
CA ASN D 29 -6.41 -4.80 20.88
C ASN D 29 -6.10 -5.49 22.20
N GLN D 30 -6.41 -4.82 23.30
CA GLN D 30 -6.16 -5.38 24.62
C GLN D 30 -7.33 -5.09 25.55
N ILE D 31 -7.65 -6.05 26.39
CA ILE D 31 -8.75 -5.89 27.33
C ILE D 31 -8.40 -6.51 28.67
N LYS D 32 -8.97 -5.97 29.75
CA LYS D 32 -8.70 -6.47 31.08
C LYS D 32 -9.51 -7.74 31.34
N ARG D 33 -8.93 -8.67 32.10
CA ARG D 33 -9.62 -9.91 32.41
C ARG D 33 -10.40 -9.79 33.71
N MET A 1 25.83 -8.47 -10.94
CA MET A 1 24.47 -8.79 -11.46
C MET A 1 24.05 -10.16 -10.94
N PHE A 2 24.32 -10.42 -9.66
CA PHE A 2 23.96 -11.69 -9.06
C PHE A 2 22.59 -11.61 -8.39
N GLU A 3 22.30 -10.45 -7.81
CA GLU A 3 21.02 -10.25 -7.14
C GLU A 3 19.90 -10.02 -8.16
N PRO A 4 18.68 -10.24 -7.77
CA PRO A 4 17.50 -10.04 -8.66
C PRO A 4 17.45 -8.64 -9.25
N PHE A 5 17.80 -7.64 -8.44
CA PHE A 5 17.80 -6.26 -8.90
C PHE A 5 18.52 -5.37 -7.89
N GLN A 6 17.89 -5.15 -6.74
CA GLN A 6 18.48 -4.31 -5.70
C GLN A 6 18.00 -4.76 -4.32
N ILE A 7 18.74 -4.38 -3.29
CA ILE A 7 18.38 -4.75 -1.93
C ILE A 7 16.99 -4.20 -1.58
N LEU A 8 16.67 -3.05 -2.14
CA LEU A 8 15.38 -2.42 -1.88
C LEU A 8 14.25 -3.30 -2.41
N SER A 9 14.16 -3.42 -3.73
CA SER A 9 13.13 -4.24 -4.35
C SER A 9 13.04 -5.60 -3.67
N ILE A 10 14.19 -6.09 -3.19
CA ILE A 10 14.23 -7.38 -2.51
C ILE A 10 13.54 -7.29 -1.14
N CYS A 11 13.87 -6.25 -0.39
CA CYS A 11 13.29 -6.06 0.94
C CYS A 11 11.78 -5.91 0.82
N SER A 12 11.34 -5.05 -0.10
CA SER A 12 9.92 -4.83 -0.31
C SER A 12 9.25 -6.10 -0.81
N PHE A 13 10.00 -6.91 -1.55
CA PHE A 13 9.46 -8.15 -2.08
C PHE A 13 9.01 -9.09 -0.96
N ILE A 14 9.90 -9.29 0.01
CA ILE A 14 9.58 -10.14 1.15
C ILE A 14 8.47 -9.53 2.01
N LEU A 15 8.54 -8.22 2.21
CA LEU A 15 7.54 -7.52 3.00
C LEU A 15 6.18 -7.66 2.36
N SER A 16 6.02 -7.10 1.16
CA SER A 16 4.76 -7.18 0.43
C SER A 16 4.18 -8.58 0.52
N ALA A 17 5.07 -9.58 0.44
CA ALA A 17 4.63 -10.97 0.52
C ALA A 17 3.88 -11.23 1.84
N LEU A 18 4.56 -10.98 2.95
CA LEU A 18 3.95 -11.15 4.26
C LEU A 18 2.80 -10.17 4.46
N HIS A 19 2.79 -9.10 3.66
CA HIS A 19 1.75 -8.10 3.75
C HIS A 19 0.42 -8.64 3.26
N PHE A 20 0.43 -9.29 2.11
CA PHE A 20 -0.78 -9.86 1.54
C PHE A 20 -1.17 -11.13 2.28
N MET A 21 -0.20 -11.76 2.91
CA MET A 21 -0.48 -12.99 3.66
C MET A 21 -1.28 -12.70 4.93
N ALA A 22 -0.70 -11.90 5.81
CA ALA A 22 -1.37 -11.57 7.07
C ALA A 22 -2.62 -10.74 6.81
N TRP A 23 -2.53 -9.80 5.86
CA TRP A 23 -3.67 -8.95 5.55
C TRP A 23 -4.84 -9.77 5.03
N THR A 24 -4.53 -10.77 4.21
CA THR A 24 -5.58 -11.63 3.66
C THR A 24 -6.24 -12.44 4.77
N ILE A 25 -5.43 -12.94 5.71
CA ILE A 25 -5.96 -13.72 6.82
C ILE A 25 -6.93 -12.89 7.65
N GLY A 26 -6.53 -11.66 7.94
CA GLY A 26 -7.38 -10.76 8.74
C GLY A 26 -8.69 -10.48 8.01
N HIS A 27 -8.59 -10.23 6.70
CA HIS A 27 -9.79 -9.94 5.90
C HIS A 27 -10.78 -11.09 6.02
N LEU A 28 -10.28 -12.32 5.92
CA LEU A 28 -11.14 -13.49 6.02
C LEU A 28 -11.62 -13.68 7.45
N ASN A 29 -12.93 -13.90 7.60
CA ASN A 29 -13.50 -14.10 8.92
C ASN A 29 -13.28 -15.53 9.40
N GLN A 30 -12.97 -15.67 10.69
CA GLN A 30 -12.74 -17.00 11.26
C GLN A 30 -14.03 -17.53 11.90
N ILE A 31 -14.50 -18.67 11.38
CA ILE A 31 -15.73 -19.27 11.90
C ILE A 31 -15.43 -20.63 12.52
N LYS A 32 -15.87 -20.82 13.76
CA LYS A 32 -15.65 -22.08 14.44
C LYS A 32 -16.90 -22.96 14.37
N ARG A 33 -16.81 -24.05 13.63
CA ARG A 33 -17.93 -24.96 13.47
C ARG A 33 -17.70 -26.23 14.29
N MET B 1 13.11 -0.86 -26.04
CA MET B 1 12.10 0.13 -25.58
C MET B 1 10.72 -0.28 -26.07
N PHE B 2 10.43 -1.58 -25.98
CA PHE B 2 9.14 -2.09 -26.42
C PHE B 2 8.15 -2.13 -25.26
N GLU B 3 8.65 -2.42 -24.06
CA GLU B 3 7.81 -2.49 -22.88
C GLU B 3 7.48 -1.10 -22.38
N PRO B 4 6.42 -0.96 -21.62
CA PRO B 4 5.99 0.34 -21.05
C PRO B 4 7.10 1.03 -20.26
N PHE B 5 7.86 0.22 -19.51
CA PHE B 5 8.97 0.76 -18.72
C PHE B 5 9.85 -0.36 -18.20
N GLN B 6 9.33 -1.13 -17.25
CA GLN B 6 10.07 -2.25 -16.67
C GLN B 6 9.12 -3.34 -16.19
N ILE B 7 9.64 -4.55 -16.04
CA ILE B 7 8.84 -5.67 -15.58
C ILE B 7 8.23 -5.37 -14.21
N LEU B 8 8.98 -4.62 -13.40
CA LEU B 8 8.53 -4.27 -12.07
C LEU B 8 7.28 -3.41 -12.14
N SER B 9 7.43 -2.18 -12.62
CA SER B 9 6.31 -1.26 -12.75
C SER B 9 5.12 -1.96 -13.40
N ILE B 10 5.42 -2.91 -14.30
CA ILE B 10 4.35 -3.65 -14.97
C ILE B 10 3.65 -4.61 -13.99
N CYS B 11 4.44 -5.34 -13.22
CA CYS B 11 3.89 -6.28 -12.26
C CYS B 11 3.03 -5.54 -11.24
N SER B 12 3.57 -4.45 -10.69
CA SER B 12 2.85 -3.66 -9.71
C SER B 12 1.61 -3.04 -10.34
N PHE B 13 1.69 -2.75 -11.64
CA PHE B 13 0.57 -2.14 -12.34
C PHE B 13 -0.66 -3.07 -12.31
N ILE B 14 -0.43 -4.33 -12.66
CA ILE B 14 -1.53 -5.30 -12.64
C ILE B 14 -2.01 -5.56 -11.22
N LEU B 15 -1.06 -5.67 -10.30
CA LEU B 15 -1.40 -5.91 -8.89
C LEU B 15 -2.25 -4.78 -8.35
N SER B 16 -1.67 -3.58 -8.29
CA SER B 16 -2.38 -2.41 -7.80
C SER B 16 -3.79 -2.37 -8.38
N ALA B 17 -3.92 -2.75 -9.66
CA ALA B 17 -5.23 -2.76 -10.30
C ALA B 17 -6.19 -3.67 -9.55
N LEU B 18 -5.81 -4.94 -9.41
CA LEU B 18 -6.65 -5.89 -8.68
C LEU B 18 -6.75 -5.51 -7.21
N HIS B 19 -5.80 -4.69 -6.75
CA HIS B 19 -5.78 -4.26 -5.36
C HIS B 19 -6.93 -3.32 -5.07
N PHE B 20 -7.12 -2.33 -5.93
CA PHE B 20 -8.20 -1.37 -5.76
C PHE B 20 -9.54 -1.98 -6.13
N MET B 21 -9.51 -3.01 -6.95
CA MET B 21 -10.74 -3.68 -7.36
C MET B 21 -11.35 -4.47 -6.21
N ALA B 22 -10.59 -5.45 -5.71
CA ALA B 22 -11.07 -6.28 -4.61
C ALA B 22 -11.25 -5.47 -3.34
N TRP B 23 -10.31 -4.57 -3.09
CA TRP B 23 -10.35 -3.73 -1.89
C TRP B 23 -11.61 -2.86 -1.90
N THR B 24 -11.93 -2.32 -3.07
CA THR B 24 -13.11 -1.47 -3.20
C THR B 24 -14.38 -2.28 -2.94
N ILE B 25 -14.42 -3.49 -3.48
CA ILE B 25 -15.59 -4.35 -3.30
C ILE B 25 -15.81 -4.63 -1.81
N GLY B 26 -14.74 -4.96 -1.11
CA GLY B 26 -14.83 -5.25 0.32
C GLY B 26 -15.32 -4.03 1.09
N HIS B 27 -14.77 -2.86 0.75
CA HIS B 27 -15.17 -1.63 1.42
C HIS B 27 -16.67 -1.41 1.30
N LEU B 28 -17.20 -1.64 0.11
CA LEU B 28 -18.63 -1.47 -0.12
C LEU B 28 -19.41 -2.59 0.56
N ASN B 29 -20.47 -2.21 1.27
CA ASN B 29 -21.30 -3.19 1.98
C ASN B 29 -22.29 -3.85 1.02
N GLN B 30 -22.48 -5.15 1.17
CA GLN B 30 -23.41 -5.88 0.32
C GLN B 30 -24.78 -5.96 0.98
N ILE B 31 -25.79 -5.41 0.33
CA ILE B 31 -27.14 -5.42 0.87
C ILE B 31 -28.07 -6.22 -0.04
N LYS B 32 -28.78 -7.18 0.54
CA LYS B 32 -29.71 -8.00 -0.23
C LYS B 32 -31.14 -7.51 -0.06
N ARG B 33 -31.70 -6.95 -1.14
CA ARG B 33 -33.05 -6.44 -1.10
C ARG B 33 -34.00 -7.38 -1.84
N MET C 1 14.40 18.77 -17.42
CA MET C 1 14.39 18.73 -15.93
C MET C 1 13.37 19.72 -15.40
N PHE C 2 12.20 19.78 -16.05
CA PHE C 2 11.15 20.70 -15.63
C PHE C 2 10.20 20.02 -14.66
N GLU C 3 9.95 18.73 -14.88
CA GLU C 3 9.06 17.97 -14.03
C GLU C 3 9.73 17.62 -12.71
N PRO C 4 8.97 17.32 -11.70
CA PRO C 4 9.51 16.94 -10.36
C PRO C 4 10.48 15.76 -10.44
N PHE C 5 10.15 14.80 -11.29
CA PHE C 5 11.00 13.61 -11.46
C PHE C 5 10.58 12.82 -12.68
N GLN C 6 9.42 12.16 -12.58
CA GLN C 6 8.90 11.36 -13.69
C GLN C 6 7.38 11.31 -13.64
N ILE C 7 6.77 10.99 -14.77
CA ILE C 7 5.32 10.90 -14.85
C ILE C 7 4.79 9.87 -13.87
N LEU C 8 5.57 8.82 -13.65
CA LEU C 8 5.17 7.76 -12.72
C LEU C 8 5.06 8.31 -11.31
N SER C 9 6.21 8.67 -10.73
CA SER C 9 6.22 9.21 -9.37
C SER C 9 5.16 10.29 -9.21
N ILE C 10 4.89 11.01 -10.30
CA ILE C 10 3.87 12.06 -10.26
C ILE C 10 2.46 11.46 -10.16
N CYS C 11 2.20 10.45 -10.99
CA CYS C 11 0.90 9.80 -10.98
C CYS C 11 0.63 9.19 -9.61
N SER C 12 1.61 8.45 -9.10
CA SER C 12 1.46 7.81 -7.79
C SER C 12 1.34 8.86 -6.70
N PHE C 13 1.96 10.01 -6.92
CA PHE C 13 1.91 11.09 -5.93
C PHE C 13 0.47 11.56 -5.72
N ILE C 14 -0.23 11.82 -6.81
CA ILE C 14 -1.63 12.25 -6.72
C ILE C 14 -2.51 11.14 -6.17
N LEU C 15 -2.26 9.92 -6.64
CA LEU C 15 -3.04 8.77 -6.19
C LEU C 15 -2.87 8.58 -4.70
N SER C 16 -1.66 8.28 -4.27
CA SER C 16 -1.38 8.08 -2.85
C SER C 16 -2.06 9.16 -2.02
N ALA C 17 -2.05 10.39 -2.55
CA ALA C 17 -2.69 11.50 -1.84
C ALA C 17 -4.16 11.20 -1.59
N LEU C 18 -4.90 10.95 -2.66
CA LEU C 18 -6.32 10.62 -2.53
C LEU C 18 -6.51 9.29 -1.81
N HIS C 19 -5.45 8.49 -1.77
CA HIS C 19 -5.51 7.20 -1.11
C HIS C 19 -5.60 7.36 0.40
N PHE C 20 -4.76 8.21 0.95
CA PHE C 20 -4.76 8.45 2.39
C PHE C 20 -5.94 9.32 2.78
N MET C 21 -6.45 10.09 1.83
CA MET C 21 -7.59 10.96 2.11
C MET C 21 -8.87 10.16 2.31
N ALA C 22 -9.27 9.43 1.28
CA ALA C 22 -10.47 8.63 1.34
C ALA C 22 -10.34 7.50 2.36
N TRP C 23 -9.16 6.89 2.41
CA TRP C 23 -8.91 5.79 3.33
C TRP C 23 -9.04 6.26 4.77
N THR C 24 -8.51 7.46 5.04
CA THR C 24 -8.58 8.02 6.38
C THR C 24 -10.03 8.30 6.77
N ILE C 25 -10.80 8.83 5.83
CA ILE C 25 -12.21 9.13 6.09
C ILE C 25 -12.97 7.86 6.46
N GLY C 26 -12.74 6.80 5.71
CA GLY C 26 -13.41 5.53 5.97
C GLY C 26 -13.03 4.99 7.34
N HIS C 27 -11.74 5.06 7.67
CA HIS C 27 -11.25 4.59 8.96
C HIS C 27 -12.00 5.27 10.09
N LEU C 28 -12.15 6.59 9.98
CA LEU C 28 -12.85 7.35 10.99
C LEU C 28 -14.35 7.06 10.96
N ASN C 29 -14.92 6.81 12.14
CA ASN C 29 -16.34 6.50 12.22
C ASN C 29 -17.17 7.79 12.19
N GLN C 30 -18.29 7.75 11.49
CA GLN C 30 -19.17 8.90 11.39
C GLN C 30 -20.26 8.83 12.45
N ILE C 31 -20.29 9.81 13.34
CA ILE C 31 -21.29 9.85 14.40
C ILE C 31 -22.19 11.07 14.24
N LYS C 32 -23.50 10.82 14.23
CA LYS C 32 -24.47 11.91 14.09
C LYS C 32 -25.02 12.32 15.45
N ARG C 33 -24.66 13.51 15.90
CA ARG C 33 -25.14 14.01 17.19
C ARG C 33 -26.21 15.07 17.00
N MET D 1 27.13 10.79 -2.65
CA MET D 1 26.74 9.44 -2.13
C MET D 1 26.69 9.49 -0.60
N PHE D 2 26.11 10.57 -0.07
CA PHE D 2 25.99 10.71 1.37
C PHE D 2 24.65 10.18 1.86
N GLU D 3 23.61 10.36 1.06
CA GLU D 3 22.29 9.90 1.43
C GLU D 3 22.17 8.39 1.23
N PRO D 4 21.24 7.76 1.88
CA PRO D 4 21.01 6.29 1.77
C PRO D 4 20.81 5.85 0.32
N PHE D 5 20.08 6.65 -0.45
CA PHE D 5 19.83 6.34 -1.84
C PHE D 5 19.25 7.56 -2.57
N GLN D 6 18.00 7.88 -2.26
CA GLN D 6 17.34 9.01 -2.87
C GLN D 6 16.30 9.61 -1.94
N ILE D 7 15.92 10.85 -2.19
CA ILE D 7 14.92 11.53 -1.36
C ILE D 7 13.61 10.75 -1.37
N LEU D 8 13.32 10.11 -2.51
CA LEU D 8 12.07 9.37 -2.63
C LEU D 8 12.06 8.18 -1.68
N SER D 9 12.98 7.24 -1.92
CA SER D 9 13.06 6.05 -1.08
C SER D 9 13.11 6.46 0.40
N ILE D 10 13.69 7.61 0.66
CA ILE D 10 13.77 8.12 2.04
C ILE D 10 12.40 8.55 2.54
N CYS D 11 11.69 9.31 1.71
CA CYS D 11 10.36 9.79 2.10
C CYS D 11 9.43 8.61 2.34
N SER D 12 9.43 7.66 1.41
CA SER D 12 8.58 6.48 1.53
C SER D 12 9.01 5.65 2.73
N PHE D 13 10.30 5.69 3.05
CA PHE D 13 10.82 4.93 4.18
C PHE D 13 10.16 5.37 5.49
N ILE D 14 10.15 6.68 5.71
CA ILE D 14 9.53 7.23 6.92
C ILE D 14 8.02 7.00 6.90
N LEU D 15 7.41 7.19 5.74
CA LEU D 15 5.97 7.02 5.62
C LEU D 15 5.58 5.57 5.92
N SER D 16 6.10 4.64 5.13
CA SER D 16 5.80 3.22 5.33
C SER D 16 5.96 2.87 6.80
N ALA D 17 6.97 3.46 7.45
CA ALA D 17 7.19 3.20 8.87
C ALA D 17 5.95 3.56 9.69
N LEU D 18 5.53 4.81 9.58
CA LEU D 18 4.34 5.26 10.31
C LEU D 18 3.10 4.56 9.78
N HIS D 19 3.20 4.00 8.58
CA HIS D 19 2.07 3.31 7.97
C HIS D 19 1.78 2.01 8.70
N PHE D 20 2.83 1.23 8.95
CA PHE D 20 2.67 -0.04 9.64
C PHE D 20 2.45 0.17 11.13
N MET D 21 2.89 1.32 11.62
CA MET D 21 2.72 1.63 13.04
C MET D 21 1.26 1.91 13.38
N ALA D 22 0.70 2.94 12.74
CA ALA D 22 -0.70 3.31 12.98
C ALA D 22 -1.64 2.22 12.49
N TRP D 23 -1.34 1.64 11.34
CA TRP D 23 -2.18 0.59 10.77
C TRP D 23 -2.24 -0.61 11.70
N THR D 24 -1.09 -0.96 12.29
CA THR D 24 -1.03 -2.08 13.22
C THR D 24 -1.86 -1.80 14.46
N ILE D 25 -1.78 -0.58 14.97
CA ILE D 25 -2.53 -0.20 16.15
C ILE D 25 -4.04 -0.33 15.90
N GLY D 26 -4.48 0.15 14.74
CA GLY D 26 -5.90 0.07 14.39
C GLY D 26 -6.35 -1.38 14.29
N HIS D 27 -5.52 -2.20 13.65
CA HIS D 27 -5.85 -3.62 13.48
C HIS D 27 -6.08 -4.27 14.84
N LEU D 28 -5.21 -3.97 15.80
CA LEU D 28 -5.35 -4.53 17.13
C LEU D 28 -6.52 -3.90 17.87
N ASN D 29 -7.35 -4.74 18.48
CA ASN D 29 -8.51 -4.25 19.20
C ASN D 29 -8.12 -3.76 20.59
N GLN D 30 -8.74 -2.67 21.02
CA GLN D 30 -8.45 -2.11 22.33
C GLN D 30 -9.46 -2.60 23.36
N ILE D 31 -8.95 -3.29 24.37
CA ILE D 31 -9.82 -3.82 25.42
C ILE D 31 -9.50 -3.19 26.77
N LYS D 32 -10.52 -2.65 27.42
CA LYS D 32 -10.34 -2.02 28.72
C LYS D 32 -10.72 -2.98 29.85
N ARG D 33 -9.72 -3.44 30.59
CA ARG D 33 -9.96 -4.36 31.70
C ARG D 33 -9.86 -3.62 33.03
N MET A 1 27.13 -9.47 -6.54
CA MET A 1 26.68 -9.52 -7.97
C MET A 1 25.55 -10.54 -8.12
N PHE A 2 25.62 -11.62 -7.35
CA PHE A 2 24.61 -12.65 -7.40
C PHE A 2 23.23 -12.06 -7.10
N GLU A 3 23.22 -10.89 -6.46
CA GLU A 3 21.96 -10.25 -6.10
C GLU A 3 21.10 -10.04 -7.35
N PRO A 4 19.78 -10.11 -7.20
CA PRO A 4 18.85 -9.92 -8.34
C PRO A 4 18.70 -8.45 -8.73
N PHE A 5 18.37 -7.63 -7.75
CA PHE A 5 18.21 -6.20 -8.00
C PHE A 5 18.98 -5.39 -6.95
N GLN A 6 18.37 -5.20 -5.78
CA GLN A 6 19.01 -4.45 -4.71
C GLN A 6 18.46 -4.89 -3.36
N ILE A 7 19.19 -4.57 -2.30
CA ILE A 7 18.77 -4.93 -0.96
C ILE A 7 17.38 -4.39 -0.66
N LEU A 8 17.07 -3.23 -1.25
CA LEU A 8 15.77 -2.60 -1.04
C LEU A 8 14.69 -3.39 -1.78
N SER A 9 15.05 -3.94 -2.93
CA SER A 9 14.12 -4.74 -3.71
C SER A 9 13.82 -6.07 -3.03
N ILE A 10 14.86 -6.70 -2.50
CA ILE A 10 14.69 -7.98 -1.81
C ILE A 10 13.83 -7.81 -0.56
N CYS A 11 14.12 -6.77 0.22
CA CYS A 11 13.36 -6.52 1.45
C CYS A 11 11.90 -6.32 1.13
N SER A 12 11.60 -5.44 0.17
CA SER A 12 10.23 -5.18 -0.20
C SER A 12 9.55 -6.44 -0.71
N PHE A 13 10.30 -7.25 -1.45
CA PHE A 13 9.76 -8.50 -2.00
C PHE A 13 9.18 -9.37 -0.90
N ILE A 14 10.01 -9.72 0.08
CA ILE A 14 9.57 -10.58 1.18
C ILE A 14 8.47 -9.90 2.00
N LEU A 15 8.63 -8.60 2.23
CA LEU A 15 7.67 -7.84 3.01
C LEU A 15 6.32 -7.80 2.29
N SER A 16 6.38 -7.88 0.97
CA SER A 16 5.17 -7.86 0.17
C SER A 16 4.43 -9.19 0.28
N ALA A 17 5.17 -10.29 0.19
CA ALA A 17 4.56 -11.61 0.27
C ALA A 17 3.84 -11.76 1.61
N LEU A 18 4.49 -11.35 2.68
CA LEU A 18 3.89 -11.43 4.01
C LEU A 18 2.78 -10.38 4.16
N HIS A 19 2.91 -9.28 3.42
CA HIS A 19 1.92 -8.21 3.47
C HIS A 19 0.56 -8.69 2.97
N PHE A 20 0.55 -9.28 1.80
CA PHE A 20 -0.69 -9.77 1.22
C PHE A 20 -1.12 -11.06 1.91
N MET A 21 -0.16 -11.77 2.50
CA MET A 21 -0.48 -13.01 3.18
C MET A 21 -1.26 -12.74 4.47
N ALA A 22 -0.65 -11.99 5.38
CA ALA A 22 -1.28 -11.67 6.65
C ALA A 22 -2.55 -10.84 6.44
N TRP A 23 -2.49 -9.92 5.49
CA TRP A 23 -3.63 -9.06 5.20
C TRP A 23 -4.79 -9.87 4.63
N THR A 24 -4.47 -10.81 3.73
CA THR A 24 -5.51 -11.63 3.12
C THR A 24 -6.22 -12.50 4.15
N ILE A 25 -5.44 -13.22 4.95
CA ILE A 25 -6.03 -14.09 5.96
C ILE A 25 -6.90 -13.28 6.93
N GLY A 26 -6.43 -12.10 7.30
CA GLY A 26 -7.18 -11.25 8.22
C GLY A 26 -8.49 -10.81 7.59
N HIS A 27 -8.43 -10.43 6.33
CA HIS A 27 -9.63 -9.98 5.61
C HIS A 27 -10.68 -11.08 5.60
N LEU A 28 -10.25 -12.31 5.34
CA LEU A 28 -11.17 -13.43 5.30
C LEU A 28 -11.89 -13.60 6.63
N ASN A 29 -13.17 -13.92 6.57
CA ASN A 29 -13.97 -14.11 7.78
C ASN A 29 -14.12 -15.60 8.10
N GLN A 30 -13.59 -16.01 9.24
CA GLN A 30 -13.67 -17.40 9.65
C GLN A 30 -14.45 -17.53 10.96
N ILE A 31 -15.48 -18.37 10.94
CA ILE A 31 -16.31 -18.58 12.13
C ILE A 31 -16.52 -20.06 12.39
N LYS A 32 -16.32 -20.48 13.63
CA LYS A 32 -16.51 -21.88 13.99
C LYS A 32 -17.99 -22.20 14.19
N ARG A 33 -18.58 -22.83 13.19
CA ARG A 33 -20.00 -23.19 13.25
C ARG A 33 -20.16 -24.66 13.61
N MET B 1 11.94 -5.60 -26.48
CA MET B 1 12.01 -4.11 -26.63
C MET B 1 10.61 -3.52 -26.62
N PHE B 2 9.65 -4.25 -27.17
CA PHE B 2 8.27 -3.78 -27.21
C PHE B 2 7.78 -3.49 -25.80
N GLU B 3 8.44 -4.06 -24.81
CA GLU B 3 8.04 -3.87 -23.42
C GLU B 3 8.00 -2.38 -23.07
N PRO B 4 7.10 -1.98 -22.20
CA PRO B 4 6.97 -0.55 -21.79
C PRO B 4 8.06 -0.14 -20.80
N PHE B 5 8.20 -0.90 -19.73
CA PHE B 5 9.21 -0.61 -18.72
C PHE B 5 9.99 -1.87 -18.37
N GLN B 6 9.42 -2.69 -17.48
CA GLN B 6 10.07 -3.93 -17.08
C GLN B 6 9.03 -4.94 -16.60
N ILE B 7 9.43 -6.20 -16.55
CA ILE B 7 8.53 -7.26 -16.12
C ILE B 7 7.98 -6.96 -14.73
N LEU B 8 8.80 -6.30 -13.91
CA LEU B 8 8.39 -5.94 -12.56
C LEU B 8 7.35 -4.83 -12.59
N SER B 9 7.49 -3.93 -13.56
CA SER B 9 6.55 -2.83 -13.70
C SER B 9 5.20 -3.32 -14.20
N ILE B 10 5.23 -4.25 -15.16
CA ILE B 10 3.99 -4.80 -15.71
C ILE B 10 3.23 -5.59 -14.65
N CYS B 11 3.95 -6.41 -13.90
CA CYS B 11 3.34 -7.22 -12.86
C CYS B 11 2.66 -6.33 -11.83
N SER B 12 3.39 -5.34 -11.33
CA SER B 12 2.83 -4.44 -10.34
C SER B 12 1.62 -3.70 -10.90
N PHE B 13 1.70 -3.33 -12.18
CA PHE B 13 0.62 -2.61 -12.83
C PHE B 13 -0.70 -3.38 -12.71
N ILE B 14 -0.71 -4.60 -13.21
CA ILE B 14 -1.92 -5.43 -13.17
C ILE B 14 -2.33 -5.73 -11.72
N LEU B 15 -1.35 -6.00 -10.87
CA LEU B 15 -1.60 -6.31 -9.47
C LEU B 15 -2.21 -5.11 -8.76
N SER B 16 -1.87 -3.92 -9.26
CA SER B 16 -2.38 -2.69 -8.68
C SER B 16 -3.84 -2.50 -9.05
N ALA B 17 -4.16 -2.72 -10.33
CA ALA B 17 -5.53 -2.55 -10.80
C ALA B 17 -6.46 -3.47 -10.01
N LEU B 18 -6.05 -4.71 -9.84
CA LEU B 18 -6.86 -5.67 -9.09
C LEU B 18 -6.82 -5.36 -7.59
N HIS B 19 -5.73 -4.73 -7.15
CA HIS B 19 -5.57 -4.38 -5.75
C HIS B 19 -6.62 -3.37 -5.32
N PHE B 20 -6.74 -2.29 -6.07
CA PHE B 20 -7.71 -1.25 -5.75
C PHE B 20 -9.11 -1.71 -6.13
N MET B 21 -9.20 -2.63 -7.07
CA MET B 21 -10.50 -3.13 -7.49
C MET B 21 -11.15 -3.98 -6.41
N ALA B 22 -10.46 -5.06 -6.03
CA ALA B 22 -10.98 -5.96 -5.01
C ALA B 22 -11.09 -5.24 -3.65
N TRP B 23 -10.12 -4.41 -3.36
CA TRP B 23 -10.11 -3.67 -2.10
C TRP B 23 -11.27 -2.66 -2.04
N THR B 24 -11.52 -1.99 -3.16
CA THR B 24 -12.60 -1.00 -3.22
C THR B 24 -13.95 -1.66 -3.02
N ILE B 25 -14.22 -2.70 -3.79
CA ILE B 25 -15.51 -3.39 -3.69
C ILE B 25 -15.73 -3.90 -2.26
N GLY B 26 -14.67 -4.44 -1.66
CA GLY B 26 -14.76 -4.96 -0.30
C GLY B 26 -15.09 -3.86 0.69
N HIS B 27 -14.42 -2.73 0.52
CA HIS B 27 -14.63 -1.59 1.41
C HIS B 27 -16.08 -1.14 1.36
N LEU B 28 -16.65 -1.08 0.16
CA LEU B 28 -18.03 -0.66 0.00
C LEU B 28 -18.97 -1.59 0.77
N ASN B 29 -19.98 -1.00 1.38
CA ASN B 29 -20.95 -1.78 2.15
C ASN B 29 -22.22 -2.01 1.35
N GLN B 30 -22.52 -3.27 1.05
CA GLN B 30 -23.71 -3.61 0.28
C GLN B 30 -24.64 -4.48 1.11
N ILE B 31 -25.90 -4.05 1.22
CA ILE B 31 -26.89 -4.79 1.99
C ILE B 31 -28.18 -4.94 1.21
N LYS B 32 -28.72 -6.15 1.16
CA LYS B 32 -29.96 -6.41 0.44
C LYS B 32 -31.16 -5.98 1.27
N ARG B 33 -31.72 -4.81 0.93
CA ARG B 33 -32.87 -4.30 1.66
C ARG B 33 -34.16 -4.56 0.87
N MET C 1 10.24 18.85 -20.31
CA MET C 1 11.39 19.09 -19.39
C MET C 1 10.88 19.70 -18.08
N PHE C 2 9.86 20.54 -18.18
CA PHE C 2 9.30 21.18 -16.99
C PHE C 2 8.85 20.13 -15.98
N GLU C 3 8.66 18.90 -16.46
CA GLU C 3 8.21 17.83 -15.57
C GLU C 3 9.18 17.65 -14.40
N PRO C 4 8.67 17.28 -13.24
CA PRO C 4 9.52 17.09 -12.03
C PRO C 4 10.31 15.78 -12.09
N PHE C 5 9.61 14.68 -12.31
CA PHE C 5 10.25 13.38 -12.40
C PHE C 5 9.78 12.62 -13.64
N GLN C 6 8.62 11.98 -13.53
CA GLN C 6 8.06 11.23 -14.65
C GLN C 6 6.55 11.14 -14.53
N ILE C 7 5.89 10.83 -15.64
CA ILE C 7 4.43 10.71 -15.63
C ILE C 7 3.98 9.70 -14.59
N LEU C 8 4.80 8.68 -14.37
CA LEU C 8 4.49 7.65 -13.38
C LEU C 8 4.60 8.20 -11.97
N SER C 9 5.56 9.10 -11.78
CA SER C 9 5.77 9.73 -10.49
C SER C 9 4.64 10.69 -10.15
N ILE C 10 4.21 11.46 -11.14
CA ILE C 10 3.12 12.42 -10.94
C ILE C 10 1.82 11.69 -10.63
N CYS C 11 1.53 10.65 -11.39
CA CYS C 11 0.30 9.89 -11.19
C CYS C 11 0.27 9.32 -9.78
N SER C 12 1.34 8.64 -9.39
CA SER C 12 1.40 8.06 -8.05
C SER C 12 1.26 9.13 -6.99
N PHE C 13 1.87 10.29 -7.24
CA PHE C 13 1.82 11.39 -6.27
C PHE C 13 0.38 11.75 -5.93
N ILE C 14 -0.40 12.10 -6.96
CA ILE C 14 -1.80 12.48 -6.74
C ILE C 14 -2.61 11.31 -6.19
N LEU C 15 -2.35 10.11 -6.70
CA LEU C 15 -3.06 8.93 -6.25
C LEU C 15 -2.75 8.64 -4.79
N SER C 16 -1.57 9.05 -4.35
CA SER C 16 -1.16 8.85 -2.98
C SER C 16 -1.90 9.81 -2.05
N ALA C 17 -1.97 11.07 -2.46
CA ALA C 17 -2.64 12.07 -1.64
C ALA C 17 -4.09 11.66 -1.41
N LEU C 18 -4.76 11.22 -2.46
CA LEU C 18 -6.14 10.79 -2.35
C LEU C 18 -6.23 9.45 -1.63
N HIS C 19 -5.17 8.65 -1.74
CA HIS C 19 -5.14 7.35 -1.10
C HIS C 19 -5.20 7.47 0.42
N PHE C 20 -4.32 8.30 0.97
CA PHE C 20 -4.30 8.50 2.41
C PHE C 20 -5.46 9.38 2.85
N MET C 21 -5.98 10.19 1.93
CA MET C 21 -7.09 11.07 2.26
C MET C 21 -8.37 10.27 2.46
N ALA C 22 -8.78 9.55 1.43
CA ALA C 22 -10.00 8.76 1.49
C ALA C 22 -9.87 7.64 2.53
N TRP C 23 -8.69 7.04 2.60
CA TRP C 23 -8.44 5.96 3.55
C TRP C 23 -8.50 6.47 4.99
N THR C 24 -7.92 7.65 5.22
CA THR C 24 -7.92 8.23 6.56
C THR C 24 -9.33 8.56 7.04
N ILE C 25 -10.08 9.27 6.21
CA ILE C 25 -11.43 9.64 6.59
C ILE C 25 -12.27 8.40 6.87
N GLY C 26 -12.10 7.37 6.04
CA GLY C 26 -12.85 6.13 6.22
C GLY C 26 -12.49 5.46 7.53
N HIS C 27 -11.20 5.44 7.84
CA HIS C 27 -10.73 4.82 9.07
C HIS C 27 -11.35 5.50 10.28
N LEU C 28 -11.40 6.83 10.26
CA LEU C 28 -11.97 7.58 11.36
C LEU C 28 -13.43 7.18 11.58
N ASN C 29 -13.83 7.10 12.85
CA ASN C 29 -15.19 6.73 13.19
C ASN C 29 -16.02 7.96 13.55
N GLN C 30 -17.05 8.24 12.76
CA GLN C 30 -17.90 9.39 13.00
C GLN C 30 -19.33 8.95 13.29
N ILE C 31 -19.87 9.40 14.42
CA ILE C 31 -21.22 9.05 14.80
C ILE C 31 -22.01 10.28 15.24
N LYS C 32 -23.22 10.43 14.72
CA LYS C 32 -24.05 11.57 15.07
C LYS C 32 -24.73 11.35 16.42
N ARG C 33 -24.18 11.99 17.45
CA ARG C 33 -24.73 11.86 18.80
C ARG C 33 -25.60 13.06 19.15
N MET D 1 25.16 15.12 -0.31
CA MET D 1 25.82 13.82 -0.62
C MET D 1 25.62 12.85 0.53
N PHE D 2 25.62 13.37 1.75
CA PHE D 2 25.44 12.53 2.93
C PHE D 2 24.12 11.76 2.83
N GLU D 3 23.22 12.24 1.98
CA GLU D 3 21.92 11.59 1.83
C GLU D 3 22.10 10.12 1.42
N PRO D 4 21.22 9.25 1.88
CA PRO D 4 21.29 7.80 1.56
C PRO D 4 20.84 7.50 0.13
N PHE D 5 19.65 7.96 -0.22
CA PHE D 5 19.11 7.75 -1.56
C PHE D 5 18.58 9.06 -2.13
N GLN D 6 17.36 9.41 -1.76
CA GLN D 6 16.74 10.64 -2.24
C GLN D 6 15.69 11.14 -1.25
N ILE D 7 15.33 12.41 -1.37
CA ILE D 7 14.34 13.00 -0.48
C ILE D 7 13.04 12.20 -0.53
N LEU D 8 12.74 11.63 -1.71
CA LEU D 8 11.53 10.85 -1.88
C LEU D 8 11.65 9.51 -1.15
N SER D 9 12.87 8.98 -1.12
CA SER D 9 13.12 7.72 -0.43
C SER D 9 13.03 7.89 1.09
N ILE D 10 13.60 8.99 1.58
CA ILE D 10 13.57 9.27 3.02
C ILE D 10 12.14 9.49 3.50
N CYS D 11 11.39 10.28 2.74
CA CYS D 11 10.01 10.57 3.10
C CYS D 11 9.19 9.29 3.18
N SER D 12 9.28 8.48 2.14
CA SER D 12 8.53 7.22 2.11
C SER D 12 8.97 6.33 3.26
N PHE D 13 10.27 6.33 3.56
CA PHE D 13 10.80 5.51 4.64
C PHE D 13 10.07 5.78 5.96
N ILE D 14 10.10 7.04 6.39
CA ILE D 14 9.46 7.41 7.65
C ILE D 14 7.94 7.20 7.57
N LEU D 15 7.36 7.53 6.44
CA LEU D 15 5.92 7.39 6.25
C LEU D 15 5.52 5.91 6.30
N SER D 16 6.46 5.05 5.92
CA SER D 16 6.22 3.62 5.94
C SER D 16 6.22 3.09 7.36
N ALA D 17 7.21 3.53 8.15
CA ALA D 17 7.32 3.07 9.53
C ALA D 17 6.05 3.43 10.29
N LEU D 18 5.58 4.66 10.11
CA LEU D 18 4.36 5.10 10.78
C LEU D 18 3.13 4.45 10.15
N HIS D 19 3.24 4.10 8.87
CA HIS D 19 2.15 3.46 8.16
C HIS D 19 1.81 2.11 8.76
N PHE D 20 2.82 1.27 8.91
CA PHE D 20 2.61 -0.06 9.48
C PHE D 20 2.42 0.04 10.98
N MET D 21 2.93 1.10 11.59
CA MET D 21 2.80 1.26 13.03
C MET D 21 1.35 1.58 13.41
N ALA D 22 0.83 2.68 12.87
CA ALA D 22 -0.53 3.09 13.17
C ALA D 22 -1.54 2.07 12.65
N TRP D 23 -1.25 1.52 11.48
CA TRP D 23 -2.14 0.53 10.88
C TRP D 23 -2.18 -0.76 11.72
N THR D 24 -1.00 -1.19 12.19
CA THR D 24 -0.91 -2.40 13.01
C THR D 24 -1.67 -2.26 14.31
N ILE D 25 -1.42 -1.18 15.04
CA ILE D 25 -2.09 -0.97 16.31
C ILE D 25 -3.60 -0.92 16.11
N GLY D 26 -4.04 -0.27 15.05
CA GLY D 26 -5.46 -0.15 14.77
C GLY D 26 -6.07 -1.52 14.50
N HIS D 27 -5.36 -2.31 13.71
CA HIS D 27 -5.82 -3.64 13.36
C HIS D 27 -6.03 -4.48 14.61
N LEU D 28 -5.08 -4.41 15.53
CA LEU D 28 -5.17 -5.17 16.77
C LEU D 28 -6.42 -4.79 17.55
N ASN D 29 -7.06 -5.80 18.14
CA ASN D 29 -8.28 -5.56 18.91
C ASN D 29 -7.97 -5.53 20.41
N GLN D 30 -8.22 -4.39 21.03
CA GLN D 30 -7.97 -4.24 22.46
C GLN D 30 -9.26 -3.94 23.20
N ILE D 31 -9.56 -4.75 24.22
CA ILE D 31 -10.77 -4.55 25.01
C ILE D 31 -10.45 -4.61 26.50
N LYS D 32 -10.97 -3.65 27.25
CA LYS D 32 -10.74 -3.61 28.68
C LYS D 32 -11.67 -4.58 29.41
N ARG D 33 -11.13 -5.72 29.80
CA ARG D 33 -11.92 -6.74 30.49
C ARG D 33 -11.66 -6.68 32.00
N MET A 1 27.09 -10.08 -10.27
CA MET A 1 25.66 -9.93 -9.87
C MET A 1 25.29 -11.04 -8.89
N PHE A 2 25.08 -10.66 -7.64
CA PHE A 2 24.72 -11.63 -6.61
C PHE A 2 23.20 -11.63 -6.39
N GLU A 3 22.64 -10.45 -6.19
CA GLU A 3 21.21 -10.34 -5.97
C GLU A 3 20.47 -10.08 -7.28
N PRO A 4 19.19 -10.36 -7.32
CA PRO A 4 18.36 -10.15 -8.55
C PRO A 4 18.41 -8.70 -9.03
N PHE A 5 18.38 -7.77 -8.08
CA PHE A 5 18.42 -6.36 -8.42
C PHE A 5 19.25 -5.58 -7.39
N GLN A 6 18.63 -5.24 -6.27
CA GLN A 6 19.30 -4.50 -5.22
C GLN A 6 18.75 -4.88 -3.85
N ILE A 7 19.45 -4.46 -2.80
CA ILE A 7 19.02 -4.76 -1.44
C ILE A 7 17.64 -4.18 -1.17
N LEU A 8 17.42 -2.96 -1.66
CA LEU A 8 16.13 -2.29 -1.47
C LEU A 8 15.02 -3.04 -2.19
N SER A 9 15.37 -3.60 -3.34
CA SER A 9 14.41 -4.38 -4.13
C SER A 9 14.07 -5.69 -3.44
N ILE A 10 15.09 -6.35 -2.88
CA ILE A 10 14.88 -7.61 -2.19
C ILE A 10 14.02 -7.42 -0.95
N CYS A 11 14.30 -6.37 -0.19
CA CYS A 11 13.53 -6.10 1.02
C CYS A 11 12.07 -5.89 0.67
N SER A 12 11.80 -4.99 -0.29
CA SER A 12 10.43 -4.71 -0.67
C SER A 12 9.74 -5.98 -1.15
N PHE A 13 10.48 -6.82 -1.86
CA PHE A 13 9.92 -8.08 -2.36
C PHE A 13 9.43 -8.96 -1.21
N ILE A 14 10.29 -9.16 -0.23
CA ILE A 14 9.94 -10.00 0.92
C ILE A 14 8.80 -9.35 1.71
N LEU A 15 8.87 -8.04 1.87
CA LEU A 15 7.83 -7.32 2.61
C LEU A 15 6.49 -7.50 1.92
N SER A 16 6.38 -7.00 0.70
CA SER A 16 5.14 -7.08 -0.06
C SER A 16 4.56 -8.49 0.05
N ALA A 17 5.43 -9.50 -0.02
CA ALA A 17 4.97 -10.87 0.09
C ALA A 17 4.23 -11.09 1.41
N LEU A 18 4.92 -10.89 2.52
CA LEU A 18 4.30 -11.07 3.84
C LEU A 18 3.16 -10.08 4.04
N HIS A 19 3.17 -9.02 3.25
CA HIS A 19 2.15 -8.00 3.35
C HIS A 19 0.82 -8.53 2.87
N PHE A 20 0.81 -9.14 1.69
CA PHE A 20 -0.42 -9.69 1.15
C PHE A 20 -0.82 -10.95 1.89
N MET A 21 0.13 -11.62 2.51
CA MET A 21 -0.16 -12.84 3.25
C MET A 21 -0.97 -12.55 4.52
N ALA A 22 -0.45 -11.67 5.36
CA ALA A 22 -1.12 -11.32 6.59
C ALA A 22 -2.40 -10.54 6.32
N TRP A 23 -2.35 -9.65 5.33
CA TRP A 23 -3.52 -8.84 4.99
C TRP A 23 -4.67 -9.73 4.52
N THR A 24 -4.35 -10.75 3.73
CA THR A 24 -5.38 -11.66 3.23
C THR A 24 -5.96 -12.49 4.37
N ILE A 25 -5.10 -12.92 5.30
CA ILE A 25 -5.56 -13.70 6.44
C ILE A 25 -6.54 -12.89 7.29
N GLY A 26 -6.18 -11.65 7.57
CA GLY A 26 -7.03 -10.79 8.39
C GLY A 26 -8.36 -10.52 7.67
N HIS A 27 -8.29 -10.31 6.37
CA HIS A 27 -9.49 -10.05 5.59
C HIS A 27 -10.47 -11.21 5.73
N LEU A 28 -9.95 -12.43 5.65
CA LEU A 28 -10.81 -13.61 5.78
C LEU A 28 -11.16 -13.85 7.25
N ASN A 29 -12.45 -13.81 7.56
CA ASN A 29 -12.90 -14.03 8.93
C ASN A 29 -13.76 -15.29 9.02
N GLN A 30 -13.61 -16.02 10.11
CA GLN A 30 -14.38 -17.25 10.32
C GLN A 30 -15.42 -17.03 11.42
N ILE A 31 -16.69 -17.19 11.07
CA ILE A 31 -17.77 -17.00 12.03
C ILE A 31 -18.46 -18.33 12.31
N LYS A 32 -18.57 -18.67 13.59
CA LYS A 32 -19.22 -19.92 13.99
C LYS A 32 -20.37 -19.63 14.95
N ARG A 33 -21.58 -19.94 14.52
CA ARG A 33 -22.77 -19.71 15.34
C ARG A 33 -23.24 -21.02 15.98
N MET B 1 12.57 -2.19 -27.66
CA MET B 1 11.65 -1.96 -26.51
C MET B 1 10.39 -2.78 -26.70
N PHE B 2 10.22 -3.81 -25.88
CA PHE B 2 9.03 -4.66 -25.96
C PHE B 2 8.00 -4.24 -24.94
N GLU B 3 8.44 -4.11 -23.69
CA GLU B 3 7.53 -3.71 -22.62
C GLU B 3 7.54 -2.19 -22.41
N PRO B 4 6.51 -1.66 -21.81
CA PRO B 4 6.42 -0.18 -21.55
C PRO B 4 7.60 0.34 -20.75
N PHE B 5 8.03 -0.43 -19.77
CA PHE B 5 9.16 -0.04 -18.93
C PHE B 5 10.01 -1.26 -18.57
N GLN B 6 9.58 -2.00 -17.55
CA GLN B 6 10.31 -3.19 -17.12
C GLN B 6 9.35 -4.22 -16.55
N ILE B 7 9.85 -5.44 -16.36
CA ILE B 7 9.04 -6.52 -15.82
C ILE B 7 8.49 -6.15 -14.44
N LEU B 8 9.34 -5.54 -13.63
CA LEU B 8 8.95 -5.13 -12.28
C LEU B 8 7.85 -4.06 -12.34
N SER B 9 7.94 -3.20 -13.35
CA SER B 9 6.95 -2.15 -13.54
C SER B 9 5.61 -2.74 -14.00
N ILE B 10 5.67 -3.70 -14.91
CA ILE B 10 4.46 -4.34 -15.40
C ILE B 10 3.75 -5.10 -14.30
N CYS B 11 4.50 -5.84 -13.49
CA CYS B 11 3.91 -6.59 -12.40
C CYS B 11 3.19 -5.66 -11.43
N SER B 12 3.89 -4.62 -10.99
CA SER B 12 3.30 -3.68 -10.05
C SER B 12 2.04 -3.06 -10.64
N PHE B 13 2.08 -2.77 -11.95
CA PHE B 13 0.93 -2.18 -12.62
C PHE B 13 -0.29 -3.08 -12.53
N ILE B 14 -0.12 -4.35 -12.88
CA ILE B 14 -1.22 -5.31 -12.83
C ILE B 14 -1.68 -5.52 -11.40
N LEU B 15 -0.73 -5.59 -10.48
CA LEU B 15 -1.06 -5.79 -9.08
C LEU B 15 -1.90 -4.62 -8.57
N SER B 16 -1.32 -3.43 -8.58
CA SER B 16 -2.01 -2.24 -8.10
C SER B 16 -3.43 -2.20 -8.66
N ALA B 17 -3.58 -2.57 -9.93
CA ALA B 17 -4.89 -2.58 -10.56
C ALA B 17 -5.85 -3.48 -9.79
N LEU B 18 -5.52 -4.77 -9.71
CA LEU B 18 -6.36 -5.72 -8.99
C LEU B 18 -6.44 -5.36 -7.51
N HIS B 19 -5.48 -4.57 -7.05
CA HIS B 19 -5.44 -4.16 -5.67
C HIS B 19 -6.57 -3.21 -5.34
N PHE B 20 -6.74 -2.20 -6.16
CA PHE B 20 -7.80 -1.23 -5.94
C PHE B 20 -9.15 -1.83 -6.31
N MET B 21 -9.15 -2.84 -7.16
CA MET B 21 -10.40 -3.48 -7.56
C MET B 21 -11.01 -4.27 -6.41
N ALA B 22 -10.24 -5.19 -5.86
CA ALA B 22 -10.73 -6.01 -4.75
C ALA B 22 -10.94 -5.18 -3.49
N TRP B 23 -10.03 -4.23 -3.26
CA TRP B 23 -10.12 -3.39 -2.07
C TRP B 23 -11.39 -2.55 -2.11
N THR B 24 -11.73 -2.04 -3.29
CA THR B 24 -12.95 -1.24 -3.43
C THR B 24 -14.19 -2.09 -3.24
N ILE B 25 -14.16 -3.32 -3.77
CA ILE B 25 -15.29 -4.21 -3.62
C ILE B 25 -15.56 -4.52 -2.15
N GLY B 26 -14.50 -4.84 -1.43
CA GLY B 26 -14.62 -5.17 -0.01
C GLY B 26 -15.13 -3.96 0.77
N HIS B 27 -14.62 -2.78 0.44
CA HIS B 27 -15.03 -1.56 1.10
C HIS B 27 -16.53 -1.37 0.98
N LEU B 28 -17.06 -1.60 -0.22
CA LEU B 28 -18.50 -1.45 -0.44
C LEU B 28 -19.25 -2.66 0.11
N ASN B 29 -20.13 -2.41 1.07
CA ASN B 29 -20.91 -3.48 1.68
C ASN B 29 -22.40 -3.30 1.39
N GLN B 30 -23.09 -4.41 1.16
CA GLN B 30 -24.53 -4.36 0.88
C GLN B 30 -25.31 -4.93 2.07
N ILE B 31 -26.16 -4.10 2.65
CA ILE B 31 -26.97 -4.52 3.80
C ILE B 31 -28.44 -4.58 3.42
N LYS B 32 -29.07 -5.73 3.69
CA LYS B 32 -30.48 -5.92 3.38
C LYS B 32 -31.25 -6.30 4.64
N ARG B 33 -32.16 -5.42 5.05
CA ARG B 33 -32.96 -5.66 6.24
C ARG B 33 -34.36 -6.14 5.85
N MET C 1 13.45 20.09 -18.73
CA MET C 1 12.74 19.41 -17.62
C MET C 1 11.39 20.09 -17.38
N PHE C 2 10.31 19.39 -17.71
CA PHE C 2 8.98 19.94 -17.52
C PHE C 2 8.36 19.43 -16.22
N GLU C 3 8.41 18.11 -16.04
CA GLU C 3 7.84 17.50 -14.84
C GLU C 3 8.92 17.34 -13.76
N PRO C 4 8.52 17.20 -12.52
CA PRO C 4 9.47 17.03 -11.39
C PRO C 4 10.38 15.82 -11.57
N PHE C 5 9.81 14.73 -12.09
CA PHE C 5 10.57 13.51 -12.33
C PHE C 5 10.12 12.82 -13.61
N GLN C 6 9.04 12.07 -13.51
CA GLN C 6 8.49 11.36 -14.67
C GLN C 6 6.98 11.22 -14.56
N ILE C 7 6.35 10.82 -15.65
CA ILE C 7 4.90 10.65 -15.67
C ILE C 7 4.46 9.61 -14.64
N LEU C 8 5.23 8.53 -14.55
CA LEU C 8 4.93 7.47 -13.60
C LEU C 8 5.04 7.98 -12.16
N SER C 9 6.00 8.88 -11.95
CA SER C 9 6.21 9.47 -10.62
C SER C 9 5.07 10.41 -10.26
N ILE C 10 4.64 11.21 -11.24
CA ILE C 10 3.55 12.16 -11.01
C ILE C 10 2.25 11.42 -10.70
N CYS C 11 1.97 10.37 -11.46
CA CYS C 11 0.74 9.61 -11.24
C CYS C 11 0.73 9.02 -9.83
N SER C 12 1.81 8.35 -9.47
CA SER C 12 1.88 7.74 -8.14
C SER C 12 1.72 8.81 -7.06
N PHE C 13 2.30 9.97 -7.29
CA PHE C 13 2.20 11.07 -6.34
C PHE C 13 0.75 11.47 -6.10
N ILE C 14 0.02 11.71 -7.17
CA ILE C 14 -1.38 12.10 -7.07
C ILE C 14 -2.20 10.98 -6.46
N LEU C 15 -1.91 9.74 -6.87
CA LEU C 15 -2.64 8.59 -6.35
C LEU C 15 -2.43 8.49 -4.85
N SER C 16 -1.19 8.28 -4.43
CA SER C 16 -0.88 8.14 -3.01
C SER C 16 -1.58 9.22 -2.22
N ALA C 17 -1.61 10.43 -2.75
CA ALA C 17 -2.26 11.54 -2.07
C ALA C 17 -3.73 11.21 -1.80
N LEU C 18 -4.50 11.00 -2.87
CA LEU C 18 -5.90 10.66 -2.73
C LEU C 18 -6.09 9.35 -1.99
N HIS C 19 -5.03 8.55 -1.95
CA HIS C 19 -5.07 7.27 -1.28
C HIS C 19 -5.18 7.45 0.21
N PHE C 20 -4.30 8.27 0.77
CA PHE C 20 -4.32 8.52 2.20
C PHE C 20 -5.50 9.39 2.59
N MET C 21 -6.01 10.16 1.64
CA MET C 21 -7.15 11.04 1.92
C MET C 21 -8.43 10.22 2.16
N ALA C 22 -8.77 9.39 1.19
CA ALA C 22 -9.97 8.57 1.29
C ALA C 22 -9.83 7.51 2.38
N TRP C 23 -8.63 6.93 2.49
CA TRP C 23 -8.38 5.90 3.48
C TRP C 23 -8.55 6.46 4.89
N THR C 24 -8.08 7.69 5.10
CA THR C 24 -8.19 8.31 6.41
C THR C 24 -9.64 8.64 6.73
N ILE C 25 -10.38 9.09 5.72
CA ILE C 25 -11.79 9.42 5.91
C ILE C 25 -12.58 8.17 6.32
N GLY C 26 -12.35 7.07 5.62
CA GLY C 26 -13.04 5.81 5.91
C GLY C 26 -12.68 5.33 7.32
N HIS C 27 -11.40 5.44 7.66
CA HIS C 27 -10.94 5.01 8.97
C HIS C 27 -11.70 5.74 10.07
N LEU C 28 -11.87 7.04 9.91
CA LEU C 28 -12.60 7.83 10.89
C LEU C 28 -14.11 7.62 10.75
N ASN C 29 -14.73 7.11 11.81
CA ASN C 29 -16.16 6.85 11.79
C ASN C 29 -16.88 7.72 12.81
N GLN C 30 -18.06 8.20 12.46
CA GLN C 30 -18.85 9.04 13.37
C GLN C 30 -20.06 8.27 13.87
N ILE C 31 -20.14 8.10 15.18
CA ILE C 31 -21.26 7.36 15.78
C ILE C 31 -22.13 8.31 16.62
N LYS C 32 -23.42 8.30 16.35
CA LYS C 32 -24.35 9.15 17.07
C LYS C 32 -25.45 8.31 17.71
N ARG C 33 -25.48 8.31 19.04
CA ARG C 33 -26.49 7.55 19.78
C ARG C 33 -27.60 8.47 20.27
N MET D 1 27.98 12.56 -0.99
CA MET D 1 26.75 11.79 -0.63
C MET D 1 26.30 12.17 0.78
N PHE D 2 25.18 12.86 0.86
CA PHE D 2 24.64 13.28 2.15
C PHE D 2 23.56 12.32 2.62
N GLU D 3 22.60 12.05 1.75
CA GLU D 3 21.51 11.15 2.09
C GLU D 3 21.85 9.71 1.67
N PRO D 4 21.19 8.73 2.25
CA PRO D 4 21.41 7.29 1.93
C PRO D 4 21.19 7.00 0.45
N PHE D 5 20.17 7.63 -0.13
CA PHE D 5 19.86 7.42 -1.55
C PHE D 5 19.37 8.73 -2.17
N GLN D 6 18.09 9.04 -1.98
CA GLN D 6 17.51 10.25 -2.53
C GLN D 6 16.39 10.77 -1.63
N ILE D 7 15.94 11.99 -1.90
CA ILE D 7 14.88 12.59 -1.11
C ILE D 7 13.62 11.75 -1.20
N LEU D 8 13.31 11.27 -2.40
CA LEU D 8 12.12 10.45 -2.61
C LEU D 8 12.22 9.14 -1.84
N SER D 9 13.45 8.62 -1.75
CA SER D 9 13.68 7.38 -1.01
C SER D 9 13.53 7.59 0.49
N ILE D 10 14.05 8.72 0.98
CA ILE D 10 13.95 9.04 2.40
C ILE D 10 12.50 9.24 2.82
N CYS D 11 11.74 9.95 2.00
CA CYS D 11 10.35 10.21 2.33
C CYS D 11 9.59 8.89 2.41
N SER D 12 9.72 8.05 1.38
CA SER D 12 9.03 6.78 1.37
C SER D 12 9.41 5.95 2.58
N PHE D 13 10.68 6.01 2.95
CA PHE D 13 11.17 5.26 4.10
C PHE D 13 10.44 5.67 5.38
N ILE D 14 10.40 6.97 5.63
CA ILE D 14 9.73 7.49 6.82
C ILE D 14 8.24 7.18 6.77
N LEU D 15 7.64 7.34 5.59
CA LEU D 15 6.22 7.09 5.44
C LEU D 15 5.91 5.63 5.74
N SER D 16 6.51 4.73 4.97
CA SER D 16 6.27 3.30 5.16
C SER D 16 6.38 2.94 6.63
N ALA D 17 7.36 3.53 7.31
CA ALA D 17 7.56 3.26 8.73
C ALA D 17 6.30 3.61 9.51
N LEU D 18 5.90 4.87 9.47
CA LEU D 18 4.69 5.31 10.18
C LEU D 18 3.45 4.60 9.64
N HIS D 19 3.57 4.08 8.43
CA HIS D 19 2.46 3.40 7.80
C HIS D 19 2.17 2.08 8.50
N PHE D 20 3.20 1.28 8.72
CA PHE D 20 3.02 0.01 9.38
C PHE D 20 2.78 0.21 10.87
N MET D 21 3.23 1.34 11.40
CA MET D 21 3.02 1.61 12.82
C MET D 21 1.55 1.87 13.15
N ALA D 22 0.96 2.84 12.45
CA ALA D 22 -0.44 3.17 12.69
C ALA D 22 -1.35 2.04 12.23
N TRP D 23 -1.01 1.41 11.11
CA TRP D 23 -1.83 0.33 10.57
C TRP D 23 -1.87 -0.84 11.55
N THR D 24 -0.73 -1.14 12.17
CA THR D 24 -0.67 -2.23 13.14
C THR D 24 -1.48 -1.89 14.39
N ILE D 25 -1.39 -0.63 14.82
CA ILE D 25 -2.14 -0.21 16.00
C ILE D 25 -3.64 -0.35 15.78
N GLY D 26 -4.11 0.11 14.62
CA GLY D 26 -5.52 0.03 14.30
C GLY D 26 -5.98 -1.42 14.21
N HIS D 27 -5.13 -2.26 13.60
CA HIS D 27 -5.45 -3.67 13.46
C HIS D 27 -5.70 -4.31 14.82
N LEU D 28 -4.84 -3.98 15.78
CA LEU D 28 -4.99 -4.52 17.12
C LEU D 28 -6.10 -3.79 17.88
N ASN D 29 -7.12 -4.52 18.28
CA ASN D 29 -8.24 -3.94 19.00
C ASN D 29 -8.34 -4.51 20.41
N GLN D 30 -8.69 -3.66 21.37
CA GLN D 30 -8.83 -4.10 22.76
C GLN D 30 -10.29 -4.11 23.16
N ILE D 31 -10.78 -5.29 23.54
CA ILE D 31 -12.17 -5.42 23.95
C ILE D 31 -12.28 -5.75 25.44
N LYS D 32 -13.08 -4.96 26.16
CA LYS D 32 -13.25 -5.18 27.58
C LYS D 32 -14.72 -5.37 27.92
N ARG D 33 -15.06 -6.57 28.40
CA ARG D 33 -16.44 -6.87 28.75
C ARG D 33 -16.64 -6.80 30.26
#